data_4R8P
#
_entry.id   4R8P
#
_cell.length_a   104.923
_cell.length_b   180.049
_cell.length_c   375.251
_cell.angle_alpha   90.00
_cell.angle_beta   90.00
_cell.angle_gamma   90.00
#
_symmetry.space_group_name_H-M   'C 2 2 21'
#
loop_
_entity.id
_entity.type
_entity.pdbx_description
1 polymer 'Histone H3.2'
2 polymer 'Histone H4'
3 polymer 'Histone H2A'
4 polymer 'Histone H2B 1.1'
5 polymer 'DNA (147-mer)'
6 polymer 'DNA (147-mer)'
7 polymer 'Polycomb complex protein BMI-1'
8 polymer 'E3 ubiquitin-protein ligase RING2, Ubiquitin-conjugating enzyme E2 D3'
9 non-polymer 'ZINC ION'
#
loop_
_entity_poly.entity_id
_entity_poly.type
_entity_poly.pdbx_seq_one_letter_code
_entity_poly.pdbx_strand_id
1 'polypeptide(L)'
;ARTKQTARKSTGGKAPRKQLATKAARKSAPATGGVKKPHRYRPGTVALREIRRYQKSTELLIRKLPFQRLVREIAQDFKT
DLRFQSSAVMALQEASEAYLVALFEDTNLCAIHAKRVTIMPKDIQLARRIRGERA
;
A,E
2 'polypeptide(L)'
;SGRGKGGKGLGKGGAKRHRKVLRDNIQGITKPAIRRLARRGGVKRISGLIYEETRGVLKVFLENVIRDAVTYTEHAKRKT
VTAMDVVYALKRQGRTLYGFGG
;
B,F
3 'polypeptide(L)'
;SGRGKQGGKTRAKAKTRSSRAGLQFPVGRVHRLLRKGNYAERVGAGAPVYLAAVLEYLTAEILELAGNAARDNKKTRIIP
RHLQLAVRNDEELNKLLGRVTIAQGGVLPNIQSVLLPKKTESSKSAKSK
;
C,G
4 'polypeptide(L)'
;AKSAPAPKKGSKKAVTKTQKKDGKKRRKTRKESYAIYVYKVLKQVHPDTGISSKAMSIMNSFVNDVFERIAGEASRLAHY
NKRSTITSREIQTAVRLLLPGELAKHAVSEGTKAVTKYTSAK
;
D,H
5 'polydeoxyribonucleotide'
;(DA)(DT)(DC)(DG)(DA)(DG)(DA)(DA)(DT)(DC)(DC)(DC)(DG)(DG)(DT)(DG)(DC)(DC)(DG)(DA)
(DG)(DG)(DC)(DC)(DG)(DC)(DT)(DC)(DA)(DA)(DT)(DT)(DG)(DG)(DT)(DC)(DG)(DT)(DA)(DG)
(DA)(DC)(DA)(DG)(DC)(DT)(DC)(DT)(DA)(DG)(DC)(DA)(DC)(DC)(DG)(DC)(DT)(DT)(DA)(DA)
(DA)(DC)(DG)(DC)(DA)(DC)(DG)(DT)(DA)(DC)(DG)(DC)(DG)(DC)(DT)(DG)(DT)(DC)(DC)(DC)
(DC)(DC)(DG)(DC)(DG)(DT)(DT)(DT)(DT)(DA)(DA)(DC)(DC)(DG)(DC)(DC)(DA)(DA)(DG)(DG)
(DG)(DG)(DA)(DT)(DT)(DA)(DC)(DT)(DC)(DC)(DC)(DT)(DA)(DG)(DT)(DC)(DT)(DC)(DC)(DA)
(DG)(DG)(DC)(DA)(DC)(DG)(DT)(DG)(DT)(DC)(DA)(DG)(DA)(DT)(DA)(DT)(DA)(DT)(DA)(DC)
(DA)(DT)(DC)(DC)(DG)(DA)(DT)
;
I
6 'polydeoxyribonucleotide'
;(DA)(DT)(DC)(DG)(DG)(DA)(DT)(DG)(DT)(DA)(DT)(DA)(DT)(DA)(DT)(DC)(DT)(DG)(DA)(DC)
(DA)(DC)(DG)(DT)(DG)(DC)(DC)(DT)(DG)(DG)(DA)(DG)(DA)(DC)(DT)(DA)(DG)(DG)(DG)(DA)
(DG)(DT)(DA)(DA)(DT)(DC)(DC)(DC)(DC)(DT)(DT)(DG)(DG)(DC)(DG)(DG)(DT)(DT)(DA)(DA)
(DA)(DA)(DC)(DG)(DC)(DG)(DG)(DG)(DG)(DG)(DA)(DC)(DA)(DG)(DC)(DG)(DC)(DG)(DT)(DA)
(DC)(DG)(DT)(DG)(DC)(DG)(DT)(DT)(DT)(DA)(DA)(DG)(DC)(DG)(DG)(DT)(DG)(DC)(DT)(DA)
(DG)(DA)(DG)(DC)(DT)(DG)(DT)(DC)(DT)(DA)(DC)(DG)(DA)(DC)(DC)(DA)(DA)(DT)(DT)(DG)
(DA)(DG)(DC)(DG)(DG)(DC)(DC)(DT)(DC)(DG)(DG)(DC)(DA)(DC)(DC)(DG)(DG)(DG)(DA)(DT)
(DT)(DC)(DT)(DC)(DG)(DA)(DT)
;
J
7 'polypeptide(L)'
;GSHRTTRIKITELNPHLMCVLCGGYFIDATTIIECLHSFCKTCIVRYLETSKYCPICDVQVHKTRPLLNIRSDKTLQDIV
YKLVPGLFKNEMKRRRDFYAAHPSADAANG
;
K,M
8 'polypeptide(L)'
;GSQAVQTNGTQPLSKTWELSLYELQRTPQEAITDGLEIVVSPRSLHSELMCPICLDMLKNTMTTKECLHRFCADCIITAL
RSGNKECPTCRKKLVSKRSLRPDPNFDALISKIYPSGSGSRSALKRINKELSDLARDPPAQCSAGPVGDDMFHWQATIMG
PNDSPYQGGVFFLTIHFPTDYPFKPPKVAFTTRIYHPNINSNGSICLDILRSQWSPALTISKVLLSICSLLCDPNPDDPL
VPEIARIYKTDRDKYNRISREWTQKYAM
;
L,N
#
loop_
_chem_comp.id
_chem_comp.type
_chem_comp.name
_chem_comp.formula
DA DNA linking 2'-DEOXYADENOSINE-5'-MONOPHOSPHATE 'C10 H14 N5 O6 P'
DC DNA linking 2'-DEOXYCYTIDINE-5'-MONOPHOSPHATE 'C9 H14 N3 O7 P'
DG DNA linking 2'-DEOXYGUANOSINE-5'-MONOPHOSPHATE 'C10 H14 N5 O7 P'
DT DNA linking THYMIDINE-5'-MONOPHOSPHATE 'C10 H15 N2 O8 P'
ZN non-polymer 'ZINC ION' 'Zn 2'
#
# COMPACT_ATOMS: atom_id res chain seq x y z
N LYS A 37 35.72 33.90 -11.57
CA LYS A 37 35.26 34.77 -12.64
C LYS A 37 33.76 34.61 -12.95
N PRO A 38 33.28 33.36 -13.18
CA PRO A 38 31.85 33.29 -13.47
C PRO A 38 31.00 33.07 -12.23
N HIS A 39 29.68 33.05 -12.39
CA HIS A 39 28.76 32.85 -11.27
C HIS A 39 28.22 31.43 -11.24
N ARG A 40 28.40 30.77 -10.10
CA ARG A 40 27.92 29.40 -9.93
C ARG A 40 27.30 29.20 -8.56
N TYR A 41 26.06 28.74 -8.53
CA TYR A 41 25.42 28.36 -7.27
C TYR A 41 26.05 27.11 -6.69
N ARG A 42 25.97 26.98 -5.37
CA ARG A 42 26.44 25.77 -4.70
C ARG A 42 25.55 24.59 -5.09
N PRO A 43 26.10 23.39 -5.14
CA PRO A 43 25.32 22.32 -5.74
C PRO A 43 24.27 21.90 -4.74
N GLY A 44 23.08 22.44 -4.97
CA GLY A 44 21.91 22.15 -4.17
C GLY A 44 20.82 23.21 -4.27
N THR A 45 21.21 24.44 -4.58
CA THR A 45 20.28 25.56 -4.65
C THR A 45 19.33 25.43 -5.85
N VAL A 46 19.90 25.20 -7.02
CA VAL A 46 19.12 25.09 -8.25
C VAL A 46 18.12 23.94 -8.17
N ALA A 47 18.52 22.86 -7.52
CA ALA A 47 17.63 21.72 -7.32
C ALA A 47 16.40 22.10 -6.52
N LEU A 48 16.61 22.79 -5.40
CA LEU A 48 15.52 23.26 -4.56
C LEU A 48 14.63 24.25 -5.30
N ARG A 49 15.26 25.11 -6.10
CA ARG A 49 14.52 26.06 -6.91
C ARG A 49 13.61 25.34 -7.91
N GLU A 50 14.12 24.23 -8.46
CA GLU A 50 13.33 23.42 -9.38
C GLU A 50 12.17 22.74 -8.65
N ILE A 51 12.44 22.27 -7.44
CA ILE A 51 11.41 21.64 -6.61
C ILE A 51 10.27 22.62 -6.33
N ARG A 52 10.64 23.83 -5.93
CA ARG A 52 9.64 24.88 -5.68
C ARG A 52 8.93 25.25 -6.97
N ARG A 53 9.64 25.15 -8.09
CA ARG A 53 9.09 25.52 -9.39
C ARG A 53 8.01 24.56 -9.86
N TYR A 54 8.27 23.26 -9.76
CA TYR A 54 7.37 22.27 -10.33
C TYR A 54 6.27 21.79 -9.37
N GLN A 55 6.43 22.09 -8.08
CA GLN A 55 5.40 21.72 -7.11
C GLN A 55 4.24 22.72 -7.16
N LYS A 56 4.46 23.84 -7.81
CA LYS A 56 3.43 24.87 -7.96
C LYS A 56 2.68 24.68 -9.28
N SER A 57 3.35 24.08 -10.25
CA SER A 57 2.79 23.87 -11.58
C SER A 57 1.91 22.63 -11.63
N THR A 58 1.06 22.54 -12.65
CA THR A 58 0.14 21.41 -12.79
C THR A 58 0.21 20.78 -14.18
N GLU A 59 0.81 21.47 -15.14
CA GLU A 59 0.91 20.97 -16.50
C GLU A 59 1.78 19.71 -16.55
N LEU A 60 1.62 18.93 -17.61
CA LEU A 60 2.35 17.68 -17.77
C LEU A 60 3.84 17.92 -17.95
N LEU A 61 4.65 16.98 -17.48
CA LEU A 61 6.11 17.12 -17.51
C LEU A 61 6.74 16.34 -18.65
N ILE A 62 6.30 15.10 -18.83
CA ILE A 62 6.79 14.26 -19.92
C ILE A 62 6.28 14.82 -21.26
N ARG A 63 7.17 14.84 -22.26
CA ARG A 63 6.80 15.32 -23.59
C ARG A 63 5.65 14.50 -24.16
N LYS A 64 4.81 15.15 -24.97
CA LYS A 64 3.59 14.51 -25.46
C LYS A 64 3.86 13.40 -26.47
N LEU A 65 4.48 13.76 -27.59
CA LEU A 65 4.71 12.81 -28.69
C LEU A 65 5.51 11.56 -28.28
N PRO A 66 6.62 11.72 -27.54
CA PRO A 66 7.34 10.49 -27.14
C PRO A 66 6.47 9.56 -26.29
N PHE A 67 5.68 10.15 -25.39
CA PHE A 67 4.79 9.36 -24.55
C PHE A 67 3.75 8.66 -25.40
N GLN A 68 3.27 9.34 -26.43
CA GLN A 68 2.31 8.75 -27.35
C GLN A 68 2.92 7.55 -28.08
N ARG A 69 4.15 7.71 -28.54
CA ARG A 69 4.87 6.64 -29.21
C ARG A 69 5.07 5.45 -28.28
N LEU A 70 5.37 5.73 -27.01
CA LEU A 70 5.52 4.67 -26.03
C LEU A 70 4.21 3.93 -25.81
N VAL A 71 3.13 4.68 -25.70
CA VAL A 71 1.80 4.12 -25.51
C VAL A 71 1.44 3.18 -26.66
N ARG A 72 1.66 3.64 -27.89
CA ARG A 72 1.33 2.83 -29.06
C ARG A 72 2.25 1.62 -29.19
N GLU A 73 3.52 1.80 -28.83
CA GLU A 73 4.49 0.70 -28.85
C GLU A 73 4.09 -0.40 -27.86
N ILE A 74 3.61 0.00 -26.70
CA ILE A 74 3.17 -0.96 -25.69
C ILE A 74 1.83 -1.58 -26.10
N ALA A 75 1.01 -0.81 -26.80
CA ALA A 75 -0.32 -1.26 -27.20
C ALA A 75 -0.28 -2.19 -28.41
N GLN A 76 0.81 -2.15 -29.18
CA GLN A 76 0.90 -2.92 -30.41
C GLN A 76 1.11 -4.40 -30.13
N ASP A 77 1.14 -4.77 -28.85
CA ASP A 77 1.31 -6.17 -28.47
C ASP A 77 0.00 -6.75 -27.94
N PHE A 78 -1.08 -5.97 -28.01
CA PHE A 78 -2.38 -6.43 -27.55
C PHE A 78 -3.42 -6.41 -28.67
N LYS A 79 -3.29 -5.43 -29.57
CA LYS A 79 -4.23 -5.28 -30.66
C LYS A 79 -3.57 -4.59 -31.86
N THR A 80 -3.70 -5.20 -33.03
CA THR A 80 -3.08 -4.67 -34.24
C THR A 80 -3.87 -3.50 -34.81
N ASP A 81 -3.14 -2.52 -35.36
CA ASP A 81 -3.74 -1.32 -35.96
C ASP A 81 -4.67 -0.60 -34.99
N LEU A 82 -4.16 -0.30 -33.81
CA LEU A 82 -4.95 0.37 -32.77
C LEU A 82 -5.09 1.87 -33.04
N ARG A 83 -6.30 2.37 -32.84
CA ARG A 83 -6.55 3.81 -32.94
C ARG A 83 -6.79 4.39 -31.55
N PHE A 84 -6.17 5.52 -31.27
CA PHE A 84 -6.26 6.13 -29.94
C PHE A 84 -6.91 7.51 -29.95
N GLN A 85 -7.89 7.71 -29.07
CA GLN A 85 -8.44 9.03 -28.84
C GLN A 85 -7.41 9.89 -28.13
N SER A 86 -7.37 11.17 -28.45
CA SER A 86 -6.44 12.11 -27.82
C SER A 86 -6.65 12.14 -26.31
N SER A 87 -7.92 12.16 -25.91
CA SER A 87 -8.28 12.18 -24.49
C SER A 87 -7.82 10.92 -23.77
N ALA A 88 -7.76 9.81 -24.49
CA ALA A 88 -7.30 8.55 -23.93
C ALA A 88 -5.82 8.60 -23.60
N VAL A 89 -5.03 9.08 -24.57
CA VAL A 89 -3.60 9.25 -24.39
C VAL A 89 -3.32 10.25 -23.26
N MET A 90 -4.07 11.34 -23.25
CA MET A 90 -3.92 12.36 -22.21
C MET A 90 -4.24 11.80 -20.84
N ALA A 91 -5.27 10.96 -20.75
CA ALA A 91 -5.64 10.32 -19.50
C ALA A 91 -4.52 9.40 -19.02
N LEU A 92 -4.00 8.61 -19.96
CA LEU A 92 -2.88 7.71 -19.68
C LEU A 92 -1.67 8.47 -19.15
N GLN A 93 -1.39 9.63 -19.74
CA GLN A 93 -0.24 10.42 -19.33
C GLN A 93 -0.46 11.08 -17.98
N GLU A 94 -1.68 11.55 -17.74
CA GLU A 94 -2.02 12.17 -16.46
C GLU A 94 -1.83 11.15 -15.34
N ALA A 95 -2.43 9.98 -15.52
CA ALA A 95 -2.33 8.92 -14.53
C ALA A 95 -0.89 8.43 -14.36
N SER A 96 -0.15 8.38 -15.46
CA SER A 96 1.23 7.92 -15.43
C SER A 96 2.11 8.88 -14.62
N GLU A 97 2.05 10.16 -14.96
CA GLU A 97 2.86 11.17 -14.27
C GLU A 97 2.45 11.28 -12.80
N ALA A 98 1.15 11.19 -12.54
CA ALA A 98 0.66 11.20 -11.17
C ALA A 98 1.26 10.04 -10.38
N TYR A 99 1.23 8.85 -10.99
CA TYR A 99 1.77 7.64 -10.36
C TYR A 99 3.27 7.77 -10.10
N LEU A 100 4.00 8.30 -11.08
CA LEU A 100 5.44 8.43 -10.98
C LEU A 100 5.84 9.43 -9.89
N VAL A 101 5.12 10.54 -9.81
CA VAL A 101 5.38 11.55 -8.78
C VAL A 101 5.09 10.97 -7.40
N ALA A 102 3.92 10.34 -7.28
CA ALA A 102 3.51 9.69 -6.04
C ALA A 102 4.56 8.67 -5.58
N LEU A 103 5.13 7.97 -6.54
CA LEU A 103 6.18 6.99 -6.25
C LEU A 103 7.48 7.67 -5.85
N PHE A 104 7.73 8.84 -6.45
CA PHE A 104 8.95 9.59 -6.17
C PHE A 104 8.93 10.17 -4.78
N GLU A 105 7.74 10.49 -4.27
CA GLU A 105 7.61 10.97 -2.90
C GLU A 105 8.03 9.89 -1.91
N ASP A 106 7.44 8.71 -2.05
CA ASP A 106 7.74 7.58 -1.19
C ASP A 106 9.21 7.16 -1.31
N THR A 107 9.72 7.19 -2.54
CA THR A 107 11.12 6.88 -2.81
C THR A 107 12.02 7.85 -2.07
N ASN A 108 11.70 9.13 -2.15
CA ASN A 108 12.43 10.17 -1.45
C ASN A 108 12.41 9.94 0.05
N LEU A 109 11.25 9.52 0.56
CA LEU A 109 11.10 9.20 1.98
C LEU A 109 12.00 8.03 2.38
N CYS A 110 12.12 7.04 1.49
CA CYS A 110 12.99 5.90 1.72
C CYS A 110 14.45 6.33 1.73
N ALA A 111 14.79 7.27 0.85
CA ALA A 111 16.15 7.78 0.77
C ALA A 111 16.52 8.54 2.04
N ILE A 112 15.60 9.38 2.51
CA ILE A 112 15.83 10.16 3.72
C ILE A 112 15.87 9.25 4.95
N HIS A 113 15.09 8.19 4.93
CA HIS A 113 15.03 7.25 6.04
C HIS A 113 16.38 6.58 6.28
N ALA A 114 17.17 6.43 5.22
CA ALA A 114 18.49 5.84 5.33
C ALA A 114 19.57 6.92 5.51
N LYS A 115 19.14 8.06 6.03
CA LYS A 115 20.03 9.20 6.30
C LYS A 115 20.77 9.65 5.04
N ARG A 116 20.06 9.65 3.91
CA ARG A 116 20.62 10.10 2.64
C ARG A 116 19.70 11.12 1.99
N VAL A 117 20.28 12.02 1.19
CA VAL A 117 19.50 13.02 0.47
C VAL A 117 19.46 12.70 -1.01
N THR A 118 19.86 11.48 -1.36
CA THR A 118 19.88 11.03 -2.75
C THR A 118 19.03 9.78 -2.94
N ILE A 119 18.09 9.84 -3.88
CA ILE A 119 17.26 8.68 -4.17
C ILE A 119 18.05 7.65 -4.98
N MET A 120 17.93 6.38 -4.60
CA MET A 120 18.62 5.30 -5.28
C MET A 120 17.64 4.18 -5.58
N PRO A 121 17.96 3.31 -6.55
CA PRO A 121 17.06 2.20 -6.92
C PRO A 121 16.59 1.37 -5.74
N LYS A 122 17.41 1.27 -4.70
CA LYS A 122 17.02 0.57 -3.47
C LYS A 122 15.77 1.20 -2.87
N ASP A 123 15.71 2.53 -2.90
CA ASP A 123 14.59 3.27 -2.36
C ASP A 123 13.31 3.00 -3.14
N ILE A 124 13.40 3.07 -4.47
CA ILE A 124 12.26 2.77 -5.33
C ILE A 124 11.76 1.36 -5.09
N GLN A 125 12.69 0.40 -5.06
CA GLN A 125 12.35 -1.00 -4.86
C GLN A 125 11.68 -1.22 -3.51
N LEU A 126 12.15 -0.52 -2.48
CA LEU A 126 11.55 -0.63 -1.16
C LEU A 126 10.12 -0.07 -1.17
N ALA A 127 9.96 1.10 -1.78
CA ALA A 127 8.65 1.73 -1.90
C ALA A 127 7.66 0.78 -2.59
N ARG A 128 8.06 0.28 -3.76
CA ARG A 128 7.25 -0.67 -4.51
C ARG A 128 6.91 -1.90 -3.69
N ARG A 129 7.89 -2.38 -2.91
CA ARG A 129 7.69 -3.55 -2.07
C ARG A 129 6.63 -3.31 -1.00
N ILE A 130 6.73 -2.18 -0.31
CA ILE A 130 5.78 -1.88 0.77
C ILE A 130 4.39 -1.59 0.22
N ARG A 131 4.34 -0.91 -0.92
CA ARG A 131 3.06 -0.60 -1.57
C ARG A 131 2.37 -1.86 -2.07
N GLY A 132 3.14 -2.94 -2.20
CA GLY A 132 2.59 -4.22 -2.63
C GLY A 132 2.48 -4.33 -4.13
N GLU A 133 3.53 -3.92 -4.83
CA GLU A 133 3.56 -3.97 -6.29
C GLU A 133 4.67 -4.88 -6.78
N ARG A 134 5.68 -5.07 -5.95
CA ARG A 134 6.81 -5.93 -6.30
C ARG A 134 6.77 -7.24 -5.53
N ARG B 17 -4.71 -1.12 -44.71
CA ARG B 17 -3.52 -1.60 -45.40
C ARG B 17 -2.29 -0.79 -45.01
N HIS B 18 -2.27 -0.29 -43.78
CA HIS B 18 -1.16 0.51 -43.28
C HIS B 18 -0.69 0.00 -41.91
N ARG B 19 0.54 -0.50 -41.85
CA ARG B 19 1.08 -1.02 -40.61
C ARG B 19 2.38 -0.29 -40.24
N LYS B 20 2.71 -0.31 -38.95
CA LYS B 20 3.93 0.32 -38.45
C LYS B 20 4.34 -0.25 -37.11
N VAL B 21 5.54 -0.81 -37.05
CA VAL B 21 6.05 -1.39 -35.81
C VAL B 21 7.04 -0.46 -35.12
N LEU B 22 6.73 -0.06 -33.90
CA LEU B 22 7.58 0.87 -33.14
C LEU B 22 8.55 0.12 -32.24
N ARG B 23 9.77 0.62 -32.14
CA ARG B 23 10.79 -0.01 -31.32
C ARG B 23 11.59 1.02 -30.52
N ASP B 24 11.90 0.67 -29.26
CA ASP B 24 12.74 1.49 -28.39
C ASP B 24 12.22 2.92 -28.20
N ASN B 25 10.95 3.05 -27.84
CA ASN B 25 10.39 4.37 -27.53
C ASN B 25 10.39 4.63 -26.04
N ILE B 26 10.82 3.63 -25.27
CA ILE B 26 10.93 3.77 -23.82
C ILE B 26 12.05 4.76 -23.49
N GLN B 27 12.99 4.90 -24.41
CA GLN B 27 14.06 5.89 -24.28
C GLN B 27 13.54 7.28 -24.62
N GLY B 28 12.31 7.34 -25.09
CA GLY B 28 11.65 8.60 -25.37
C GLY B 28 11.48 9.40 -24.09
N ILE B 29 11.18 8.70 -23.00
CA ILE B 29 11.14 9.32 -21.69
C ILE B 29 12.58 9.66 -21.31
N THR B 30 12.88 10.95 -21.32
CA THR B 30 14.25 11.42 -21.20
C THR B 30 14.70 11.57 -19.75
N LYS B 31 16.00 11.70 -19.55
CA LYS B 31 16.58 11.94 -18.23
C LYS B 31 16.05 13.22 -17.56
N PRO B 32 16.04 14.36 -18.27
CA PRO B 32 15.54 15.56 -17.58
C PRO B 32 14.05 15.50 -17.25
N ALA B 33 13.29 14.70 -18.00
CA ALA B 33 11.87 14.54 -17.72
C ALA B 33 11.67 13.82 -16.40
N ILE B 34 12.37 12.69 -16.24
CA ILE B 34 12.37 11.93 -15.00
C ILE B 34 12.86 12.81 -13.85
N ARG B 35 13.86 13.63 -14.15
CA ARG B 35 14.37 14.60 -13.17
C ARG B 35 13.25 15.53 -12.72
N ARG B 36 12.50 16.06 -13.67
CA ARG B 36 11.39 16.96 -13.37
C ARG B 36 10.34 16.29 -12.50
N LEU B 37 9.94 15.08 -12.89
CA LEU B 37 8.98 14.30 -12.11
C LEU B 37 9.48 14.10 -10.68
N ALA B 38 10.78 13.87 -10.55
CA ALA B 38 11.40 13.70 -9.23
C ALA B 38 11.37 15.00 -8.44
N ARG B 39 11.51 16.13 -9.15
CA ARG B 39 11.46 17.44 -8.51
C ARG B 39 10.07 17.68 -7.93
N ARG B 40 9.05 17.40 -8.75
CA ARG B 40 7.66 17.53 -8.29
C ARG B 40 7.41 16.57 -7.15
N GLY B 41 8.09 15.43 -7.17
CA GLY B 41 8.00 14.46 -6.08
C GLY B 41 8.71 14.94 -4.83
N GLY B 42 9.58 15.95 -5.00
CA GLY B 42 10.30 16.51 -3.88
C GLY B 42 11.65 15.85 -3.65
N VAL B 43 12.44 15.74 -4.71
CA VAL B 43 13.75 15.11 -4.62
C VAL B 43 14.87 16.11 -4.93
N LYS B 44 15.85 16.20 -4.04
CA LYS B 44 16.96 17.12 -4.22
C LYS B 44 18.06 16.53 -5.10
N ARG B 45 18.51 15.33 -4.75
CA ARG B 45 19.59 14.69 -5.49
C ARG B 45 19.15 13.34 -6.06
N ILE B 46 19.49 13.11 -7.32
CA ILE B 46 19.05 11.91 -8.04
C ILE B 46 20.25 11.06 -8.51
N SER B 47 20.16 9.76 -8.28
CA SER B 47 21.20 8.83 -8.71
C SER B 47 21.10 8.56 -10.21
N GLY B 48 22.14 7.94 -10.77
CA GLY B 48 22.17 7.63 -12.19
C GLY B 48 21.38 6.39 -12.54
N LEU B 49 21.30 5.46 -11.60
CA LEU B 49 20.57 4.22 -11.81
C LEU B 49 19.06 4.41 -11.63
N ILE B 50 18.67 5.64 -11.30
CA ILE B 50 17.26 5.97 -11.08
C ILE B 50 16.46 5.98 -12.39
N TYR B 51 17.03 6.58 -13.42
CA TYR B 51 16.32 6.81 -14.67
C TYR B 51 15.84 5.54 -15.35
N GLU B 52 16.73 4.55 -15.47
CA GLU B 52 16.39 3.29 -16.11
C GLU B 52 15.30 2.55 -15.32
N GLU B 53 15.44 2.58 -13.99
CA GLU B 53 14.43 2.01 -13.11
C GLU B 53 13.07 2.66 -13.35
N THR B 54 13.08 3.99 -13.45
CA THR B 54 11.85 4.74 -13.69
C THR B 54 11.22 4.33 -15.02
N ARG B 55 12.05 4.21 -16.05
CA ARG B 55 11.58 3.78 -17.36
C ARG B 55 10.93 2.40 -17.28
N GLY B 56 11.56 1.51 -16.51
CA GLY B 56 11.02 0.18 -16.33
C GLY B 56 9.67 0.17 -15.63
N VAL B 57 9.59 0.89 -14.51
CA VAL B 57 8.36 0.98 -13.73
C VAL B 57 7.22 1.57 -14.56
N LEU B 58 7.51 2.67 -15.26
CA LEU B 58 6.53 3.30 -16.13
C LEU B 58 6.09 2.34 -17.22
N LYS B 59 7.04 1.57 -17.75
CA LYS B 59 6.76 0.58 -18.78
C LYS B 59 5.78 -0.47 -18.27
N VAL B 60 6.01 -0.96 -17.05
CA VAL B 60 5.12 -1.96 -16.46
C VAL B 60 3.72 -1.41 -16.21
N PHE B 61 3.68 -0.23 -15.59
CA PHE B 61 2.41 0.45 -15.29
C PHE B 61 1.57 0.60 -16.56
N LEU B 62 2.19 1.19 -17.57
CA LEU B 62 1.53 1.39 -18.87
C LEU B 62 1.12 0.05 -19.49
N GLU B 63 1.97 -0.97 -19.32
CA GLU B 63 1.64 -2.31 -19.82
C GLU B 63 0.32 -2.79 -19.24
N ASN B 64 0.20 -2.76 -17.92
CA ASN B 64 -1.02 -3.21 -17.25
C ASN B 64 -2.25 -2.38 -17.65
N VAL B 65 -2.14 -1.06 -17.47
CA VAL B 65 -3.27 -0.17 -17.74
C VAL B 65 -3.76 -0.28 -19.19
N ILE B 66 -2.84 -0.19 -20.13
CA ILE B 66 -3.19 -0.28 -21.54
C ILE B 66 -3.73 -1.68 -21.87
N ARG B 67 -3.20 -2.71 -21.20
CA ARG B 67 -3.73 -4.07 -21.41
C ARG B 67 -5.21 -4.14 -21.05
N ASP B 68 -5.55 -3.68 -19.85
CA ASP B 68 -6.94 -3.69 -19.42
C ASP B 68 -7.81 -2.81 -20.32
N ALA B 69 -7.28 -1.66 -20.72
CA ALA B 69 -8.00 -0.73 -21.58
C ALA B 69 -8.35 -1.38 -22.91
N VAL B 70 -7.35 -1.98 -23.54
CA VAL B 70 -7.54 -2.68 -24.81
C VAL B 70 -8.50 -3.84 -24.65
N THR B 71 -8.47 -4.48 -23.49
CA THR B 71 -9.44 -5.54 -23.19
C THR B 71 -10.86 -4.98 -23.24
N TYR B 72 -11.06 -3.84 -22.58
CA TYR B 72 -12.35 -3.15 -22.63
C TYR B 72 -12.74 -2.78 -24.05
N THR B 73 -11.74 -2.38 -24.84
CA THR B 73 -11.98 -1.97 -26.22
C THR B 73 -12.48 -3.15 -27.06
N GLU B 74 -11.78 -4.27 -26.96
CA GLU B 74 -12.12 -5.46 -27.71
C GLU B 74 -13.46 -6.04 -27.26
N HIS B 75 -13.79 -5.85 -25.99
CA HIS B 75 -15.09 -6.30 -25.49
C HIS B 75 -16.22 -5.49 -26.12
N ALA B 76 -15.93 -4.24 -26.45
CA ALA B 76 -16.93 -3.35 -27.03
C ALA B 76 -16.96 -3.45 -28.55
N LYS B 77 -16.21 -4.42 -29.07
CA LYS B 77 -16.11 -4.65 -30.51
C LYS B 77 -15.69 -3.40 -31.27
N ARG B 78 -14.78 -2.63 -30.68
CA ARG B 78 -14.26 -1.42 -31.30
C ARG B 78 -12.79 -1.57 -31.63
N LYS B 79 -12.33 -0.84 -32.64
CA LYS B 79 -10.91 -0.85 -33.00
C LYS B 79 -10.24 0.44 -32.56
N THR B 80 -10.98 1.24 -31.79
CA THR B 80 -10.47 2.49 -31.25
C THR B 80 -10.64 2.55 -29.74
N VAL B 81 -9.53 2.53 -29.01
CA VAL B 81 -9.57 2.63 -27.56
C VAL B 81 -9.92 4.06 -27.15
N THR B 82 -11.02 4.21 -26.43
CA THR B 82 -11.51 5.52 -26.01
C THR B 82 -10.94 5.90 -24.64
N ALA B 83 -11.25 7.12 -24.22
CA ALA B 83 -10.79 7.61 -22.92
C ALA B 83 -11.50 6.87 -21.79
N MET B 84 -12.75 6.50 -22.02
CA MET B 84 -13.53 5.78 -21.02
C MET B 84 -12.95 4.40 -20.75
N ASP B 85 -12.32 3.80 -21.75
CA ASP B 85 -11.65 2.51 -21.57
C ASP B 85 -10.48 2.67 -20.62
N VAL B 86 -9.75 3.77 -20.78
CA VAL B 86 -8.63 4.09 -19.90
C VAL B 86 -9.14 4.35 -18.48
N VAL B 87 -10.25 5.08 -18.38
CA VAL B 87 -10.85 5.39 -17.09
C VAL B 87 -11.28 4.13 -16.35
N TYR B 88 -11.96 3.23 -17.07
CA TYR B 88 -12.39 1.96 -16.49
C TYR B 88 -11.19 1.13 -16.06
N ALA B 89 -10.19 1.04 -16.93
CA ALA B 89 -8.98 0.28 -16.66
C ALA B 89 -8.28 0.77 -15.40
N LEU B 90 -8.16 2.08 -15.27
CA LEU B 90 -7.53 2.69 -14.10
C LEU B 90 -8.38 2.49 -12.85
N LYS B 91 -9.70 2.54 -13.02
CA LYS B 91 -10.62 2.41 -11.90
C LYS B 91 -10.58 1.00 -11.32
N ARG B 92 -10.43 0.00 -12.18
CA ARG B 92 -10.41 -1.39 -11.72
C ARG B 92 -9.06 -1.75 -11.11
N GLN B 93 -8.08 -0.88 -11.28
CA GLN B 93 -6.77 -1.09 -10.67
C GLN B 93 -6.64 -0.32 -9.37
N GLY B 94 -7.73 0.34 -8.97
CA GLY B 94 -7.73 1.11 -7.73
C GLY B 94 -7.12 2.48 -7.92
N ARG B 95 -7.18 2.99 -9.13
CA ARG B 95 -6.63 4.32 -9.44
C ARG B 95 -7.62 5.15 -10.25
N THR B 96 -8.72 5.53 -9.60
CA THR B 96 -9.78 6.30 -10.24
C THR B 96 -9.27 7.64 -10.75
N LEU B 97 -9.72 8.04 -11.93
CA LEU B 97 -9.26 9.28 -12.55
C LEU B 97 -10.41 10.22 -12.88
N TYR B 98 -10.39 11.41 -12.28
CA TYR B 98 -11.42 12.41 -12.53
C TYR B 98 -11.01 13.35 -13.67
N GLY B 99 -11.99 13.81 -14.44
CA GLY B 99 -11.74 14.79 -15.48
C GLY B 99 -11.69 14.22 -16.89
N PHE B 100 -12.21 13.01 -17.06
CA PHE B 100 -12.26 12.39 -18.38
C PHE B 100 -13.55 11.60 -18.57
N GLY B 101 -14.45 11.71 -17.59
CA GLY B 101 -15.72 11.00 -17.64
C GLY B 101 -15.81 9.94 -16.57
N GLY B 102 -16.98 9.31 -16.47
CA GLY B 102 -17.20 8.29 -15.47
C GLY B 102 -17.83 8.84 -14.21
N THR C 16 -28.77 -32.76 -15.72
CA THR C 16 -28.32 -31.46 -15.23
C THR C 16 -27.43 -30.77 -16.27
N ARG C 17 -27.35 -29.45 -16.17
CA ARG C 17 -26.52 -28.68 -17.09
C ARG C 17 -25.04 -28.88 -16.79
N SER C 18 -24.73 -29.23 -15.54
CA SER C 18 -23.36 -29.49 -15.14
C SER C 18 -22.84 -30.77 -15.79
N SER C 19 -23.72 -31.76 -15.90
CA SER C 19 -23.38 -33.03 -16.53
C SER C 19 -23.29 -32.88 -18.04
N ARG C 20 -24.14 -32.01 -18.59
CA ARG C 20 -24.16 -31.77 -20.03
C ARG C 20 -22.95 -30.97 -20.48
N ALA C 21 -22.33 -30.25 -19.53
CA ALA C 21 -21.15 -29.46 -19.83
C ALA C 21 -19.88 -30.12 -19.30
N GLY C 22 -20.05 -31.26 -18.64
CA GLY C 22 -18.92 -31.99 -18.09
C GLY C 22 -18.29 -31.28 -16.91
N LEU C 23 -19.12 -30.56 -16.15
CA LEU C 23 -18.64 -29.82 -14.99
C LEU C 23 -19.12 -30.44 -13.69
N GLN C 24 -18.33 -30.27 -12.63
CA GLN C 24 -18.69 -30.77 -11.31
C GLN C 24 -19.44 -29.71 -10.52
N PHE C 25 -19.09 -28.45 -10.77
CA PHE C 25 -19.76 -27.32 -10.13
C PHE C 25 -21.16 -27.12 -10.69
N PRO C 26 -22.10 -26.71 -9.84
CA PRO C 26 -23.52 -26.60 -10.24
C PRO C 26 -23.78 -25.42 -11.18
N VAL C 27 -24.08 -25.73 -12.44
CA VAL C 27 -24.42 -24.70 -13.41
C VAL C 27 -25.75 -24.04 -13.03
N GLY C 28 -26.69 -24.86 -12.56
CA GLY C 28 -28.00 -24.38 -12.16
C GLY C 28 -27.93 -23.41 -11.00
N ARG C 29 -27.17 -23.77 -9.97
CA ARG C 29 -27.03 -22.92 -8.79
C ARG C 29 -26.36 -21.60 -9.16
N VAL C 30 -25.32 -21.67 -9.98
CA VAL C 30 -24.63 -20.47 -10.44
C VAL C 30 -25.59 -19.57 -11.23
N HIS C 31 -26.42 -20.19 -12.06
CA HIS C 31 -27.40 -19.45 -12.84
C HIS C 31 -28.41 -18.76 -11.94
N ARG C 32 -28.86 -19.46 -10.91
CA ARG C 32 -29.80 -18.89 -9.95
C ARG C 32 -29.18 -17.72 -9.20
N LEU C 33 -27.92 -17.87 -8.81
CA LEU C 33 -27.21 -16.82 -8.09
C LEU C 33 -26.99 -15.60 -8.98
N LEU C 34 -26.79 -15.84 -10.27
CA LEU C 34 -26.62 -14.75 -11.22
C LEU C 34 -27.96 -14.06 -11.49
N ARG C 35 -29.04 -14.81 -11.39
CA ARG C 35 -30.38 -14.26 -11.55
C ARG C 35 -30.65 -13.19 -10.49
N LYS C 36 -30.43 -13.57 -9.24
CA LYS C 36 -30.52 -12.61 -8.13
C LYS C 36 -29.21 -11.86 -7.98
N GLY C 37 -29.06 -11.13 -6.88
CA GLY C 37 -27.83 -10.39 -6.62
C GLY C 37 -27.75 -9.08 -7.38
N ASN C 38 -28.72 -8.84 -8.25
CA ASN C 38 -28.81 -7.61 -9.04
C ASN C 38 -27.54 -7.32 -9.83
N TYR C 39 -27.22 -8.18 -10.78
CA TYR C 39 -26.07 -7.95 -11.66
C TYR C 39 -26.54 -7.37 -12.99
N ALA C 40 -27.61 -7.93 -13.54
CA ALA C 40 -28.19 -7.42 -14.78
C ALA C 40 -29.66 -7.83 -14.88
N GLU C 41 -30.33 -7.34 -15.91
CA GLU C 41 -31.74 -7.66 -16.13
C GLU C 41 -31.91 -9.15 -16.45
N ARG C 42 -31.37 -9.57 -17.59
CA ARG C 42 -31.40 -10.98 -17.97
C ARG C 42 -29.99 -11.58 -18.02
N VAL C 43 -29.90 -12.88 -17.81
CA VAL C 43 -28.61 -13.56 -17.79
C VAL C 43 -28.50 -14.57 -18.94
N GLY C 44 -27.34 -14.61 -19.56
CA GLY C 44 -27.09 -15.53 -20.66
C GLY C 44 -27.23 -16.99 -20.27
N ALA C 45 -27.44 -17.86 -21.26
CA ALA C 45 -27.62 -19.28 -21.01
C ALA C 45 -26.28 -20.00 -20.92
N GLY C 46 -25.26 -19.43 -21.56
CA GLY C 46 -23.93 -20.00 -21.54
C GLY C 46 -23.07 -19.37 -20.46
N ALA C 47 -23.58 -18.30 -19.87
CA ALA C 47 -22.85 -17.58 -18.84
C ALA C 47 -22.61 -18.41 -17.56
N PRO C 48 -23.66 -19.05 -17.00
CA PRO C 48 -23.38 -19.81 -15.78
C PRO C 48 -22.50 -21.03 -16.03
N VAL C 49 -22.57 -21.58 -17.25
CA VAL C 49 -21.72 -22.70 -17.63
C VAL C 49 -20.25 -22.26 -17.60
N TYR C 50 -19.98 -21.15 -18.27
CA TYR C 50 -18.65 -20.57 -18.33
C TYR C 50 -18.12 -20.24 -16.93
N LEU C 51 -18.95 -19.59 -16.13
CA LEU C 51 -18.57 -19.16 -14.80
C LEU C 51 -18.28 -20.35 -13.89
N ALA C 52 -19.18 -21.34 -13.87
CA ALA C 52 -18.98 -22.54 -13.09
C ALA C 52 -17.73 -23.29 -13.55
N ALA C 53 -17.45 -23.20 -14.84
CA ALA C 53 -16.25 -23.81 -15.40
C ALA C 53 -14.99 -23.13 -14.84
N VAL C 54 -15.01 -21.81 -14.82
CA VAL C 54 -13.88 -21.05 -14.28
C VAL C 54 -13.66 -21.35 -12.79
N LEU C 55 -14.76 -21.33 -12.04
CA LEU C 55 -14.70 -21.63 -10.61
C LEU C 55 -14.15 -23.03 -10.37
N GLU C 56 -14.62 -23.99 -11.15
CA GLU C 56 -14.14 -25.37 -11.06
C GLU C 56 -12.65 -25.45 -11.38
N TYR C 57 -12.21 -24.68 -12.37
CA TYR C 57 -10.80 -24.66 -12.74
C TYR C 57 -9.93 -24.14 -11.60
N LEU C 58 -10.29 -22.98 -11.07
CA LEU C 58 -9.52 -22.36 -9.98
C LEU C 58 -9.50 -23.27 -8.76
N THR C 59 -10.65 -23.85 -8.44
CA THR C 59 -10.77 -24.80 -7.34
C THR C 59 -9.83 -25.98 -7.55
N ALA C 60 -9.80 -26.48 -8.79
CA ALA C 60 -8.95 -27.62 -9.14
C ALA C 60 -7.48 -27.28 -8.95
N GLU C 61 -7.07 -26.11 -9.42
CA GLU C 61 -5.68 -25.68 -9.33
C GLU C 61 -5.26 -25.55 -7.86
N ILE C 62 -6.05 -24.82 -7.08
CA ILE C 62 -5.73 -24.61 -5.67
C ILE C 62 -5.69 -25.92 -4.90
N LEU C 63 -6.70 -26.77 -5.11
CA LEU C 63 -6.75 -28.05 -4.42
C LEU C 63 -5.60 -28.97 -4.83
N GLU C 64 -5.14 -28.82 -6.07
CA GLU C 64 -4.01 -29.60 -6.55
C GLU C 64 -2.73 -29.17 -5.83
N LEU C 65 -2.41 -27.88 -5.91
CA LEU C 65 -1.20 -27.36 -5.28
C LEU C 65 -1.20 -27.59 -3.76
N ALA C 66 -2.37 -27.44 -3.14
CA ALA C 66 -2.50 -27.67 -1.71
C ALA C 66 -2.42 -29.15 -1.38
N GLY C 67 -2.81 -29.98 -2.34
CA GLY C 67 -2.68 -31.42 -2.20
C GLY C 67 -1.22 -31.81 -2.17
N ASN C 68 -0.45 -31.22 -3.08
CA ASN C 68 1.00 -31.43 -3.09
C ASN C 68 1.64 -30.92 -1.81
N ALA C 69 1.18 -29.76 -1.35
CA ALA C 69 1.67 -29.19 -0.11
C ALA C 69 1.38 -30.11 1.08
N ALA C 70 0.24 -30.79 1.02
CA ALA C 70 -0.14 -31.76 2.04
C ALA C 70 0.76 -32.98 1.97
N ARG C 71 1.11 -33.37 0.74
CA ARG C 71 2.01 -34.49 0.51
C ARG C 71 3.39 -34.20 1.10
N ASP C 72 3.87 -32.99 0.93
CA ASP C 72 5.17 -32.59 1.44
C ASP C 72 5.22 -32.57 2.97
N ASN C 73 4.06 -32.38 3.59
CA ASN C 73 3.98 -32.33 5.05
C ASN C 73 3.60 -33.68 5.65
N LYS C 74 3.66 -34.72 4.84
CA LYS C 74 3.34 -36.09 5.26
C LYS C 74 1.92 -36.19 5.83
N LYS C 75 1.01 -35.40 5.26
CA LYS C 75 -0.39 -35.42 5.68
C LYS C 75 -1.29 -35.88 4.55
N THR C 76 -2.46 -36.39 4.89
CA THR C 76 -3.42 -36.83 3.88
C THR C 76 -4.63 -35.89 3.85
N ARG C 77 -4.88 -35.23 4.98
CA ARG C 77 -5.97 -34.26 5.06
C ARG C 77 -5.42 -32.84 4.93
N ILE C 78 -5.98 -32.09 3.99
CA ILE C 78 -5.52 -30.73 3.73
C ILE C 78 -5.98 -29.75 4.80
N ILE C 79 -5.02 -29.10 5.45
CA ILE C 79 -5.31 -28.06 6.43
C ILE C 79 -5.15 -26.69 5.77
N PRO C 80 -5.75 -25.64 6.35
CA PRO C 80 -5.61 -24.28 5.80
C PRO C 80 -4.17 -23.85 5.58
N ARG C 81 -3.25 -24.37 6.37
CA ARG C 81 -1.83 -24.13 6.20
C ARG C 81 -1.37 -24.51 4.80
N HIS C 82 -1.85 -25.66 4.33
CA HIS C 82 -1.53 -26.14 3.00
C HIS C 82 -2.08 -25.22 1.92
N LEU C 83 -3.27 -24.70 2.15
CA LEU C 83 -3.88 -23.74 1.23
C LEU C 83 -3.03 -22.47 1.14
N GLN C 84 -2.57 -21.99 2.29
CA GLN C 84 -1.73 -20.80 2.34
C GLN C 84 -0.41 -21.05 1.59
N LEU C 85 0.21 -22.20 1.86
CA LEU C 85 1.46 -22.56 1.20
C LEU C 85 1.27 -22.63 -0.32
N ALA C 86 0.14 -23.18 -0.75
CA ALA C 86 -0.15 -23.33 -2.15
C ALA C 86 -0.36 -21.97 -2.83
N VAL C 87 -1.10 -21.09 -2.17
CA VAL C 87 -1.44 -19.79 -2.74
C VAL C 87 -0.22 -18.86 -2.80
N ARG C 88 0.54 -18.80 -1.71
CA ARG C 88 1.64 -17.84 -1.63
C ARG C 88 2.86 -18.28 -2.45
N ASN C 89 2.91 -19.55 -2.82
CA ASN C 89 4.01 -20.05 -3.65
C ASN C 89 3.67 -19.94 -5.14
N ASP C 90 2.60 -19.23 -5.45
CA ASP C 90 2.18 -19.00 -6.83
C ASP C 90 1.92 -17.53 -7.04
N GLU C 91 2.75 -16.88 -7.84
CA GLU C 91 2.67 -15.43 -8.04
C GLU C 91 1.32 -14.99 -8.58
N GLU C 92 0.75 -15.79 -9.48
CA GLU C 92 -0.56 -15.48 -10.04
C GLU C 92 -1.67 -15.60 -9.00
N LEU C 93 -1.68 -16.73 -8.29
CA LEU C 93 -2.66 -16.95 -7.23
C LEU C 93 -2.47 -15.95 -6.10
N ASN C 94 -1.22 -15.59 -5.82
CA ASN C 94 -0.92 -14.61 -4.80
C ASN C 94 -1.44 -13.23 -5.19
N LYS C 95 -1.30 -12.89 -6.47
CA LYS C 95 -1.83 -11.63 -6.98
C LYS C 95 -3.35 -11.63 -6.89
N LEU C 96 -3.95 -12.77 -7.20
CA LEU C 96 -5.40 -12.92 -7.13
C LEU C 96 -5.90 -12.75 -5.70
N LEU C 97 -5.13 -13.27 -4.75
CA LEU C 97 -5.51 -13.21 -3.34
C LEU C 97 -4.57 -12.30 -2.56
N GLY C 98 -4.24 -11.15 -3.15
CA GLY C 98 -3.34 -10.20 -2.51
C GLY C 98 -3.94 -9.55 -1.29
N ARG C 99 -5.21 -9.16 -1.39
CA ARG C 99 -5.91 -8.52 -0.29
C ARG C 99 -6.76 -9.55 0.46
N VAL C 100 -6.30 -10.79 0.47
CA VAL C 100 -7.02 -11.88 1.11
C VAL C 100 -6.22 -12.48 2.26
N THR C 101 -6.87 -12.64 3.41
CA THR C 101 -6.22 -13.26 4.57
C THR C 101 -6.78 -14.66 4.82
N ILE C 102 -5.91 -15.66 4.72
CA ILE C 102 -6.31 -17.04 4.96
C ILE C 102 -6.18 -17.39 6.44
N ALA C 103 -7.30 -17.73 7.06
CA ALA C 103 -7.30 -18.08 8.48
C ALA C 103 -6.52 -19.36 8.74
N GLN C 104 -5.74 -19.35 9.82
CA GLN C 104 -4.89 -20.48 10.19
C GLN C 104 -3.96 -20.88 9.04
N GLY C 105 -3.34 -19.88 8.43
CA GLY C 105 -2.45 -20.13 7.30
C GLY C 105 -1.00 -19.84 7.61
N GLY C 106 -0.77 -18.94 8.55
CA GLY C 106 0.58 -18.56 8.93
C GLY C 106 1.30 -17.83 7.81
N VAL C 107 2.63 -17.72 7.93
CA VAL C 107 3.43 -17.04 6.93
C VAL C 107 4.49 -17.98 6.36
N LEU C 108 4.95 -17.70 5.14
CA LEU C 108 6.04 -18.46 4.54
C LEU C 108 7.33 -18.24 5.32
N PRO C 109 8.12 -19.31 5.49
CA PRO C 109 9.41 -19.20 6.18
C PRO C 109 10.38 -18.29 5.44
N ASN C 110 10.77 -17.19 6.07
CA ASN C 110 11.66 -16.21 5.44
C ASN C 110 12.49 -15.42 6.44
N ILE C 111 13.79 -15.65 6.43
CA ILE C 111 14.72 -14.89 7.28
C ILE C 111 15.73 -14.16 6.40
N GLN C 112 15.81 -12.84 6.58
CA GLN C 112 16.70 -12.01 5.77
C GLN C 112 18.16 -12.42 5.94
N SER C 113 18.95 -12.24 4.89
CA SER C 113 20.34 -12.68 4.86
C SER C 113 21.20 -11.96 5.91
N VAL C 114 20.90 -10.69 6.16
CA VAL C 114 21.66 -9.92 7.12
C VAL C 114 21.32 -10.29 8.56
N LEU C 115 20.28 -11.11 8.72
CA LEU C 115 19.87 -11.56 10.05
C LEU C 115 20.58 -12.86 10.44
N LEU C 116 21.17 -13.53 9.46
CA LEU C 116 21.93 -14.75 9.71
C LEU C 116 23.14 -14.45 10.60
N PRO C 117 23.50 -15.39 11.48
CA PRO C 117 24.60 -15.19 12.43
C PRO C 117 25.94 -14.91 11.76
N LYS C 118 26.74 -14.04 12.38
CA LYS C 118 28.05 -13.69 11.85
C LYS C 118 29.08 -13.61 12.96
N LYS C 119 30.31 -13.24 12.60
CA LYS C 119 31.42 -13.11 13.55
C LYS C 119 31.65 -14.41 14.33
N LYS D 28 -33.21 -24.29 10.68
CA LYS D 28 -32.15 -24.78 9.82
C LYS D 28 -32.06 -23.97 8.53
N THR D 29 -33.20 -23.81 7.86
CA THR D 29 -33.31 -23.03 6.63
C THR D 29 -32.41 -23.53 5.49
N ARG D 30 -31.83 -24.71 5.68
CA ARG D 30 -30.97 -25.35 4.68
C ARG D 30 -29.85 -24.42 4.20
N LYS D 31 -28.87 -24.18 5.07
CA LYS D 31 -27.71 -23.38 4.71
C LYS D 31 -26.81 -24.15 3.75
N GLU D 32 -26.66 -23.65 2.53
CA GLU D 32 -25.92 -24.35 1.49
C GLU D 32 -24.53 -23.77 1.28
N SER D 33 -23.72 -24.48 0.48
CA SER D 33 -22.37 -24.06 0.16
C SER D 33 -21.86 -24.76 -1.09
N TYR D 34 -20.55 -24.71 -1.30
CA TYR D 34 -19.93 -25.41 -2.43
C TYR D 34 -19.15 -26.64 -1.94
N ALA D 35 -19.60 -27.20 -0.81
CA ALA D 35 -18.89 -28.29 -0.16
C ALA D 35 -18.70 -29.52 -1.04
N ILE D 36 -19.80 -30.13 -1.45
CA ILE D 36 -19.77 -31.38 -2.21
C ILE D 36 -18.99 -31.26 -3.52
N TYR D 37 -19.07 -30.09 -4.15
CA TYR D 37 -18.41 -29.87 -5.43
C TYR D 37 -16.89 -29.77 -5.25
N VAL D 38 -16.49 -28.97 -4.26
CA VAL D 38 -15.08 -28.85 -3.90
C VAL D 38 -14.51 -30.22 -3.54
N TYR D 39 -15.29 -31.00 -2.82
CA TYR D 39 -14.87 -32.34 -2.43
C TYR D 39 -14.71 -33.24 -3.66
N LYS D 40 -15.65 -33.15 -4.59
CA LYS D 40 -15.59 -33.93 -5.82
C LYS D 40 -14.34 -33.61 -6.63
N VAL D 41 -14.10 -32.32 -6.85
CA VAL D 41 -12.92 -31.88 -7.60
C VAL D 41 -11.64 -32.29 -6.88
N LEU D 42 -11.67 -32.23 -5.55
CA LEU D 42 -10.55 -32.67 -4.73
C LEU D 42 -10.24 -34.14 -4.98
N LYS D 43 -11.28 -34.96 -5.00
CA LYS D 43 -11.12 -36.39 -5.26
C LYS D 43 -10.74 -36.67 -6.70
N GLN D 44 -10.99 -35.68 -7.58
CA GLN D 44 -10.55 -35.79 -8.97
C GLN D 44 -9.04 -35.56 -9.08
N VAL D 45 -8.56 -34.46 -8.51
CA VAL D 45 -7.14 -34.12 -8.59
C VAL D 45 -6.30 -34.94 -7.62
N HIS D 46 -6.92 -35.38 -6.53
CA HIS D 46 -6.22 -36.17 -5.52
C HIS D 46 -7.15 -37.18 -4.87
N PRO D 47 -7.09 -38.44 -5.34
CA PRO D 47 -7.98 -39.51 -4.85
C PRO D 47 -7.72 -39.87 -3.39
N ASP D 48 -6.46 -39.94 -2.99
CA ASP D 48 -6.11 -40.30 -1.62
C ASP D 48 -5.68 -39.09 -0.81
N THR D 49 -6.48 -38.04 -0.84
CA THR D 49 -6.19 -36.82 -0.09
C THR D 49 -7.48 -36.18 0.43
N GLY D 50 -7.53 -35.92 1.73
CA GLY D 50 -8.71 -35.35 2.36
C GLY D 50 -8.57 -33.87 2.65
N ILE D 51 -9.56 -33.31 3.34
CA ILE D 51 -9.57 -31.89 3.66
C ILE D 51 -10.32 -31.64 4.98
N SER D 52 -9.79 -30.73 5.79
CA SER D 52 -10.40 -30.39 7.07
C SER D 52 -11.59 -29.44 6.88
N SER D 53 -12.27 -29.13 7.97
CA SER D 53 -13.45 -28.28 7.92
C SER D 53 -13.10 -26.83 7.65
N LYS D 54 -12.09 -26.32 8.36
CA LYS D 54 -11.67 -24.93 8.21
C LYS D 54 -11.18 -24.64 6.79
N ALA D 55 -10.35 -25.54 6.27
CA ALA D 55 -9.83 -25.41 4.92
C ALA D 55 -10.96 -25.44 3.89
N MET D 56 -11.96 -26.27 4.16
CA MET D 56 -13.12 -26.38 3.29
C MET D 56 -13.91 -25.07 3.28
N SER D 57 -14.08 -24.49 4.46
CA SER D 57 -14.77 -23.21 4.60
C SER D 57 -14.00 -22.12 3.85
N ILE D 58 -12.68 -22.20 3.92
CA ILE D 58 -11.81 -21.24 3.22
C ILE D 58 -11.97 -21.38 1.70
N MET D 59 -11.99 -22.61 1.22
CA MET D 59 -12.21 -22.87 -0.21
C MET D 59 -13.57 -22.32 -0.64
N ASN D 60 -14.57 -22.52 0.21
CA ASN D 60 -15.91 -22.00 -0.04
C ASN D 60 -15.89 -20.48 -0.18
N SER D 61 -15.21 -19.84 0.76
CA SER D 61 -15.07 -18.37 0.75
C SER D 61 -14.36 -17.90 -0.51
N PHE D 62 -13.39 -18.70 -0.96
CA PHE D 62 -12.67 -18.39 -2.19
C PHE D 62 -13.60 -18.44 -3.40
N VAL D 63 -14.35 -19.53 -3.51
CA VAL D 63 -15.29 -19.71 -4.61
C VAL D 63 -16.31 -18.57 -4.65
N ASN D 64 -16.88 -18.25 -3.49
CA ASN D 64 -17.85 -17.16 -3.39
C ASN D 64 -17.24 -15.81 -3.76
N ASP D 65 -16.02 -15.56 -3.27
CA ASP D 65 -15.33 -14.31 -3.55
C ASP D 65 -15.11 -14.14 -5.05
N VAL D 66 -14.48 -15.13 -5.67
CA VAL D 66 -14.22 -15.10 -7.10
C VAL D 66 -15.51 -14.97 -7.90
N PHE D 67 -16.55 -15.65 -7.44
CA PHE D 67 -17.87 -15.56 -8.06
C PHE D 67 -18.35 -14.12 -8.08
N GLU D 68 -18.38 -13.50 -6.90
CA GLU D 68 -18.85 -12.12 -6.78
C GLU D 68 -18.02 -11.15 -7.59
N ARG D 69 -16.71 -11.40 -7.66
CA ARG D 69 -15.79 -10.53 -8.40
C ARG D 69 -16.01 -10.61 -9.91
N ILE D 70 -16.06 -11.84 -10.43
CA ILE D 70 -16.29 -12.05 -11.86
C ILE D 70 -17.67 -11.54 -12.27
N ALA D 71 -18.69 -11.92 -11.52
CA ALA D 71 -20.05 -11.50 -11.82
C ALA D 71 -20.20 -9.98 -11.73
N GLY D 72 -19.50 -9.38 -10.77
CA GLY D 72 -19.53 -7.94 -10.60
C GLY D 72 -18.91 -7.24 -11.79
N GLU D 73 -17.70 -7.66 -12.16
CA GLU D 73 -17.01 -7.06 -13.29
C GLU D 73 -17.80 -7.26 -14.58
N ALA D 74 -18.47 -8.39 -14.69
CA ALA D 74 -19.31 -8.67 -15.86
C ALA D 74 -20.51 -7.74 -15.88
N SER D 75 -21.06 -7.48 -14.70
CA SER D 75 -22.20 -6.57 -14.56
C SER D 75 -21.81 -5.17 -15.00
N ARG D 76 -20.66 -4.70 -14.52
CA ARG D 76 -20.16 -3.39 -14.90
C ARG D 76 -19.86 -3.36 -16.40
N LEU D 77 -19.39 -4.48 -16.93
CA LEU D 77 -19.11 -4.59 -18.37
C LEU D 77 -20.38 -4.38 -19.18
N ALA D 78 -21.44 -5.10 -18.80
CA ALA D 78 -22.72 -4.99 -19.50
C ALA D 78 -23.28 -3.59 -19.37
N HIS D 79 -23.12 -2.99 -18.19
CA HIS D 79 -23.66 -1.66 -17.93
C HIS D 79 -22.91 -0.59 -18.73
N TYR D 80 -21.61 -0.78 -18.92
CA TYR D 80 -20.78 0.20 -19.63
C TYR D 80 -21.12 0.26 -21.11
N ASN D 81 -21.60 -0.85 -21.66
CA ASN D 81 -21.90 -0.93 -23.08
C ASN D 81 -23.40 -0.86 -23.36
N LYS D 82 -24.15 -0.36 -22.37
CA LYS D 82 -25.60 -0.17 -22.49
C LYS D 82 -26.32 -1.46 -22.88
N ARG D 83 -25.77 -2.60 -22.46
CA ARG D 83 -26.37 -3.89 -22.73
C ARG D 83 -26.93 -4.50 -21.46
N SER D 84 -28.16 -5.01 -21.53
CA SER D 84 -28.84 -5.51 -20.35
C SER D 84 -28.81 -7.03 -20.25
N THR D 85 -27.71 -7.63 -20.68
CA THR D 85 -27.55 -9.08 -20.61
C THR D 85 -26.11 -9.47 -20.31
N ILE D 86 -25.93 -10.35 -19.33
CA ILE D 86 -24.61 -10.90 -19.05
C ILE D 86 -24.47 -12.26 -19.73
N THR D 87 -23.87 -12.26 -20.90
CA THR D 87 -23.63 -13.49 -21.64
C THR D 87 -22.27 -14.08 -21.25
N SER D 88 -21.89 -15.17 -21.90
CA SER D 88 -20.60 -15.80 -21.64
C SER D 88 -19.45 -14.90 -22.08
N ARG D 89 -19.76 -13.94 -22.95
CA ARG D 89 -18.78 -12.98 -23.43
C ARG D 89 -18.33 -12.05 -22.31
N GLU D 90 -19.29 -11.51 -21.58
CA GLU D 90 -19.00 -10.63 -20.45
C GLU D 90 -18.21 -11.36 -19.38
N ILE D 91 -18.58 -12.62 -19.14
CA ILE D 91 -17.88 -13.45 -18.17
C ILE D 91 -16.43 -13.69 -18.59
N GLN D 92 -16.24 -14.00 -19.87
CA GLN D 92 -14.90 -14.24 -20.41
C GLN D 92 -14.02 -12.99 -20.30
N THR D 93 -14.57 -11.85 -20.69
CA THR D 93 -13.84 -10.59 -20.60
C THR D 93 -13.50 -10.28 -19.15
N ALA D 94 -14.46 -10.53 -18.26
CA ALA D 94 -14.26 -10.33 -16.82
C ALA D 94 -13.11 -11.19 -16.31
N VAL D 95 -13.03 -12.42 -16.79
CA VAL D 95 -11.94 -13.32 -16.42
C VAL D 95 -10.61 -12.78 -16.95
N ARG D 96 -10.63 -12.31 -18.19
CA ARG D 96 -9.43 -11.71 -18.80
C ARG D 96 -8.94 -10.51 -18.00
N LEU D 97 -9.88 -9.82 -17.36
CA LEU D 97 -9.55 -8.63 -16.57
C LEU D 97 -9.07 -8.98 -15.16
N LEU D 98 -9.65 -10.03 -14.58
CA LEU D 98 -9.40 -10.37 -13.19
C LEU D 98 -8.22 -11.32 -12.99
N LEU D 99 -8.33 -12.52 -13.54
CA LEU D 99 -7.27 -13.51 -13.40
C LEU D 99 -5.99 -13.09 -14.13
N PRO D 100 -4.86 -13.11 -13.42
CA PRO D 100 -3.58 -12.66 -13.98
C PRO D 100 -2.82 -13.76 -14.72
N GLY D 101 -2.22 -13.40 -15.85
CA GLY D 101 -1.36 -14.29 -16.59
C GLY D 101 -2.00 -15.59 -17.04
N GLU D 102 -1.24 -16.67 -16.96
CA GLU D 102 -1.68 -17.99 -17.40
C GLU D 102 -3.00 -18.41 -16.77
N LEU D 103 -3.18 -18.03 -15.50
CA LEU D 103 -4.40 -18.33 -14.76
C LEU D 103 -5.65 -17.92 -15.54
N ALA D 104 -5.55 -16.81 -16.26
CA ALA D 104 -6.64 -16.37 -17.12
C ALA D 104 -6.81 -17.34 -18.28
N LYS D 105 -5.73 -17.49 -19.05
CA LYS D 105 -5.72 -18.28 -20.27
C LYS D 105 -6.42 -19.62 -20.11
N HIS D 106 -5.82 -20.49 -19.28
CA HIS D 106 -6.39 -21.80 -18.99
C HIS D 106 -7.87 -21.69 -18.62
N ALA D 107 -8.18 -20.78 -17.71
CA ALA D 107 -9.56 -20.59 -17.26
C ALA D 107 -10.47 -20.34 -18.45
N VAL D 108 -10.05 -19.40 -19.31
CA VAL D 108 -10.81 -19.08 -20.51
C VAL D 108 -11.07 -20.34 -21.32
N SER D 109 -10.02 -21.14 -21.51
CA SER D 109 -10.14 -22.41 -22.22
C SER D 109 -11.21 -23.26 -21.55
N GLU D 110 -11.07 -23.44 -20.23
CA GLU D 110 -12.00 -24.26 -19.47
C GLU D 110 -13.41 -23.74 -19.59
N GLY D 111 -13.55 -22.45 -19.87
CA GLY D 111 -14.85 -21.87 -20.13
C GLY D 111 -15.30 -22.27 -21.53
N THR D 112 -14.49 -21.92 -22.52
CA THR D 112 -14.82 -22.12 -23.91
C THR D 112 -15.09 -23.59 -24.22
N LYS D 113 -14.37 -24.46 -23.50
CA LYS D 113 -14.60 -25.90 -23.57
C LYS D 113 -16.02 -26.23 -23.10
N ALA D 114 -16.32 -25.83 -21.87
CA ALA D 114 -17.59 -26.19 -21.23
C ALA D 114 -18.79 -25.76 -22.07
N VAL D 115 -18.84 -24.47 -22.40
CA VAL D 115 -19.95 -23.92 -23.17
C VAL D 115 -20.07 -24.57 -24.55
N THR D 116 -19.02 -25.24 -24.99
CA THR D 116 -19.08 -25.98 -26.25
C THR D 116 -19.82 -27.29 -26.02
N LYS D 117 -19.42 -28.02 -24.99
CA LYS D 117 -20.02 -29.32 -24.69
C LYS D 117 -21.50 -29.16 -24.36
N TYR D 118 -21.84 -28.06 -23.68
CA TYR D 118 -23.22 -27.77 -23.34
C TYR D 118 -24.07 -27.57 -24.60
N THR D 119 -23.43 -27.15 -25.69
CA THR D 119 -24.13 -26.94 -26.95
C THR D 119 -24.08 -28.19 -27.82
N SER D 120 -23.52 -29.28 -27.27
CA SER D 120 -23.48 -30.55 -27.99
C SER D 120 -24.52 -31.51 -27.42
N ALA D 121 -25.25 -31.05 -26.41
CA ALA D 121 -26.28 -31.86 -25.77
C ALA D 121 -27.35 -30.99 -25.12
N LYS D 122 -28.04 -30.22 -25.96
CA LYS D 122 -29.11 -29.34 -25.47
C LYS D 122 -30.14 -29.07 -26.57
N PRO E 38 29.13 -21.60 33.37
CA PRO E 38 27.70 -21.90 33.48
C PRO E 38 27.10 -22.37 32.16
N HIS E 39 26.12 -21.62 31.64
CA HIS E 39 25.46 -21.97 30.40
C HIS E 39 24.81 -20.74 29.76
N ARG E 40 25.36 -20.28 28.65
CA ARG E 40 24.87 -19.06 28.01
C ARG E 40 24.71 -19.22 26.50
N TYR E 41 23.98 -18.28 25.91
CA TYR E 41 23.79 -18.23 24.45
C TYR E 41 24.04 -16.82 23.93
N ARG E 42 24.62 -16.73 22.74
CA ARG E 42 24.92 -15.43 22.14
C ARG E 42 23.65 -14.70 21.75
N PRO E 43 23.57 -13.40 22.09
CA PRO E 43 22.37 -12.58 21.81
C PRO E 43 22.05 -12.49 20.31
N GLY E 44 21.02 -13.19 19.89
CA GLY E 44 20.59 -13.18 18.50
C GLY E 44 20.47 -14.57 17.93
N THR E 45 20.79 -15.57 18.75
CA THR E 45 20.75 -16.97 18.31
C THR E 45 19.39 -17.58 18.57
N VAL E 46 19.01 -17.65 19.85
CA VAL E 46 17.73 -18.22 20.24
C VAL E 46 16.57 -17.34 19.74
N ALA E 47 16.87 -16.09 19.42
CA ALA E 47 15.89 -15.20 18.82
C ALA E 47 15.61 -15.63 17.39
N LEU E 48 16.69 -15.94 16.67
CA LEU E 48 16.57 -16.45 15.30
C LEU E 48 15.86 -17.79 15.33
N ARG E 49 16.15 -18.61 16.33
CA ARG E 49 15.48 -19.89 16.48
C ARG E 49 14.00 -19.67 16.77
N GLU E 50 13.68 -18.59 17.47
CA GLU E 50 12.29 -18.22 17.73
C GLU E 50 11.59 -17.82 16.45
N ILE E 51 12.29 -17.09 15.60
CA ILE E 51 11.77 -16.73 14.28
C ILE E 51 11.44 -17.98 13.49
N ARG E 52 12.43 -18.86 13.38
CA ARG E 52 12.30 -20.09 12.61
C ARG E 52 11.21 -21.00 13.16
N ARG E 53 11.00 -20.94 14.47
CA ARG E 53 10.00 -21.78 15.12
C ARG E 53 8.58 -21.23 14.94
N TYR E 54 8.44 -19.92 15.07
CA TYR E 54 7.11 -19.30 14.97
C TYR E 54 6.66 -19.10 13.53
N GLN E 55 7.61 -19.14 12.59
CA GLN E 55 7.26 -19.06 11.18
C GLN E 55 6.73 -20.41 10.69
N LYS E 56 7.15 -21.48 11.35
CA LYS E 56 6.71 -22.82 10.99
C LYS E 56 5.29 -23.08 11.51
N SER E 57 5.02 -22.59 12.72
CA SER E 57 3.72 -22.79 13.35
C SER E 57 2.63 -21.97 12.68
N THR E 58 1.38 -22.28 12.99
CA THR E 58 0.24 -21.60 12.39
C THR E 58 -0.76 -21.13 13.45
N GLU E 59 -0.51 -21.53 14.69
CA GLU E 59 -1.40 -21.16 15.81
C GLU E 59 -1.33 -19.67 16.09
N LEU E 60 -2.35 -19.15 16.79
CA LEU E 60 -2.39 -17.74 17.14
C LEU E 60 -1.36 -17.42 18.21
N LEU E 61 -0.93 -16.16 18.25
CA LEU E 61 0.16 -15.75 19.13
C LEU E 61 -0.33 -14.94 20.33
N ILE E 62 -1.18 -13.95 20.07
CA ILE E 62 -1.74 -13.11 21.12
C ILE E 62 -2.66 -13.92 22.02
N ARG E 63 -2.56 -13.69 23.33
CA ARG E 63 -3.41 -14.38 24.30
C ARG E 63 -4.88 -14.09 24.03
N LYS E 64 -5.70 -15.13 24.06
CA LYS E 64 -7.09 -15.04 23.65
C LYS E 64 -7.95 -14.16 24.56
N LEU E 65 -7.96 -14.48 25.85
CA LEU E 65 -8.84 -13.80 26.81
C LEU E 65 -8.60 -12.28 26.92
N PRO E 66 -7.34 -11.84 27.10
CA PRO E 66 -7.18 -10.38 27.22
C PRO E 66 -7.44 -9.67 25.90
N PHE E 67 -7.24 -10.35 24.77
CA PHE E 67 -7.56 -9.77 23.48
C PHE E 67 -9.07 -9.60 23.36
N GLN E 68 -9.82 -10.59 23.81
CA GLN E 68 -11.27 -10.52 23.83
C GLN E 68 -11.73 -9.37 24.70
N ARG E 69 -11.06 -9.21 25.85
CA ARG E 69 -11.35 -8.12 26.77
C ARG E 69 -11.09 -6.78 26.09
N LEU E 70 -10.04 -6.73 25.28
CA LEU E 70 -9.70 -5.52 24.53
C LEU E 70 -10.78 -5.19 23.50
N VAL E 71 -11.23 -6.22 22.78
CA VAL E 71 -12.27 -6.07 21.78
C VAL E 71 -13.56 -5.54 22.42
N ARG E 72 -13.97 -6.17 23.51
CA ARG E 72 -15.17 -5.75 24.23
C ARG E 72 -15.01 -4.34 24.81
N GLU E 73 -13.78 -3.97 25.13
CA GLU E 73 -13.51 -2.63 25.65
C GLU E 73 -13.63 -1.58 24.56
N ILE E 74 -13.16 -1.91 23.35
CA ILE E 74 -13.21 -0.97 22.24
C ILE E 74 -14.63 -0.83 21.70
N ALA E 75 -15.38 -1.94 21.69
CA ALA E 75 -16.71 -1.97 21.11
C ALA E 75 -17.73 -1.15 21.90
N GLN E 76 -17.42 -0.87 23.17
CA GLN E 76 -18.37 -0.19 24.05
C GLN E 76 -18.50 1.30 23.74
N ASP E 77 -17.71 1.79 22.79
CA ASP E 77 -17.78 3.18 22.38
C ASP E 77 -18.65 3.36 21.14
N PHE E 78 -19.29 2.28 20.71
CA PHE E 78 -20.13 2.33 19.52
C PHE E 78 -21.54 1.86 19.83
N LYS E 79 -21.66 0.77 20.58
CA LYS E 79 -22.94 0.22 20.96
C LYS E 79 -22.89 -0.35 22.37
N THR E 80 -23.81 0.11 23.22
CA THR E 80 -23.83 -0.32 24.62
C THR E 80 -24.37 -1.73 24.77
N ASP E 81 -23.80 -2.49 25.70
CA ASP E 81 -24.21 -3.86 25.98
C ASP E 81 -24.20 -4.73 24.74
N LEU E 82 -23.00 -5.01 24.22
CA LEU E 82 -22.86 -5.82 23.01
C LEU E 82 -22.57 -7.29 23.34
N ARG E 83 -23.03 -8.16 22.46
CA ARG E 83 -22.69 -9.58 22.54
C ARG E 83 -21.86 -9.99 21.33
N PHE E 84 -20.90 -10.89 21.55
CA PHE E 84 -20.00 -11.32 20.48
C PHE E 84 -20.02 -12.83 20.30
N GLN E 85 -20.12 -13.25 19.05
CA GLN E 85 -19.93 -14.65 18.71
C GLN E 85 -18.45 -15.01 18.91
N SER E 86 -18.18 -16.24 19.32
CA SER E 86 -16.81 -16.71 19.47
C SER E 86 -16.08 -16.61 18.14
N SER E 87 -16.79 -16.95 17.07
CA SER E 87 -16.24 -16.87 15.72
C SER E 87 -15.91 -15.44 15.32
N ALA E 88 -16.65 -14.48 15.88
CA ALA E 88 -16.42 -13.07 15.60
C ALA E 88 -15.11 -12.60 16.24
N VAL E 89 -14.92 -12.95 17.50
CA VAL E 89 -13.69 -12.61 18.22
C VAL E 89 -12.49 -13.30 17.58
N MET E 90 -12.69 -14.56 17.19
CA MET E 90 -11.64 -15.32 16.51
C MET E 90 -11.28 -14.68 15.17
N ALA E 91 -12.29 -14.19 14.46
CA ALA E 91 -12.08 -13.52 13.19
C ALA E 91 -11.28 -12.24 13.38
N LEU E 92 -11.69 -11.44 14.37
CA LEU E 92 -11.00 -10.20 14.71
C LEU E 92 -9.55 -10.47 15.08
N GLN E 93 -9.32 -11.56 15.80
CA GLN E 93 -7.96 -11.89 16.24
C GLN E 93 -7.10 -12.37 15.08
N GLU E 94 -7.70 -13.15 14.19
CA GLU E 94 -7.00 -13.61 12.99
C GLU E 94 -6.60 -12.42 12.11
N ALA E 95 -7.54 -11.52 11.88
CA ALA E 95 -7.29 -10.33 11.08
C ALA E 95 -6.25 -9.43 11.72
N SER E 96 -6.33 -9.28 13.04
CA SER E 96 -5.40 -8.42 13.77
C SER E 96 -3.98 -8.97 13.73
N GLU E 97 -3.83 -10.25 14.06
CA GLU E 97 -2.52 -10.89 14.05
C GLU E 97 -1.93 -10.91 12.64
N ALA E 98 -2.78 -11.13 11.65
CA ALA E 98 -2.34 -11.09 10.26
C ALA E 98 -1.84 -9.70 9.88
N TYR E 99 -2.61 -8.69 10.27
CA TYR E 99 -2.25 -7.30 9.98
C TYR E 99 -0.92 -6.93 10.61
N LEU E 100 -0.77 -7.26 11.89
CA LEU E 100 0.45 -6.92 12.63
C LEU E 100 1.66 -7.69 12.11
N VAL E 101 1.48 -8.97 11.82
CA VAL E 101 2.60 -9.79 11.34
C VAL E 101 2.98 -9.39 9.92
N ALA E 102 2.03 -8.78 9.20
CA ALA E 102 2.31 -8.26 7.87
C ALA E 102 3.04 -6.93 7.97
N LEU E 103 2.68 -6.15 8.99
CA LEU E 103 3.30 -4.84 9.20
C LEU E 103 4.74 -4.98 9.70
N PHE E 104 4.99 -5.99 10.51
CA PHE E 104 6.31 -6.20 11.10
C PHE E 104 7.35 -6.57 10.03
N GLU E 105 6.88 -7.16 8.93
CA GLU E 105 7.77 -7.49 7.82
C GLU E 105 8.26 -6.23 7.14
N ASP E 106 7.31 -5.36 6.76
CA ASP E 106 7.64 -4.09 6.14
C ASP E 106 8.48 -3.24 7.07
N THR E 107 8.18 -3.32 8.37
CA THR E 107 8.94 -2.62 9.39
C THR E 107 10.39 -3.10 9.40
N ASN E 108 10.55 -4.42 9.38
CA ASN E 108 11.87 -5.04 9.37
C ASN E 108 12.66 -4.62 8.14
N LEU E 109 11.99 -4.56 7.00
CA LEU E 109 12.62 -4.10 5.77
C LEU E 109 13.05 -2.64 5.87
N CYS E 110 12.21 -1.83 6.53
CA CYS E 110 12.54 -0.43 6.75
C CYS E 110 13.72 -0.29 7.69
N ALA E 111 13.89 -1.27 8.57
CA ALA E 111 15.01 -1.26 9.51
C ALA E 111 16.30 -1.63 8.80
N ILE E 112 16.24 -2.65 7.95
CA ILE E 112 17.41 -3.11 7.21
C ILE E 112 17.84 -2.07 6.17
N HIS E 113 16.86 -1.36 5.61
CA HIS E 113 17.14 -0.33 4.61
C HIS E 113 18.01 0.79 5.19
N ALA E 114 17.89 1.01 6.50
CA ALA E 114 18.67 2.04 7.17
C ALA E 114 19.94 1.44 7.80
N LYS E 115 20.40 0.33 7.23
CA LYS E 115 21.61 -0.35 7.68
C LYS E 115 21.53 -0.75 9.15
N ARG E 116 20.36 -1.20 9.58
CA ARG E 116 20.16 -1.64 10.96
C ARG E 116 19.50 -3.01 11.01
N VAL E 117 19.59 -3.67 12.16
CA VAL E 117 18.99 -4.99 12.32
C VAL E 117 17.87 -4.93 13.36
N THR E 118 17.78 -3.80 14.06
CA THR E 118 16.76 -3.61 15.07
C THR E 118 15.64 -2.71 14.55
N ILE E 119 14.39 -3.13 14.72
CA ILE E 119 13.25 -2.34 14.30
C ILE E 119 13.02 -1.18 15.27
N MET E 120 12.59 -0.05 14.73
CA MET E 120 12.35 1.15 15.53
C MET E 120 11.00 1.76 15.17
N PRO E 121 10.44 2.59 16.07
CA PRO E 121 9.15 3.25 15.81
C PRO E 121 9.12 3.98 14.47
N LYS E 122 10.23 4.60 14.09
CA LYS E 122 10.30 5.33 12.82
C LYS E 122 10.14 4.39 11.63
N ASP E 123 10.56 3.14 11.81
CA ASP E 123 10.39 2.13 10.77
C ASP E 123 8.91 1.79 10.57
N ILE E 124 8.20 1.64 11.68
CA ILE E 124 6.76 1.40 11.63
C ILE E 124 6.04 2.58 11.01
N GLN E 125 6.47 3.79 11.40
CA GLN E 125 5.89 5.02 10.86
C GLN E 125 6.07 5.09 9.34
N LEU E 126 7.27 4.79 8.87
CA LEU E 126 7.56 4.80 7.44
C LEU E 126 6.74 3.73 6.71
N ALA E 127 6.68 2.54 7.30
CA ALA E 127 5.93 1.43 6.73
C ALA E 127 4.47 1.80 6.54
N ARG E 128 3.84 2.29 7.59
CA ARG E 128 2.43 2.68 7.52
C ARG E 128 2.23 3.90 6.63
N ARG E 129 3.25 4.73 6.51
CA ARG E 129 3.20 5.90 5.64
C ARG E 129 3.14 5.48 4.17
N ILE E 130 4.05 4.59 3.78
CA ILE E 130 4.10 4.10 2.40
C ILE E 130 2.89 3.23 2.09
N ARG E 131 2.45 2.46 3.09
CA ARG E 131 1.24 1.65 2.97
C ARG E 131 0.02 2.52 2.62
N GLY E 132 0.03 3.76 3.09
CA GLY E 132 -1.06 4.68 2.84
C GLY E 132 -2.13 4.55 3.90
N GLU E 133 -1.76 4.82 5.15
CA GLU E 133 -2.68 4.72 6.27
C GLU E 133 -2.77 6.05 7.02
N ARG E 134 -1.71 6.83 6.96
CA ARG E 134 -1.67 8.13 7.61
C ARG E 134 -1.17 9.22 6.65
N VAL F 21 -18.38 -0.52 31.92
CA VAL F 21 -17.14 0.07 31.42
C VAL F 21 -15.95 -0.84 31.69
N LEU F 22 -15.21 -1.18 30.64
CA LEU F 22 -14.05 -2.05 30.77
C LEU F 22 -12.79 -1.26 31.13
N ARG F 23 -11.78 -1.95 31.63
CA ARG F 23 -10.55 -1.32 32.08
C ARG F 23 -9.68 -0.85 30.91
N ASP F 24 -8.39 -0.65 31.18
CA ASP F 24 -7.46 -0.21 30.15
C ASP F 24 -7.29 -1.27 29.06
N ASN F 25 -6.91 -2.47 29.47
CA ASN F 25 -6.84 -3.65 28.59
C ASN F 25 -5.93 -3.50 27.36
N ILE F 26 -5.34 -2.33 27.18
CA ILE F 26 -4.42 -2.12 26.07
C ILE F 26 -3.08 -2.75 26.44
N GLN F 27 -2.86 -2.94 27.74
CA GLN F 27 -1.66 -3.60 28.24
C GLN F 27 -1.83 -5.12 28.18
N GLY F 28 -3.02 -5.56 27.79
CA GLY F 28 -3.30 -6.97 27.60
C GLY F 28 -2.45 -7.54 26.49
N ILE F 29 -2.17 -6.71 25.50
CA ILE F 29 -1.23 -7.06 24.44
C ILE F 29 0.18 -7.02 25.03
N THR F 30 0.56 -8.09 25.70
CA THR F 30 1.81 -8.13 26.47
C THR F 30 3.04 -8.06 25.59
N LYS F 31 4.18 -7.81 26.23
CA LYS F 31 5.48 -7.76 25.56
C LYS F 31 5.84 -9.05 24.81
N PRO F 32 5.76 -10.22 25.47
CA PRO F 32 6.18 -11.42 24.73
C PRO F 32 5.28 -11.77 23.56
N ALA F 33 4.02 -11.31 23.59
CA ALA F 33 3.11 -11.55 22.50
C ALA F 33 3.51 -10.76 21.26
N ILE F 34 3.78 -9.48 21.45
CA ILE F 34 4.27 -8.61 20.39
C ILE F 34 5.59 -9.14 19.86
N ARG F 35 6.45 -9.60 20.78
CA ARG F 35 7.71 -10.23 20.40
C ARG F 35 7.46 -11.44 19.51
N ARG F 36 6.47 -12.25 19.86
CA ARG F 36 6.09 -13.40 19.04
C ARG F 36 5.68 -12.97 17.64
N LEU F 37 4.83 -11.94 17.57
CA LEU F 37 4.37 -11.42 16.29
C LEU F 37 5.55 -10.96 15.43
N ALA F 38 6.52 -10.31 16.07
CA ALA F 38 7.71 -9.86 15.36
C ALA F 38 8.55 -11.04 14.88
N ARG F 39 8.59 -12.09 15.69
CA ARG F 39 9.33 -13.30 15.33
C ARG F 39 8.71 -13.96 14.10
N ARG F 40 7.39 -14.04 14.07
CA ARG F 40 6.68 -14.60 12.94
C ARG F 40 6.82 -13.68 11.73
N GLY F 41 7.02 -12.38 12.00
CA GLY F 41 7.23 -11.42 10.96
C GLY F 41 8.66 -11.42 10.45
N GLY F 42 9.54 -12.07 11.19
CA GLY F 42 10.94 -12.18 10.80
C GLY F 42 11.79 -11.03 11.32
N VAL F 43 11.68 -10.76 12.61
CA VAL F 43 12.44 -9.69 13.25
C VAL F 43 13.44 -10.28 14.26
N LYS F 44 14.71 -9.92 14.09
CA LYS F 44 15.77 -10.45 14.95
C LYS F 44 15.86 -9.65 16.25
N ARG F 45 15.90 -8.34 16.14
CA ARG F 45 16.07 -7.47 17.30
C ARG F 45 14.96 -6.41 17.37
N ILE F 46 14.38 -6.24 18.54
CA ILE F 46 13.26 -5.33 18.73
C ILE F 46 13.60 -4.21 19.71
N SER F 47 13.24 -2.97 19.36
CA SER F 47 13.46 -1.84 20.25
C SER F 47 12.46 -1.86 21.41
N GLY F 48 12.64 -0.94 22.35
CA GLY F 48 11.78 -0.86 23.51
C GLY F 48 10.53 -0.04 23.25
N LEU F 49 10.65 0.96 22.37
CA LEU F 49 9.53 1.84 22.06
C LEU F 49 8.65 1.24 20.97
N ILE F 50 8.95 -0.01 20.60
CA ILE F 50 8.17 -0.73 19.60
C ILE F 50 6.82 -1.17 20.14
N TYR F 51 6.82 -1.63 21.39
CA TYR F 51 5.64 -2.24 21.99
C TYR F 51 4.46 -1.28 22.13
N GLU F 52 4.72 -0.09 22.66
CA GLU F 52 3.67 0.92 22.82
C GLU F 52 3.12 1.36 21.47
N GLU F 53 4.01 1.55 20.51
CA GLU F 53 3.64 1.92 19.16
C GLU F 53 2.73 0.87 18.54
N THR F 54 3.11 -0.40 18.71
CA THR F 54 2.33 -1.52 18.22
C THR F 54 0.95 -1.55 18.86
N ARG F 55 0.91 -1.28 20.16
CA ARG F 55 -0.36 -1.22 20.89
C ARG F 55 -1.26 -0.14 20.30
N GLY F 56 -0.66 1.01 19.98
CA GLY F 56 -1.39 2.10 19.37
C GLY F 56 -1.96 1.73 18.01
N VAL F 57 -1.09 1.18 17.15
CA VAL F 57 -1.51 0.77 15.81
C VAL F 57 -2.63 -0.25 15.86
N LEU F 58 -2.46 -1.27 16.71
CA LEU F 58 -3.49 -2.30 16.88
C LEU F 58 -4.79 -1.68 17.39
N LYS F 59 -4.67 -0.69 18.27
CA LYS F 59 -5.84 0.00 18.79
C LYS F 59 -6.60 0.70 17.67
N VAL F 60 -5.88 1.44 16.84
CA VAL F 60 -6.49 2.13 15.71
C VAL F 60 -7.16 1.16 14.75
N PHE F 61 -6.44 0.08 14.44
CA PHE F 61 -6.95 -0.97 13.54
C PHE F 61 -8.27 -1.55 14.06
N LEU F 62 -8.21 -2.10 15.28
CA LEU F 62 -9.38 -2.69 15.90
C LEU F 62 -10.54 -1.71 16.01
N GLU F 63 -10.22 -0.44 16.27
CA GLU F 63 -11.26 0.60 16.30
C GLU F 63 -11.94 0.71 14.94
N ASN F 64 -11.14 0.85 13.90
CA ASN F 64 -11.66 0.99 12.54
C ASN F 64 -12.50 -0.20 12.09
N VAL F 65 -12.09 -1.41 12.47
CA VAL F 65 -12.83 -2.60 12.09
C VAL F 65 -14.12 -2.75 12.90
N ILE F 66 -13.99 -2.71 14.22
CA ILE F 66 -15.13 -2.87 15.12
C ILE F 66 -16.19 -1.80 14.89
N ARG F 67 -15.78 -0.60 14.52
CA ARG F 67 -16.73 0.47 14.22
C ARG F 67 -17.68 0.06 13.10
N ASP F 68 -17.11 -0.34 11.96
CA ASP F 68 -17.91 -0.77 10.82
C ASP F 68 -18.70 -2.03 11.11
N ALA F 69 -18.11 -2.94 11.89
CA ALA F 69 -18.77 -4.18 12.26
C ALA F 69 -20.04 -3.90 13.06
N VAL F 70 -19.91 -3.02 14.06
CA VAL F 70 -21.02 -2.60 14.89
C VAL F 70 -22.05 -1.85 14.06
N THR F 71 -21.58 -1.11 13.06
CA THR F 71 -22.47 -0.42 12.13
C THR F 71 -23.35 -1.45 11.41
N TYR F 72 -22.73 -2.50 10.88
CA TYR F 72 -23.44 -3.58 10.21
C TYR F 72 -24.42 -4.26 11.15
N THR F 73 -24.01 -4.41 12.41
CA THR F 73 -24.85 -5.05 13.42
C THR F 73 -26.09 -4.20 13.71
N GLU F 74 -25.89 -2.88 13.76
CA GLU F 74 -26.98 -1.96 14.05
C GLU F 74 -27.96 -1.85 12.89
N HIS F 75 -27.44 -1.88 11.66
CA HIS F 75 -28.31 -1.83 10.50
C HIS F 75 -29.18 -3.08 10.41
N ALA F 76 -28.68 -4.19 10.96
CA ALA F 76 -29.43 -5.43 10.99
C ALA F 76 -30.34 -5.49 12.20
N LYS F 77 -30.31 -4.42 13.00
CA LYS F 77 -31.12 -4.31 14.21
C LYS F 77 -30.84 -5.47 15.18
N ARG F 78 -29.58 -5.78 15.37
CA ARG F 78 -29.17 -6.85 16.28
C ARG F 78 -28.34 -6.31 17.43
N LYS F 79 -28.42 -6.98 18.57
CA LYS F 79 -27.65 -6.58 19.75
C LYS F 79 -26.42 -7.46 19.91
N THR F 80 -26.24 -8.37 18.96
CA THR F 80 -25.11 -9.29 18.99
C THR F 80 -24.26 -9.18 17.73
N VAL F 81 -22.99 -8.84 17.91
CA VAL F 81 -22.06 -8.74 16.79
C VAL F 81 -21.70 -10.12 16.28
N THR F 82 -22.13 -10.42 15.05
CA THR F 82 -21.87 -11.71 14.43
C THR F 82 -20.52 -11.71 13.72
N ALA F 83 -20.06 -12.91 13.35
CA ALA F 83 -18.80 -13.05 12.63
C ALA F 83 -18.90 -12.43 11.24
N MET F 84 -20.08 -12.55 10.63
CA MET F 84 -20.30 -12.03 9.29
C MET F 84 -20.21 -10.51 9.25
N ASP F 85 -20.54 -9.86 10.36
CA ASP F 85 -20.38 -8.41 10.48
C ASP F 85 -18.91 -8.05 10.37
N VAL F 86 -18.08 -8.81 11.09
CA VAL F 86 -16.63 -8.62 11.05
C VAL F 86 -16.09 -8.87 9.65
N VAL F 87 -16.57 -9.94 9.01
CA VAL F 87 -16.14 -10.29 7.66
C VAL F 87 -16.49 -9.18 6.66
N TYR F 88 -17.71 -8.66 6.76
CA TYR F 88 -18.14 -7.57 5.88
C TYR F 88 -17.33 -6.31 6.12
N ALA F 89 -17.06 -6.01 7.39
CA ALA F 89 -16.27 -4.85 7.76
C ALA F 89 -14.86 -4.93 7.17
N LEU F 90 -14.21 -6.08 7.37
CA LEU F 90 -12.88 -6.32 6.84
C LEU F 90 -12.85 -6.26 5.31
N LYS F 91 -13.89 -6.80 4.70
CA LYS F 91 -13.98 -6.87 3.25
C LYS F 91 -14.11 -5.47 2.65
N ARG F 92 -14.95 -4.65 3.26
CA ARG F 92 -15.15 -3.28 2.77
C ARG F 92 -13.97 -2.40 3.17
N GLN F 93 -13.17 -2.86 4.14
CA GLN F 93 -11.98 -2.14 4.54
C GLN F 93 -10.81 -2.50 3.64
N GLY F 94 -10.95 -3.58 2.89
CA GLY F 94 -9.94 -4.00 1.93
C GLY F 94 -9.08 -5.14 2.43
N ARG F 95 -9.59 -5.90 3.38
CA ARG F 95 -8.87 -7.04 3.94
C ARG F 95 -9.78 -8.25 4.07
N THR F 96 -10.10 -8.87 2.94
CA THR F 96 -10.99 -10.01 2.90
C THR F 96 -10.46 -11.16 3.75
N LEU F 97 -11.35 -11.79 4.53
CA LEU F 97 -10.98 -12.88 5.42
C LEU F 97 -11.70 -14.17 5.08
N TYR F 98 -10.93 -15.21 4.77
CA TYR F 98 -11.51 -16.52 4.44
C TYR F 98 -11.62 -17.40 5.69
N GLY F 99 -12.62 -18.27 5.71
CA GLY F 99 -12.77 -19.23 6.78
C GLY F 99 -13.83 -18.88 7.80
N PHE F 100 -14.74 -17.97 7.43
CA PHE F 100 -15.82 -17.57 8.32
C PHE F 100 -17.12 -17.35 7.55
N GLY F 101 -17.00 -17.19 6.24
CA GLY F 101 -18.16 -16.99 5.39
C GLY F 101 -17.93 -15.90 4.37
N GLY F 102 -19.01 -15.52 3.67
CA GLY F 102 -18.94 -14.48 2.66
C GLY F 102 -18.60 -15.02 1.29
N ALA G 12 -52.73 19.90 -12.66
CA ALA G 12 -52.89 19.87 -11.21
C ALA G 12 -51.72 20.55 -10.50
N LYS G 13 -51.02 21.43 -11.23
CA LYS G 13 -49.88 22.17 -10.71
C LYS G 13 -48.80 21.26 -10.13
N ALA G 14 -47.92 20.78 -11.01
CA ALA G 14 -46.88 19.84 -10.60
C ALA G 14 -45.66 20.55 -10.03
N LYS G 15 -45.02 19.90 -9.06
CA LYS G 15 -43.79 20.43 -8.46
C LYS G 15 -42.74 19.33 -8.38
N THR G 16 -41.46 19.72 -8.37
CA THR G 16 -40.38 18.75 -8.35
C THR G 16 -40.18 18.15 -6.96
N ARG G 17 -39.59 16.96 -6.91
CA ARG G 17 -39.31 16.30 -5.64
C ARG G 17 -38.12 16.96 -4.96
N SER G 18 -37.29 17.63 -5.74
CA SER G 18 -36.13 18.34 -5.21
C SER G 18 -36.58 19.59 -4.46
N SER G 19 -37.62 20.24 -4.97
CA SER G 19 -38.15 21.44 -4.33
C SER G 19 -38.83 21.10 -3.01
N ARG G 20 -39.51 19.96 -2.98
CA ARG G 20 -40.19 19.51 -1.77
C ARG G 20 -39.21 19.08 -0.70
N ALA G 21 -38.05 18.59 -1.12
CA ALA G 21 -37.02 18.14 -0.19
C ALA G 21 -36.08 19.29 0.19
N GLY G 22 -36.28 20.44 -0.45
CA GLY G 22 -35.44 21.59 -0.19
C GLY G 22 -34.01 21.39 -0.65
N LEU G 23 -33.86 20.70 -1.78
CA LEU G 23 -32.54 20.41 -2.32
C LEU G 23 -32.37 21.02 -3.71
N GLN G 24 -31.15 20.93 -4.24
CA GLN G 24 -30.86 21.40 -5.58
C GLN G 24 -30.65 20.22 -6.52
N PHE G 25 -29.98 19.19 -6.02
CA PHE G 25 -29.72 17.99 -6.80
C PHE G 25 -31.02 17.26 -7.14
N PRO G 26 -31.11 16.72 -8.37
CA PRO G 26 -32.34 16.09 -8.85
C PRO G 26 -32.69 14.81 -8.10
N VAL G 27 -33.83 14.81 -7.42
CA VAL G 27 -34.28 13.64 -6.69
C VAL G 27 -34.79 12.57 -7.65
N GLY G 28 -35.61 12.98 -8.61
CA GLY G 28 -36.17 12.07 -9.59
C GLY G 28 -35.11 11.36 -10.41
N ARG G 29 -34.06 12.10 -10.77
CA ARG G 29 -32.97 11.53 -11.54
C ARG G 29 -32.23 10.47 -10.72
N VAL G 30 -31.92 10.80 -9.47
CA VAL G 30 -31.27 9.85 -8.57
C VAL G 30 -32.11 8.59 -8.40
N HIS G 31 -33.42 8.78 -8.26
CA HIS G 31 -34.36 7.68 -8.13
C HIS G 31 -34.32 6.78 -9.36
N ARG G 32 -34.32 7.40 -10.54
CA ARG G 32 -34.24 6.66 -11.79
C ARG G 32 -32.94 5.86 -11.89
N LEU G 33 -31.83 6.51 -11.56
CA LEU G 33 -30.53 5.86 -11.62
C LEU G 33 -30.46 4.67 -10.66
N LEU G 34 -31.07 4.82 -9.49
CA LEU G 34 -31.13 3.74 -8.52
C LEU G 34 -31.98 2.58 -9.02
N ARG G 35 -33.09 2.90 -9.67
CA ARG G 35 -33.98 1.87 -10.20
C ARG G 35 -33.34 1.09 -11.34
N LYS G 36 -32.79 1.81 -12.32
CA LYS G 36 -32.22 1.20 -13.50
C LYS G 36 -30.70 1.06 -13.40
N GLY G 37 -30.20 0.97 -12.17
CA GLY G 37 -28.77 0.84 -11.95
C GLY G 37 -28.40 -0.54 -11.42
N ASN G 38 -29.37 -1.45 -11.44
CA ASN G 38 -29.19 -2.81 -10.94
C ASN G 38 -28.69 -2.85 -9.50
N TYR G 39 -29.37 -2.13 -8.62
CA TYR G 39 -28.98 -2.09 -7.21
C TYR G 39 -29.94 -2.90 -6.35
N ALA G 40 -31.22 -2.87 -6.70
CA ALA G 40 -32.23 -3.63 -5.99
C ALA G 40 -33.50 -3.79 -6.81
N GLU G 41 -34.35 -4.74 -6.43
CA GLU G 41 -35.63 -4.94 -7.06
C GLU G 41 -36.54 -3.73 -6.81
N ARG G 42 -36.55 -3.26 -5.57
CA ARG G 42 -37.35 -2.11 -5.18
C ARG G 42 -36.49 -1.08 -4.45
N VAL G 43 -36.94 0.17 -4.46
CA VAL G 43 -36.21 1.24 -3.78
C VAL G 43 -37.18 2.15 -3.02
N GLY G 44 -36.82 2.47 -1.78
CA GLY G 44 -37.65 3.31 -0.93
C GLY G 44 -37.79 4.73 -1.44
N ALA G 45 -38.75 5.46 -0.89
CA ALA G 45 -39.02 6.83 -1.31
C ALA G 45 -38.07 7.81 -0.64
N GLY G 46 -37.38 7.36 0.41
CA GLY G 46 -36.45 8.20 1.14
C GLY G 46 -35.04 8.11 0.59
N ALA G 47 -34.77 7.02 -0.12
CA ALA G 47 -33.44 6.79 -0.70
C ALA G 47 -32.99 7.88 -1.67
N PRO G 48 -33.84 8.27 -2.65
CA PRO G 48 -33.35 9.28 -3.58
C PRO G 48 -33.13 10.66 -2.94
N VAL G 49 -34.03 11.09 -2.06
CA VAL G 49 -33.87 12.38 -1.42
C VAL G 49 -32.66 12.38 -0.48
N TYR G 50 -32.46 11.27 0.23
CA TYR G 50 -31.32 11.16 1.15
C TYR G 50 -30.01 11.19 0.37
N LEU G 51 -29.93 10.38 -0.68
CA LEU G 51 -28.73 10.30 -1.49
C LEU G 51 -28.41 11.63 -2.16
N ALA G 52 -29.45 12.27 -2.72
CA ALA G 52 -29.30 13.57 -3.35
C ALA G 52 -28.80 14.59 -2.33
N ALA G 53 -29.32 14.49 -1.12
CA ALA G 53 -28.91 15.38 -0.03
C ALA G 53 -27.43 15.21 0.30
N VAL G 54 -26.99 13.96 0.39
CA VAL G 54 -25.59 13.67 0.69
C VAL G 54 -24.66 14.17 -0.41
N LEU G 55 -25.03 13.88 -1.66
CA LEU G 55 -24.25 14.32 -2.81
C LEU G 55 -24.15 15.84 -2.87
N GLU G 56 -25.27 16.52 -2.63
CA GLU G 56 -25.31 17.96 -2.65
C GLU G 56 -24.46 18.55 -1.52
N TYR G 57 -24.52 17.91 -0.35
CA TYR G 57 -23.71 18.35 0.78
C TYR G 57 -22.22 18.25 0.48
N LEU G 58 -21.79 17.07 0.02
CA LEU G 58 -20.38 16.86 -0.30
C LEU G 58 -19.92 17.83 -1.38
N THR G 59 -20.78 18.02 -2.38
CA THR G 59 -20.52 19.00 -3.44
C THR G 59 -20.26 20.39 -2.87
N ALA G 60 -21.15 20.82 -1.98
CA ALA G 60 -21.01 22.14 -1.35
C ALA G 60 -19.73 22.24 -0.53
N GLU G 61 -19.45 21.21 0.26
CA GLU G 61 -18.28 21.18 1.13
C GLU G 61 -16.98 21.27 0.33
N ILE G 62 -16.96 20.62 -0.83
CA ILE G 62 -15.79 20.69 -1.69
C ILE G 62 -15.69 22.07 -2.36
N LEU G 63 -16.80 22.53 -2.92
CA LEU G 63 -16.83 23.80 -3.64
C LEU G 63 -16.46 24.99 -2.75
N GLU G 64 -16.75 24.88 -1.46
CA GLU G 64 -16.43 25.94 -0.52
C GLU G 64 -14.93 26.11 -0.36
N LEU G 65 -14.27 25.02 0.05
CA LEU G 65 -12.83 25.03 0.25
C LEU G 65 -12.11 25.32 -1.06
N ALA G 66 -12.67 24.85 -2.17
CA ALA G 66 -12.12 25.11 -3.49
C ALA G 66 -12.20 26.60 -3.80
N GLY G 67 -13.30 27.22 -3.40
CA GLY G 67 -13.49 28.65 -3.59
C GLY G 67 -12.51 29.44 -2.74
N ASN G 68 -12.23 28.92 -1.54
CA ASN G 68 -11.23 29.54 -0.67
C ASN G 68 -9.83 29.49 -1.29
N ALA G 69 -9.45 28.30 -1.75
CA ALA G 69 -8.15 28.12 -2.39
C ALA G 69 -8.04 28.94 -3.66
N ALA G 70 -9.17 29.12 -4.35
CA ALA G 70 -9.21 29.95 -5.55
C ALA G 70 -9.01 31.41 -5.19
N ARG G 71 -9.61 31.83 -4.07
CA ARG G 71 -9.47 33.19 -3.59
C ARG G 71 -8.03 33.48 -3.17
N ASP G 72 -7.38 32.46 -2.62
CA ASP G 72 -5.98 32.61 -2.20
C ASP G 72 -5.05 32.85 -3.38
N ASN G 73 -5.36 32.24 -4.53
CA ASN G 73 -4.54 32.40 -5.71
C ASN G 73 -5.01 33.55 -6.60
N LYS G 74 -5.81 34.44 -6.02
CA LYS G 74 -6.32 35.63 -6.71
C LYS G 74 -7.04 35.31 -8.01
N LYS G 75 -7.79 34.21 -8.01
CA LYS G 75 -8.57 33.81 -9.18
C LYS G 75 -10.04 33.64 -8.82
N THR G 76 -10.93 34.16 -9.66
CA THR G 76 -12.36 34.08 -9.40
C THR G 76 -13.02 32.94 -10.16
N ARG G 77 -12.21 31.99 -10.62
CA ARG G 77 -12.72 30.80 -11.28
C ARG G 77 -11.99 29.55 -10.76
N ILE G 78 -12.74 28.62 -10.19
CA ILE G 78 -12.17 27.43 -9.60
C ILE G 78 -11.60 26.48 -10.66
N ILE G 79 -10.31 26.18 -10.53
CA ILE G 79 -9.63 25.27 -11.43
C ILE G 79 -9.32 23.96 -10.69
N PRO G 80 -9.03 22.88 -11.43
CA PRO G 80 -8.64 21.60 -10.82
C PRO G 80 -7.59 21.72 -9.73
N ARG G 81 -6.65 22.65 -9.89
CA ARG G 81 -5.62 22.90 -8.88
C ARG G 81 -6.25 23.28 -7.54
N HIS G 82 -7.27 24.12 -7.60
CA HIS G 82 -7.98 24.58 -6.41
C HIS G 82 -8.73 23.43 -5.75
N LEU G 83 -9.32 22.56 -6.56
CA LEU G 83 -10.00 21.38 -6.06
C LEU G 83 -9.02 20.46 -5.33
N GLN G 84 -7.85 20.27 -5.95
CA GLN G 84 -6.81 19.44 -5.37
C GLN G 84 -6.32 20.01 -4.04
N LEU G 85 -6.05 21.32 -4.03
CA LEU G 85 -5.63 22.00 -2.80
C LEU G 85 -6.70 21.90 -1.72
N ALA G 86 -7.96 21.88 -2.14
CA ALA G 86 -9.07 21.80 -1.21
C ALA G 86 -9.19 20.41 -0.59
N VAL G 87 -9.00 19.39 -1.43
CA VAL G 87 -9.18 18.01 -0.98
C VAL G 87 -7.99 17.48 -0.19
N ARG G 88 -6.79 17.75 -0.68
CA ARG G 88 -5.58 17.17 -0.09
C ARG G 88 -5.20 17.78 1.26
N ASN G 89 -5.82 18.92 1.60
CA ASN G 89 -5.62 19.52 2.91
C ASN G 89 -6.63 18.99 3.92
N ASP G 90 -7.86 18.78 3.44
CA ASP G 90 -8.91 18.21 4.27
C ASP G 90 -8.69 16.71 4.44
N GLU G 91 -8.28 16.32 5.64
CA GLU G 91 -7.93 14.93 5.93
C GLU G 91 -9.05 13.95 5.59
N GLU G 92 -10.27 14.30 5.95
CA GLU G 92 -11.43 13.44 5.69
C GLU G 92 -11.71 13.32 4.19
N LEU G 93 -11.73 14.46 3.51
CA LEU G 93 -11.94 14.49 2.07
C LEU G 93 -10.81 13.74 1.35
N ASN G 94 -9.61 13.85 1.89
CA ASN G 94 -8.45 13.16 1.34
C ASN G 94 -8.59 11.65 1.47
N LYS G 95 -9.03 11.19 2.64
CA LYS G 95 -9.27 9.78 2.86
C LYS G 95 -10.37 9.28 1.92
N LEU G 96 -11.37 10.12 1.70
CA LEU G 96 -12.48 9.78 0.81
C LEU G 96 -11.98 9.63 -0.63
N LEU G 97 -11.05 10.50 -1.03
CA LEU G 97 -10.52 10.46 -2.39
C LEU G 97 -9.05 10.06 -2.39
N GLY G 98 -8.71 9.06 -1.58
CA GLY G 98 -7.34 8.58 -1.47
C GLY G 98 -6.88 7.81 -2.70
N ARG G 99 -7.77 7.04 -3.28
CA ARG G 99 -7.46 6.27 -4.48
C ARG G 99 -7.96 6.98 -5.74
N VAL G 100 -8.14 8.29 -5.63
CA VAL G 100 -8.62 9.11 -6.73
C VAL G 100 -7.55 10.09 -7.20
N THR G 101 -7.29 10.10 -8.50
CA THR G 101 -6.34 11.03 -9.08
C THR G 101 -7.05 12.18 -9.79
N ILE G 102 -6.83 13.40 -9.30
CA ILE G 102 -7.43 14.58 -9.91
C ILE G 102 -6.56 15.12 -11.03
N ALA G 103 -7.12 15.16 -12.25
CA ALA G 103 -6.38 15.58 -13.42
C ALA G 103 -6.01 17.07 -13.34
N GLN G 104 -4.78 17.37 -13.74
CA GLN G 104 -4.27 18.74 -13.78
C GLN G 104 -4.38 19.43 -12.42
N GLY G 105 -4.25 18.65 -11.34
CA GLY G 105 -4.37 19.19 -10.00
C GLY G 105 -3.03 19.37 -9.33
N GLY G 106 -2.00 18.74 -9.88
CA GLY G 106 -0.67 18.81 -9.32
C GLY G 106 -0.59 18.19 -7.94
N VAL G 107 0.44 18.56 -7.17
CA VAL G 107 0.60 18.05 -5.83
C VAL G 107 0.73 19.18 -4.82
N LEU G 108 0.63 18.85 -3.54
CA LEU G 108 0.80 19.83 -2.48
C LEU G 108 2.26 20.28 -2.38
N PRO G 109 2.49 21.59 -2.29
CA PRO G 109 3.85 22.11 -2.09
C PRO G 109 4.41 21.68 -0.74
N ASN G 110 5.24 20.64 -0.75
CA ASN G 110 5.80 20.09 0.47
C ASN G 110 7.25 19.67 0.31
N ILE G 111 8.15 20.37 0.99
CA ILE G 111 9.57 20.04 0.96
C ILE G 111 10.03 19.59 2.35
N GLN G 112 10.73 18.47 2.39
CA GLN G 112 11.23 17.92 3.65
C GLN G 112 12.25 18.85 4.29
N SER G 113 12.37 18.77 5.62
CA SER G 113 13.26 19.65 6.36
C SER G 113 14.73 19.33 6.11
N VAL G 114 15.01 18.07 5.79
CA VAL G 114 16.39 17.62 5.58
C VAL G 114 16.96 18.22 4.30
N LEU G 115 16.11 18.39 3.29
CA LEU G 115 16.56 18.92 2.00
C LEU G 115 16.76 20.43 2.03
N LEU G 116 16.35 21.06 3.12
CA LEU G 116 16.49 22.50 3.28
C LEU G 116 17.97 22.90 3.42
N PRO G 117 18.32 24.11 2.97
CA PRO G 117 19.70 24.61 3.03
C PRO G 117 20.26 24.64 4.46
N LYS G 118 21.55 24.38 4.59
CA LYS G 118 22.21 24.37 5.89
C LYS G 118 22.36 25.78 6.44
N LYS H 28 -29.91 14.10 -31.98
CA LYS H 28 -28.73 14.71 -31.38
C LYS H 28 -28.24 13.89 -30.19
N THR H 29 -29.15 13.10 -29.61
CA THR H 29 -28.85 12.26 -28.46
C THR H 29 -28.21 13.04 -27.31
N ARG H 30 -29.05 13.69 -26.52
CA ARG H 30 -28.58 14.50 -25.40
C ARG H 30 -27.95 13.64 -24.30
N LYS H 31 -26.79 14.06 -23.82
CA LYS H 31 -26.11 13.38 -22.73
C LYS H 31 -26.26 14.17 -21.43
N GLU H 32 -26.88 13.55 -20.43
CA GLU H 32 -27.15 14.22 -19.17
C GLU H 32 -25.87 14.45 -18.35
N SER H 33 -25.94 15.42 -17.44
CA SER H 33 -24.81 15.74 -16.58
C SER H 33 -25.26 16.48 -15.33
N TYR H 34 -24.38 16.56 -14.33
CA TYR H 34 -24.69 17.24 -13.08
C TYR H 34 -24.18 18.68 -13.09
N ALA H 35 -23.94 19.22 -14.28
CA ALA H 35 -23.33 20.54 -14.43
C ALA H 35 -24.14 21.67 -13.80
N ILE H 36 -25.42 21.75 -14.18
CA ILE H 36 -26.28 22.84 -13.72
C ILE H 36 -26.47 22.80 -12.20
N TYR H 37 -26.48 21.60 -11.64
CA TYR H 37 -26.73 21.42 -10.21
C TYR H 37 -25.53 21.87 -9.38
N VAL H 38 -24.35 21.37 -9.72
CA VAL H 38 -23.13 21.76 -9.03
C VAL H 38 -22.87 23.25 -9.27
N TYR H 39 -23.35 23.77 -10.39
CA TYR H 39 -23.26 25.20 -10.68
C TYR H 39 -24.14 25.98 -9.70
N LYS H 40 -25.38 25.51 -9.51
CA LYS H 40 -26.30 26.14 -8.56
C LYS H 40 -25.72 26.13 -7.16
N VAL H 41 -25.17 25.00 -6.76
CA VAL H 41 -24.51 24.88 -5.46
C VAL H 41 -23.36 25.88 -5.35
N LEU H 42 -22.59 26.01 -6.42
CA LEU H 42 -21.49 26.96 -6.47
C LEU H 42 -21.97 28.38 -6.25
N LYS H 43 -23.09 28.73 -6.88
CA LYS H 43 -23.68 30.05 -6.72
C LYS H 43 -24.22 30.25 -5.30
N GLN H 44 -24.63 29.16 -4.67
CA GLN H 44 -25.14 29.23 -3.30
C GLN H 44 -24.02 29.47 -2.28
N VAL H 45 -22.91 28.74 -2.42
CA VAL H 45 -21.82 28.83 -1.45
C VAL H 45 -20.85 29.97 -1.79
N HIS H 46 -20.69 30.25 -3.08
CA HIS H 46 -19.79 31.31 -3.54
C HIS H 46 -20.37 32.05 -4.73
N PRO H 47 -21.19 33.07 -4.48
CA PRO H 47 -21.90 33.83 -5.52
C PRO H 47 -20.96 34.58 -6.48
N ASP H 48 -19.76 34.91 -6.03
CA ASP H 48 -18.84 35.69 -6.84
C ASP H 48 -17.62 34.92 -7.31
N THR H 49 -17.78 33.62 -7.51
CA THR H 49 -16.70 32.79 -8.05
C THR H 49 -17.17 32.01 -9.28
N GLY H 50 -16.22 31.61 -10.11
CA GLY H 50 -16.53 30.88 -11.32
C GLY H 50 -16.07 29.43 -11.27
N ILE H 51 -16.13 28.76 -12.41
CA ILE H 51 -15.75 27.36 -12.48
C ILE H 51 -15.30 27.00 -13.90
N SER H 52 -14.20 26.26 -14.00
CA SER H 52 -13.66 25.86 -15.29
C SER H 52 -14.30 24.56 -15.76
N SER H 53 -14.24 24.32 -17.07
CA SER H 53 -14.84 23.13 -17.66
C SER H 53 -14.19 21.85 -17.14
N LYS H 54 -12.87 21.88 -17.00
CA LYS H 54 -12.12 20.75 -16.48
C LYS H 54 -12.56 20.41 -15.06
N ALA H 55 -12.57 21.44 -14.20
CA ALA H 55 -12.99 21.27 -12.81
C ALA H 55 -14.46 20.86 -12.74
N MET H 56 -15.25 21.31 -13.70
CA MET H 56 -16.66 20.92 -13.81
C MET H 56 -16.77 19.42 -14.04
N SER H 57 -16.04 18.92 -15.03
CA SER H 57 -16.04 17.50 -15.33
C SER H 57 -15.51 16.69 -14.16
N ILE H 58 -14.55 17.26 -13.44
CA ILE H 58 -13.98 16.61 -12.26
C ILE H 58 -15.03 16.46 -11.16
N MET H 59 -15.75 17.55 -10.88
CA MET H 59 -16.83 17.51 -9.90
C MET H 59 -17.90 16.51 -10.30
N ASN H 60 -18.22 16.48 -11.59
CA ASN H 60 -19.21 15.55 -12.12
C ASN H 60 -18.79 14.10 -11.88
N SER H 61 -17.54 13.80 -12.22
CA SER H 61 -16.99 12.46 -11.99
C SER H 61 -16.98 12.12 -10.50
N PHE H 62 -16.76 13.13 -9.68
CA PHE H 62 -16.78 12.95 -8.23
C PHE H 62 -18.16 12.52 -7.75
N VAL H 63 -19.17 13.31 -8.11
CA VAL H 63 -20.54 13.01 -7.69
C VAL H 63 -20.98 11.65 -8.21
N ASN H 64 -20.60 11.33 -9.45
CA ASN H 64 -20.90 10.01 -10.01
C ASN H 64 -20.25 8.89 -9.19
N ASP H 65 -18.98 9.08 -8.86
CA ASP H 65 -18.23 8.08 -8.10
C ASP H 65 -18.86 7.84 -6.73
N VAL H 66 -19.13 8.92 -6.00
CA VAL H 66 -19.74 8.81 -4.68
C VAL H 66 -21.12 8.17 -4.77
N PHE H 67 -21.87 8.51 -5.81
CA PHE H 67 -23.16 7.91 -6.06
C PHE H 67 -23.04 6.39 -6.18
N GLU H 68 -22.11 5.96 -7.04
CA GLU H 68 -21.89 4.53 -7.26
C GLU H 68 -21.46 3.84 -5.96
N ARG H 69 -20.63 4.52 -5.18
CA ARG H 69 -20.15 3.96 -3.91
C ARG H 69 -21.29 3.74 -2.93
N ILE H 70 -22.03 4.79 -2.63
CA ILE H 70 -23.12 4.74 -1.67
C ILE H 70 -24.22 3.78 -2.11
N ALA H 71 -24.60 3.86 -3.38
CA ALA H 71 -25.64 3.01 -3.92
C ALA H 71 -25.20 1.55 -3.90
N GLY H 72 -23.92 1.31 -4.18
CA GLY H 72 -23.36 -0.02 -4.15
C GLY H 72 -23.41 -0.62 -2.75
N GLU H 73 -22.91 0.14 -1.78
CA GLU H 73 -22.88 -0.32 -0.40
C GLU H 73 -24.29 -0.52 0.13
N ALA H 74 -25.22 0.31 -0.32
CA ALA H 74 -26.62 0.18 0.07
C ALA H 74 -27.23 -1.09 -0.51
N SER H 75 -26.84 -1.40 -1.75
CA SER H 75 -27.31 -2.61 -2.42
C SER H 75 -26.81 -3.84 -1.68
N ARG H 76 -25.52 -3.84 -1.34
CA ARG H 76 -24.93 -4.93 -0.57
C ARG H 76 -25.59 -5.06 0.80
N LEU H 77 -25.96 -3.92 1.38
CA LEU H 77 -26.66 -3.91 2.66
C LEU H 77 -28.03 -4.58 2.54
N ALA H 78 -28.74 -4.27 1.47
CA ALA H 78 -30.05 -4.86 1.23
C ALA H 78 -29.93 -6.35 0.99
N HIS H 79 -28.87 -6.75 0.30
CA HIS H 79 -28.68 -8.18 -0.02
C HIS H 79 -28.24 -8.97 1.21
N TYR H 80 -27.49 -8.34 2.11
CA TYR H 80 -26.99 -9.01 3.30
C TYR H 80 -28.12 -9.40 4.27
N ASN H 81 -29.16 -8.58 4.32
CA ASN H 81 -30.24 -8.80 5.26
C ASN H 81 -31.48 -9.43 4.61
N LYS H 82 -31.27 -10.08 3.47
CA LYS H 82 -32.33 -10.73 2.72
C LYS H 82 -33.48 -9.77 2.39
N ARG H 83 -33.13 -8.54 2.06
CA ARG H 83 -34.11 -7.52 1.71
C ARG H 83 -34.03 -7.16 0.23
N SER H 84 -35.18 -6.88 -0.37
CA SER H 84 -35.23 -6.54 -1.79
C SER H 84 -35.62 -5.08 -1.98
N THR H 85 -35.37 -4.26 -0.97
CA THR H 85 -35.72 -2.85 -1.02
C THR H 85 -34.66 -1.97 -0.35
N ILE H 86 -34.17 -0.98 -1.08
CA ILE H 86 -33.22 -0.02 -0.54
C ILE H 86 -33.94 1.22 -0.04
N THR H 87 -34.05 1.35 1.28
CA THR H 87 -34.69 2.51 1.88
C THR H 87 -33.66 3.54 2.29
N SER H 88 -34.11 4.61 2.95
CA SER H 88 -33.22 5.67 3.42
C SER H 88 -32.28 5.16 4.49
N ARG H 89 -32.67 4.06 5.15
CA ARG H 89 -31.87 3.47 6.20
C ARG H 89 -30.58 2.87 5.64
N GLU H 90 -30.71 2.15 4.53
CA GLU H 90 -29.56 1.56 3.85
C GLU H 90 -28.59 2.65 3.38
N ILE H 91 -29.15 3.73 2.86
CA ILE H 91 -28.35 4.87 2.40
C ILE H 91 -27.60 5.50 3.55
N GLN H 92 -28.30 5.71 4.67
CA GLN H 92 -27.70 6.31 5.85
C GLN H 92 -26.56 5.46 6.39
N THR H 93 -26.80 4.15 6.49
CA THR H 93 -25.78 3.23 6.96
C THR H 93 -24.58 3.22 6.02
N ALA H 94 -24.86 3.27 4.72
CA ALA H 94 -23.82 3.30 3.70
C ALA H 94 -22.96 4.55 3.87
N VAL H 95 -23.59 5.68 4.14
CA VAL H 95 -22.87 6.93 4.36
C VAL H 95 -22.03 6.86 5.64
N ARG H 96 -22.59 6.22 6.66
CA ARG H 96 -21.87 6.00 7.91
C ARG H 96 -20.63 5.13 7.71
N LEU H 97 -20.71 4.23 6.73
CA LEU H 97 -19.61 3.32 6.45
C LEU H 97 -18.54 3.97 5.55
N LEU H 98 -18.99 4.81 4.62
CA LEU H 98 -18.09 5.38 3.61
C LEU H 98 -17.40 6.66 4.08
N LEU H 99 -18.20 7.67 4.41
CA LEU H 99 -17.66 8.96 4.82
C LEU H 99 -17.07 8.89 6.23
N PRO H 100 -15.89 9.52 6.41
CA PRO H 100 -15.17 9.49 7.69
C PRO H 100 -15.51 10.66 8.62
N GLY H 101 -15.76 10.33 9.88
CA GLY H 101 -15.90 11.34 10.94
C GLY H 101 -16.98 12.38 10.75
N GLU H 102 -16.59 13.65 10.91
CA GLU H 102 -17.51 14.78 10.88
C GLU H 102 -18.21 14.92 9.53
N LEU H 103 -17.52 14.51 8.47
CA LEU H 103 -18.09 14.53 7.13
C LEU H 103 -19.35 13.66 7.09
N ALA H 104 -19.22 12.47 7.66
CA ALA H 104 -20.34 11.54 7.77
C ALA H 104 -21.45 12.12 8.63
N LYS H 105 -21.07 12.77 9.73
CA LYS H 105 -22.05 13.37 10.64
C LYS H 105 -22.90 14.41 9.93
N HIS H 106 -22.24 15.37 9.29
CA HIS H 106 -22.95 16.43 8.58
C HIS H 106 -23.75 15.88 7.42
N ALA H 107 -23.22 14.84 6.77
CA ALA H 107 -23.91 14.20 5.67
C ALA H 107 -25.23 13.59 6.12
N VAL H 108 -25.18 12.81 7.20
CA VAL H 108 -26.36 12.20 7.78
C VAL H 108 -27.34 13.27 8.25
N SER H 109 -26.80 14.36 8.79
CA SER H 109 -27.61 15.49 9.22
C SER H 109 -28.42 16.08 8.06
N GLU H 110 -27.73 16.42 6.98
CA GLU H 110 -28.36 16.99 5.79
C GLU H 110 -29.36 16.02 5.17
N GLY H 111 -29.02 14.74 5.17
CA GLY H 111 -29.90 13.72 4.62
C GLY H 111 -31.19 13.61 5.41
N THR H 112 -31.07 13.56 6.73
CA THR H 112 -32.22 13.48 7.61
C THR H 112 -33.10 14.72 7.47
N LYS H 113 -32.45 15.88 7.41
CA LYS H 113 -33.17 17.14 7.20
C LYS H 113 -33.97 17.10 5.90
N ALA H 114 -33.33 16.65 4.83
CA ALA H 114 -33.96 16.62 3.52
C ALA H 114 -35.13 15.64 3.48
N VAL H 115 -34.95 14.45 4.03
CA VAL H 115 -35.99 13.44 3.99
C VAL H 115 -37.15 13.82 4.92
N THR H 116 -36.86 14.57 5.97
CA THR H 116 -37.89 15.04 6.89
C THR H 116 -38.71 16.15 6.23
N LYS H 117 -38.02 17.11 5.64
CA LYS H 117 -38.67 18.22 4.95
C LYS H 117 -39.50 17.71 3.77
N TYR H 118 -39.00 16.65 3.12
CA TYR H 118 -39.73 16.04 2.02
C TYR H 118 -40.94 15.27 2.55
N THR H 119 -40.77 14.64 3.70
CA THR H 119 -41.87 13.88 4.32
C THR H 119 -43.02 14.80 4.70
N SER H 120 -42.69 15.95 5.30
CA SER H 120 -43.69 16.92 5.71
C SER H 120 -44.44 17.49 4.50
N ALA H 121 -43.70 18.21 3.65
CA ALA H 121 -44.28 18.81 2.45
C ALA H 121 -44.62 17.75 1.41
N LYS H 122 -45.89 17.38 1.33
CA LYS H 122 -46.34 16.39 0.37
C LYS H 122 -46.38 16.96 -1.05
N ARG K 4 25.72 -52.73 -22.72
CA ARG K 4 24.45 -52.76 -23.44
C ARG K 4 24.46 -51.74 -24.59
N THR K 5 23.95 -52.17 -25.75
CA THR K 5 23.89 -51.32 -26.92
C THR K 5 22.62 -51.59 -27.72
N THR K 6 21.81 -50.55 -27.93
CA THR K 6 20.55 -50.69 -28.65
C THR K 6 20.66 -50.17 -30.08
N ARG K 7 19.88 -50.76 -30.98
CA ARG K 7 19.86 -50.36 -32.38
C ARG K 7 18.44 -50.35 -32.91
N ILE K 8 18.06 -49.27 -33.58
CA ILE K 8 16.70 -49.13 -34.10
C ILE K 8 16.72 -48.46 -35.47
N LYS K 9 15.71 -48.75 -36.28
CA LYS K 9 15.59 -48.15 -37.61
C LYS K 9 15.38 -46.64 -37.50
N ILE K 10 16.13 -45.88 -38.28
CA ILE K 10 16.07 -44.43 -38.22
C ILE K 10 14.74 -43.91 -38.76
N THR K 11 14.09 -44.70 -39.61
CA THR K 11 12.79 -44.35 -40.16
C THR K 11 11.73 -44.32 -39.07
N GLU K 12 11.97 -45.11 -38.02
CA GLU K 12 11.05 -45.16 -36.88
C GLU K 12 11.17 -43.90 -36.03
N LEU K 13 12.31 -43.24 -36.13
CA LEU K 13 12.59 -42.03 -35.35
C LEU K 13 12.38 -40.76 -36.17
N ASN K 14 12.28 -40.92 -37.48
CA ASN K 14 12.08 -39.79 -38.40
C ASN K 14 10.90 -38.87 -38.08
N PRO K 15 9.71 -39.43 -37.72
CA PRO K 15 8.59 -38.53 -37.45
C PRO K 15 8.80 -37.56 -36.30
N HIS K 16 9.84 -37.78 -35.50
CA HIS K 16 10.13 -36.91 -34.37
C HIS K 16 11.30 -35.97 -34.65
N LEU K 17 11.89 -36.11 -35.83
CA LEU K 17 13.07 -35.32 -36.18
C LEU K 17 12.86 -34.51 -37.47
N MET K 18 11.70 -34.68 -38.10
CA MET K 18 11.42 -34.02 -39.37
C MET K 18 10.53 -32.79 -39.22
N CYS K 19 10.73 -31.83 -40.11
CA CYS K 19 9.91 -30.61 -40.14
C CYS K 19 8.71 -30.78 -41.06
N VAL K 20 7.54 -30.39 -40.58
CA VAL K 20 6.31 -30.58 -41.33
C VAL K 20 6.15 -29.52 -42.43
N LEU K 21 6.96 -28.47 -42.37
CA LEU K 21 6.86 -27.37 -43.32
C LEU K 21 7.71 -27.60 -44.57
N CYS K 22 8.88 -28.20 -44.39
CA CYS K 22 9.79 -28.44 -45.52
C CYS K 22 9.86 -29.93 -45.86
N GLY K 23 9.43 -30.78 -44.94
CA GLY K 23 9.42 -32.21 -45.17
C GLY K 23 10.77 -32.86 -44.88
N GLY K 24 11.73 -32.05 -44.46
CA GLY K 24 13.06 -32.54 -44.18
C GLY K 24 13.40 -32.53 -42.71
N TYR K 25 14.65 -32.86 -42.39
CA TYR K 25 15.11 -32.87 -41.01
C TYR K 25 15.18 -31.46 -40.42
N PHE K 26 15.09 -31.38 -39.10
CA PHE K 26 15.17 -30.10 -38.39
C PHE K 26 16.54 -29.46 -38.54
N ILE K 27 16.57 -28.24 -39.08
CA ILE K 27 17.79 -27.45 -39.15
C ILE K 27 17.58 -26.13 -38.44
N ASP K 28 18.39 -25.90 -37.40
CA ASP K 28 18.21 -24.76 -36.49
C ASP K 28 16.79 -24.79 -35.94
N ALA K 29 16.51 -25.79 -35.12
CA ALA K 29 15.16 -26.03 -34.60
C ALA K 29 14.61 -24.82 -33.85
N THR K 30 13.36 -24.48 -34.15
CA THR K 30 12.67 -23.39 -33.50
C THR K 30 11.28 -23.83 -33.10
N THR K 31 10.90 -23.55 -31.85
CA THR K 31 9.65 -24.07 -31.30
C THR K 31 8.69 -22.97 -30.87
N ILE K 32 7.44 -23.08 -31.33
CA ILE K 32 6.36 -22.24 -30.80
C ILE K 32 5.96 -22.81 -29.46
N ILE K 33 5.80 -21.93 -28.47
CA ILE K 33 5.75 -22.31 -27.07
C ILE K 33 4.33 -22.44 -26.50
N GLU K 34 3.34 -21.98 -27.24
CA GLU K 34 1.95 -22.07 -26.78
C GLU K 34 1.36 -23.46 -27.06
N CYS K 35 2.18 -24.34 -27.63
CA CYS K 35 1.74 -25.69 -27.96
C CYS K 35 2.94 -26.62 -28.12
N LEU K 36 4.14 -26.09 -27.91
CA LEU K 36 5.39 -26.85 -28.04
C LEU K 36 5.50 -27.55 -29.38
N HIS K 37 5.51 -26.78 -30.46
CA HIS K 37 5.65 -27.38 -31.79
C HIS K 37 6.88 -26.87 -32.51
N SER K 38 7.64 -27.79 -33.10
CA SER K 38 8.94 -27.44 -33.66
C SER K 38 8.97 -27.45 -35.18
N PHE K 39 9.72 -26.51 -35.74
CA PHE K 39 9.94 -26.41 -37.17
C PHE K 39 11.36 -25.94 -37.41
N CYS K 40 11.79 -25.89 -38.67
CA CYS K 40 13.05 -25.25 -39.01
C CYS K 40 12.91 -23.76 -38.73
N LYS K 41 14.01 -23.09 -38.41
CA LYS K 41 13.95 -21.65 -38.11
C LYS K 41 13.40 -20.89 -39.30
N THR K 42 14.03 -21.07 -40.46
CA THR K 42 13.63 -20.37 -41.67
C THR K 42 12.19 -20.67 -42.06
N CYS K 43 11.80 -21.93 -41.94
CA CYS K 43 10.45 -22.36 -42.30
C CYS K 43 9.37 -21.67 -41.48
N ILE K 44 9.52 -21.71 -40.16
CA ILE K 44 8.52 -21.12 -39.27
C ILE K 44 8.57 -19.59 -39.32
N VAL K 45 9.76 -19.03 -39.52
CA VAL K 45 9.89 -17.58 -39.62
C VAL K 45 9.17 -17.07 -40.86
N ARG K 46 9.40 -17.74 -41.99
CA ARG K 46 8.72 -17.38 -43.23
C ARG K 46 7.22 -17.62 -43.12
N TYR K 47 6.83 -18.67 -42.42
CA TYR K 47 5.42 -19.01 -42.27
C TYR K 47 4.68 -17.97 -41.45
N LEU K 48 5.31 -17.50 -40.38
CA LEU K 48 4.66 -16.55 -39.47
C LEU K 48 4.51 -15.16 -40.08
N GLU K 49 4.91 -15.01 -41.34
CA GLU K 49 4.67 -13.78 -42.07
C GLU K 49 3.42 -13.95 -42.93
N THR K 50 2.89 -15.17 -42.95
CA THR K 50 1.70 -15.48 -43.73
C THR K 50 0.52 -15.87 -42.84
N SER K 51 0.82 -16.24 -41.60
CA SER K 51 -0.22 -16.65 -40.65
C SER K 51 0.24 -16.45 -39.22
N LYS K 52 -0.71 -16.17 -38.33
CA LYS K 52 -0.40 -15.96 -36.92
C LYS K 52 -0.79 -17.19 -36.10
N TYR K 53 -1.20 -18.25 -36.78
CA TYR K 53 -1.63 -19.48 -36.12
C TYR K 53 -0.69 -20.63 -36.46
N CYS K 54 -0.65 -21.62 -35.58
CA CYS K 54 0.21 -22.79 -35.76
C CYS K 54 -0.14 -23.57 -37.03
N PRO K 55 0.88 -24.04 -37.76
CA PRO K 55 0.68 -24.87 -38.96
C PRO K 55 0.00 -26.19 -38.64
N ILE K 56 0.19 -26.70 -37.43
CA ILE K 56 -0.29 -28.03 -37.08
C ILE K 56 -1.61 -28.01 -36.31
N CYS K 57 -1.60 -27.42 -35.13
CA CYS K 57 -2.78 -27.45 -34.24
C CYS K 57 -3.62 -26.18 -34.33
N ASP K 58 -3.23 -25.27 -35.22
CA ASP K 58 -3.98 -24.04 -35.47
C ASP K 58 -4.18 -23.16 -34.24
N VAL K 59 -3.38 -23.40 -33.21
CA VAL K 59 -3.43 -22.60 -31.99
C VAL K 59 -2.69 -21.28 -32.21
N GLN K 60 -3.34 -20.17 -31.84
CA GLN K 60 -2.78 -18.84 -32.05
C GLN K 60 -1.42 -18.67 -31.39
N VAL K 61 -0.40 -18.46 -32.20
CA VAL K 61 0.96 -18.24 -31.71
C VAL K 61 1.01 -17.00 -30.83
N HIS K 62 0.48 -15.90 -31.36
CA HIS K 62 0.38 -14.65 -30.61
C HIS K 62 -0.74 -13.80 -31.19
N LYS K 63 -1.25 -12.87 -30.40
CA LYS K 63 -2.38 -12.06 -30.81
C LYS K 63 -1.98 -11.01 -31.85
N THR K 64 -0.73 -10.55 -31.77
CA THR K 64 -0.24 -9.51 -32.66
C THR K 64 1.06 -9.88 -33.36
N ARG K 65 2.06 -10.29 -32.58
CA ARG K 65 3.38 -10.60 -33.11
C ARG K 65 3.81 -12.02 -32.75
N PRO K 66 3.67 -12.96 -33.69
CA PRO K 66 3.97 -14.38 -33.47
C PRO K 66 5.43 -14.65 -33.13
N LEU K 67 6.34 -13.82 -33.64
CA LEU K 67 7.77 -13.99 -33.39
C LEU K 67 8.12 -13.89 -31.90
N LEU K 68 7.22 -13.34 -31.11
CA LEU K 68 7.44 -13.19 -29.68
C LEU K 68 7.18 -14.50 -28.93
N ASN K 69 6.67 -15.51 -29.64
CA ASN K 69 6.36 -16.79 -29.01
C ASN K 69 7.10 -17.96 -29.63
N ILE K 70 8.21 -17.68 -30.31
CA ILE K 70 9.07 -18.73 -30.82
C ILE K 70 10.43 -18.68 -30.13
N ARG K 71 10.98 -19.86 -29.83
CA ARG K 71 12.28 -19.93 -29.17
C ARG K 71 13.18 -20.96 -29.85
N SER K 72 14.46 -20.62 -29.99
CA SER K 72 15.42 -21.55 -30.56
C SER K 72 15.57 -22.77 -29.67
N ASP K 73 15.22 -23.94 -30.20
CA ASP K 73 15.28 -25.18 -29.45
C ASP K 73 16.61 -25.88 -29.67
N LYS K 74 17.59 -25.62 -28.80
CA LYS K 74 18.93 -26.16 -28.98
C LYS K 74 18.99 -27.66 -28.72
N THR K 75 18.39 -28.11 -27.62
CA THR K 75 18.44 -29.51 -27.23
C THR K 75 17.88 -30.43 -28.31
N LEU K 76 16.76 -30.04 -28.89
CA LEU K 76 16.12 -30.81 -29.95
C LEU K 76 17.02 -30.90 -31.19
N GLN K 77 17.63 -29.77 -31.55
CA GLN K 77 18.55 -29.72 -32.68
C GLN K 77 19.75 -30.61 -32.42
N ASP K 78 20.17 -30.68 -31.17
CA ASP K 78 21.28 -31.54 -30.76
C ASP K 78 20.88 -33.01 -30.91
N ILE K 79 19.62 -33.30 -30.57
CA ILE K 79 19.10 -34.66 -30.71
C ILE K 79 19.04 -35.08 -32.17
N VAL K 80 18.54 -34.21 -33.04
CA VAL K 80 18.44 -34.54 -34.46
C VAL K 80 19.81 -34.54 -35.13
N TYR K 81 20.78 -33.86 -34.51
CA TYR K 81 22.14 -33.84 -35.04
C TYR K 81 22.91 -35.08 -34.62
N LYS K 82 22.56 -35.63 -33.45
CA LYS K 82 23.23 -36.82 -32.95
C LYS K 82 22.64 -38.10 -33.53
N LEU K 83 21.31 -38.12 -33.66
CA LEU K 83 20.63 -39.30 -34.18
C LEU K 83 20.87 -39.49 -35.67
N VAL K 84 20.66 -38.44 -36.45
CA VAL K 84 20.87 -38.50 -37.90
C VAL K 84 22.35 -38.38 -38.23
N PRO K 85 22.94 -39.42 -38.82
CA PRO K 85 24.37 -39.48 -39.12
C PRO K 85 24.78 -38.59 -40.29
N GLY K 86 25.81 -37.77 -40.06
CA GLY K 86 26.39 -36.95 -41.11
C GLY K 86 25.55 -35.75 -41.52
N LEU K 87 24.48 -35.50 -40.78
CA LEU K 87 23.60 -34.36 -41.07
C LEU K 87 24.31 -33.04 -40.83
N PHE K 88 24.96 -32.93 -39.67
CA PHE K 88 25.68 -31.73 -39.29
C PHE K 88 26.79 -31.41 -40.29
N LYS K 89 27.54 -32.44 -40.65
CA LYS K 89 28.62 -32.30 -41.62
C LYS K 89 28.09 -31.80 -42.96
N ASN K 90 26.95 -32.33 -43.38
CA ASN K 90 26.35 -31.94 -44.64
C ASN K 90 25.86 -30.50 -44.62
N GLU K 91 25.20 -30.11 -43.55
CA GLU K 91 24.68 -28.75 -43.42
C GLU K 91 25.82 -27.73 -43.36
N MET K 92 26.85 -28.05 -42.58
CA MET K 92 28.03 -27.20 -42.50
C MET K 92 28.71 -27.11 -43.87
N LYS K 93 28.71 -28.21 -44.61
CA LYS K 93 29.27 -28.25 -45.95
C LYS K 93 28.48 -27.32 -46.87
N ARG K 94 27.17 -27.28 -46.70
CA ARG K 94 26.30 -26.39 -47.47
C ARG K 94 26.62 -24.94 -47.14
N ARG K 95 26.78 -24.65 -45.86
CA ARG K 95 27.10 -23.29 -45.42
C ARG K 95 28.44 -22.82 -45.96
N ARG K 96 29.43 -23.71 -45.96
CA ARG K 96 30.75 -23.37 -46.47
C ARG K 96 30.75 -23.20 -47.98
N ASP K 97 30.04 -24.09 -48.67
CA ASP K 97 29.96 -24.04 -50.13
C ASP K 97 29.20 -22.82 -50.62
N PHE K 98 28.24 -22.36 -49.82
CA PHE K 98 27.46 -21.19 -50.19
C PHE K 98 28.29 -19.91 -50.12
N TYR K 99 29.04 -19.75 -49.03
CA TYR K 99 29.88 -18.57 -48.85
C TYR K 99 31.22 -18.72 -49.55
N ALA K 100 31.36 -19.80 -50.31
CA ALA K 100 32.58 -20.05 -51.08
C ALA K 100 32.63 -19.17 -52.33
N ALA K 101 31.48 -18.63 -52.69
CA ALA K 101 31.37 -17.75 -53.85
C ALA K 101 30.79 -16.40 -53.46
N HIS K 102 30.23 -16.33 -52.26
CA HIS K 102 29.62 -15.10 -51.77
C HIS K 102 30.35 -14.58 -50.53
N PRO K 103 31.08 -13.46 -50.68
CA PRO K 103 31.87 -12.87 -49.60
C PRO K 103 31.10 -11.82 -48.81
N SER K 104 30.17 -12.26 -47.96
CA SER K 104 29.40 -11.34 -47.15
C SER K 104 28.69 -12.06 -46.00
N ALA K 105 28.75 -11.47 -44.80
CA ALA K 105 28.06 -11.99 -43.62
C ALA K 105 28.46 -13.42 -43.29
N ASP K 106 29.57 -13.57 -42.57
CA ASP K 106 30.08 -14.89 -42.21
C ASP K 106 29.25 -15.53 -41.09
N ALA K 107 29.01 -14.76 -40.03
CA ALA K 107 28.27 -15.25 -38.87
C ALA K 107 26.80 -15.47 -39.21
N ALA K 108 26.46 -16.70 -39.61
CA ALA K 108 25.10 -17.04 -39.98
C ALA K 108 24.80 -18.50 -39.71
N LYS L 15 13.90 -8.26 -35.79
CA LYS L 15 15.04 -8.21 -34.89
C LYS L 15 15.45 -9.61 -34.43
N THR L 16 16.72 -9.96 -34.67
CA THR L 16 17.30 -11.24 -34.28
C THR L 16 16.55 -12.44 -34.88
N TRP L 17 15.74 -12.18 -35.91
CA TRP L 17 15.06 -13.25 -36.63
C TRP L 17 15.19 -13.04 -38.13
N GLU L 18 15.90 -11.99 -38.51
CA GLU L 18 16.16 -11.71 -39.92
C GLU L 18 17.05 -12.80 -40.50
N LEU L 19 16.52 -13.52 -41.50
CA LEU L 19 17.25 -14.63 -42.10
C LEU L 19 18.42 -14.13 -42.93
N SER L 20 19.55 -14.82 -42.84
CA SER L 20 20.75 -14.44 -43.56
C SER L 20 20.66 -14.85 -45.04
N LEU L 21 21.77 -14.67 -45.77
CA LEU L 21 21.81 -15.00 -47.18
C LEU L 21 21.57 -16.48 -47.44
N TYR L 22 22.16 -17.32 -46.59
CA TYR L 22 22.01 -18.76 -46.72
C TYR L 22 20.63 -19.22 -46.25
N GLU L 23 20.14 -18.60 -45.19
CA GLU L 23 18.89 -19.01 -44.57
C GLU L 23 17.68 -18.66 -45.45
N LEU L 24 17.83 -17.66 -46.31
CA LEU L 24 16.73 -17.22 -47.17
C LEU L 24 16.48 -18.18 -48.32
N GLN L 25 17.41 -19.10 -48.55
CA GLN L 25 17.30 -20.02 -49.68
C GLN L 25 17.83 -21.41 -49.38
N ARG L 26 17.87 -21.79 -48.10
CA ARG L 26 18.38 -23.10 -47.73
C ARG L 26 17.47 -24.21 -48.22
N THR L 27 18.08 -25.28 -48.73
CA THR L 27 17.33 -26.42 -49.24
C THR L 27 17.06 -27.43 -48.12
N PRO L 28 15.92 -28.12 -48.19
CA PRO L 28 15.53 -29.09 -47.16
C PRO L 28 16.50 -30.27 -47.06
N GLN L 29 16.87 -30.63 -45.84
CA GLN L 29 17.68 -31.83 -45.62
C GLN L 29 16.81 -33.07 -45.76
N GLU L 30 16.93 -33.75 -46.89
CA GLU L 30 16.11 -34.91 -47.19
C GLU L 30 16.25 -36.00 -46.13
N ALA L 31 15.13 -36.60 -45.75
CA ALA L 31 15.11 -37.63 -44.73
C ALA L 31 15.65 -38.96 -45.26
N ILE L 32 16.39 -39.66 -44.41
CA ILE L 32 16.91 -40.98 -44.76
C ILE L 32 15.77 -42.00 -44.80
N THR L 33 15.31 -42.32 -46.01
CA THR L 33 14.15 -43.17 -46.18
C THR L 33 14.49 -44.65 -46.33
N ASP L 34 15.73 -44.95 -46.71
CA ASP L 34 16.17 -46.34 -46.81
C ASP L 34 16.26 -46.97 -45.43
N GLY L 35 15.72 -48.17 -45.29
CA GLY L 35 15.64 -48.84 -44.01
C GLY L 35 16.97 -49.25 -43.43
N LEU L 36 17.68 -48.29 -42.82
CA LEU L 36 18.92 -48.58 -42.12
C LEU L 36 18.74 -48.32 -40.63
N GLU L 37 19.46 -49.10 -39.82
CA GLU L 37 19.35 -48.98 -38.36
C GLU L 37 20.40 -48.02 -37.82
N ILE L 38 20.09 -47.39 -36.68
CA ILE L 38 21.02 -46.48 -36.03
C ILE L 38 21.48 -47.05 -34.69
N VAL L 39 22.78 -47.00 -34.44
CA VAL L 39 23.35 -47.50 -33.19
C VAL L 39 23.54 -46.37 -32.18
N VAL L 40 22.96 -46.55 -31.00
CA VAL L 40 23.08 -45.55 -29.95
C VAL L 40 23.38 -46.18 -28.59
N SER L 41 24.44 -45.71 -27.95
CA SER L 41 24.81 -46.15 -26.62
C SER L 41 23.87 -45.51 -25.60
N PRO L 42 23.75 -46.13 -24.41
CA PRO L 42 22.89 -45.55 -23.36
C PRO L 42 23.42 -44.24 -22.77
N ARG L 43 24.52 -43.74 -23.34
CA ARG L 43 25.08 -42.46 -22.91
C ARG L 43 25.23 -41.49 -24.09
N SER L 44 24.69 -41.89 -25.24
CA SER L 44 24.77 -41.08 -26.44
C SER L 44 23.94 -39.81 -26.31
N LEU L 45 22.67 -39.98 -25.95
CA LEU L 45 21.76 -38.84 -25.78
C LEU L 45 21.56 -38.55 -24.30
N HIS L 46 22.66 -38.59 -23.54
CA HIS L 46 22.61 -38.39 -22.10
C HIS L 46 22.10 -37.00 -21.74
N SER L 47 22.92 -35.99 -21.98
CA SER L 47 22.61 -34.61 -21.58
C SER L 47 21.37 -34.06 -22.29
N GLU L 48 20.94 -34.72 -23.36
CA GLU L 48 19.78 -34.26 -24.11
C GLU L 48 18.49 -34.85 -23.57
N LEU L 49 18.60 -36.00 -22.90
CA LEU L 49 17.41 -36.70 -22.40
C LEU L 49 17.43 -36.86 -20.88
N MET L 50 18.44 -36.28 -20.22
CA MET L 50 18.56 -36.36 -18.77
C MET L 50 17.81 -35.23 -18.08
N CYS L 51 17.08 -35.57 -17.03
CA CYS L 51 16.46 -34.57 -16.17
C CYS L 51 17.51 -33.93 -15.27
N PRO L 52 17.67 -32.60 -15.36
CA PRO L 52 18.66 -31.87 -14.58
C PRO L 52 18.44 -32.00 -13.07
N ILE L 53 17.21 -32.31 -12.67
CA ILE L 53 16.86 -32.38 -11.26
C ILE L 53 17.19 -33.73 -10.63
N CYS L 54 16.62 -34.80 -11.17
CA CYS L 54 16.80 -36.13 -10.59
C CYS L 54 17.97 -36.89 -11.22
N LEU L 55 18.65 -36.25 -12.17
CA LEU L 55 19.81 -36.81 -12.85
C LEU L 55 19.51 -38.14 -13.54
N ASP L 56 18.25 -38.34 -13.90
CA ASP L 56 17.83 -39.59 -14.55
C ASP L 56 17.08 -39.27 -15.85
N MET L 57 16.71 -40.32 -16.58
CA MET L 57 15.98 -40.15 -17.83
C MET L 57 14.61 -39.51 -17.59
N LEU L 58 14.18 -38.68 -18.54
CA LEU L 58 12.93 -37.93 -18.40
C LEU L 58 11.71 -38.86 -18.35
N LYS L 59 10.67 -38.40 -17.66
CA LYS L 59 9.41 -39.11 -17.55
C LYS L 59 8.29 -38.11 -17.31
N ASN L 60 7.25 -38.16 -18.13
CA ASN L 60 6.21 -37.15 -18.16
C ASN L 60 6.83 -35.76 -18.35
N THR L 61 7.48 -35.58 -19.49
CA THR L 61 8.33 -34.42 -19.74
C THR L 61 7.56 -33.10 -19.79
N MET L 62 8.00 -32.15 -18.97
CA MET L 62 7.49 -30.79 -19.00
C MET L 62 8.57 -29.84 -19.51
N THR L 63 8.18 -28.94 -20.41
CA THR L 63 9.13 -28.01 -21.00
C THR L 63 8.75 -26.56 -20.69
N THR L 64 9.69 -25.81 -20.15
CA THR L 64 9.47 -24.41 -19.81
C THR L 64 9.24 -23.57 -21.07
N LYS L 65 8.21 -22.72 -21.04
CA LYS L 65 7.82 -21.93 -22.20
C LYS L 65 8.82 -20.85 -22.58
N GLU L 66 9.59 -20.37 -21.60
CA GLU L 66 10.49 -19.25 -21.82
C GLU L 66 11.86 -19.68 -22.34
N CYS L 67 12.36 -20.80 -21.84
CA CYS L 67 13.73 -21.21 -22.14
C CYS L 67 13.82 -22.58 -22.80
N LEU L 68 12.68 -23.23 -22.98
CA LEU L 68 12.62 -24.56 -23.61
C LEU L 68 13.52 -25.58 -22.93
N HIS L 69 13.47 -25.62 -21.61
CA HIS L 69 14.25 -26.58 -20.84
C HIS L 69 13.36 -27.70 -20.31
N ARG L 70 13.81 -28.93 -20.49
CA ARG L 70 13.02 -30.10 -20.15
C ARG L 70 13.29 -30.62 -18.75
N PHE L 71 12.21 -30.97 -18.05
CA PHE L 71 12.29 -31.56 -16.72
C PHE L 71 11.23 -32.65 -16.59
N CYS L 72 11.28 -33.41 -15.50
CA CYS L 72 10.19 -34.32 -15.17
C CYS L 72 9.07 -33.52 -14.53
N ALA L 73 7.83 -34.00 -14.67
CA ALA L 73 6.67 -33.30 -14.15
C ALA L 73 6.78 -33.05 -12.65
N ASP L 74 6.75 -34.13 -11.87
CA ASP L 74 6.82 -34.04 -10.42
C ASP L 74 8.09 -33.34 -9.97
N CYS L 75 9.18 -33.54 -10.72
CA CYS L 75 10.46 -32.94 -10.38
C CYS L 75 10.41 -31.41 -10.45
N ILE L 76 9.96 -30.87 -11.57
CA ILE L 76 9.93 -29.43 -11.74
C ILE L 76 8.82 -28.78 -10.90
N ILE L 77 7.71 -29.51 -10.71
CA ILE L 77 6.62 -29.00 -9.88
C ILE L 77 7.08 -28.86 -8.42
N THR L 78 7.67 -29.93 -7.90
CA THR L 78 8.20 -29.92 -6.55
C THR L 78 9.33 -28.91 -6.42
N ALA L 79 10.09 -28.74 -7.49
CA ALA L 79 11.16 -27.75 -7.54
C ALA L 79 10.60 -26.35 -7.39
N LEU L 80 9.44 -26.11 -7.99
CA LEU L 80 8.78 -24.81 -7.91
C LEU L 80 8.19 -24.57 -6.52
N ARG L 81 7.48 -25.57 -6.00
CA ARG L 81 6.80 -25.42 -4.72
C ARG L 81 7.77 -25.22 -3.56
N SER L 82 8.95 -25.82 -3.66
CA SER L 82 9.94 -25.72 -2.59
C SER L 82 11.23 -25.05 -3.08
N GLY L 83 11.24 -23.73 -3.07
CA GLY L 83 12.40 -22.97 -3.50
C GLY L 83 12.05 -21.78 -4.36
N ASN L 84 13.06 -21.24 -5.05
CA ASN L 84 12.86 -20.09 -5.92
C ASN L 84 11.95 -20.44 -7.10
N LYS L 85 11.23 -19.44 -7.60
CA LYS L 85 10.32 -19.63 -8.71
C LYS L 85 11.03 -19.32 -10.03
N GLU L 86 12.15 -19.99 -10.26
CA GLU L 86 12.94 -19.79 -11.46
C GLU L 86 13.31 -21.13 -12.10
N CYS L 87 13.96 -21.07 -13.26
CA CYS L 87 14.39 -22.27 -13.95
C CYS L 87 15.69 -22.80 -13.37
N PRO L 88 15.70 -24.07 -12.95
CA PRO L 88 16.86 -24.70 -12.31
C PRO L 88 18.13 -24.69 -13.17
N THR L 89 17.98 -24.51 -14.49
CA THR L 89 19.11 -24.59 -15.39
C THR L 89 19.68 -23.23 -15.80
N CYS L 90 18.80 -22.26 -16.05
CA CYS L 90 19.26 -20.97 -16.56
C CYS L 90 18.74 -19.79 -15.74
N ARG L 91 18.21 -20.09 -14.55
CA ARG L 91 17.78 -19.07 -13.58
C ARG L 91 16.67 -18.14 -14.09
N LYS L 92 16.11 -18.43 -15.26
CA LYS L 92 15.00 -17.64 -15.77
C LYS L 92 13.73 -17.97 -14.99
N LYS L 93 12.94 -16.95 -14.70
CA LYS L 93 11.81 -17.10 -13.80
C LYS L 93 10.58 -17.73 -14.47
N LEU L 94 9.86 -18.54 -13.71
CA LEU L 94 8.55 -19.04 -14.11
C LEU L 94 7.62 -19.04 -12.90
N VAL L 95 6.49 -18.34 -13.04
CA VAL L 95 5.60 -18.09 -11.91
C VAL L 95 5.01 -19.36 -11.30
N SER L 96 4.73 -20.35 -12.14
CA SER L 96 4.10 -21.58 -11.66
C SER L 96 4.28 -22.73 -12.63
N LYS L 97 3.46 -23.77 -12.46
CA LYS L 97 3.52 -24.94 -13.33
C LYS L 97 2.78 -24.70 -14.65
N ARG L 98 2.19 -23.51 -14.78
CA ARG L 98 1.46 -23.16 -15.98
C ARG L 98 2.38 -22.49 -17.00
N SER L 99 3.59 -22.15 -16.55
CA SER L 99 4.58 -21.53 -17.42
C SER L 99 5.38 -22.59 -18.17
N LEU L 100 4.94 -23.83 -18.06
CA LEU L 100 5.57 -24.93 -18.79
C LEU L 100 4.51 -25.86 -19.37
N ARG L 101 4.74 -26.30 -20.61
CA ARG L 101 3.79 -27.15 -21.31
C ARG L 101 4.33 -28.58 -21.41
N PRO L 102 3.42 -29.57 -21.39
CA PRO L 102 3.84 -30.96 -21.55
C PRO L 102 4.44 -31.22 -22.92
N ASP L 103 5.49 -32.02 -22.97
CA ASP L 103 6.18 -32.33 -24.23
C ASP L 103 6.05 -33.82 -24.55
N PRO L 104 4.98 -34.20 -25.26
CA PRO L 104 4.72 -35.59 -25.62
C PRO L 104 5.71 -36.13 -26.65
N ASN L 105 6.31 -35.22 -27.42
CA ASN L 105 7.29 -35.60 -28.43
C ASN L 105 8.50 -36.26 -27.80
N PHE L 106 9.01 -35.66 -26.73
CA PHE L 106 10.13 -36.21 -25.99
C PHE L 106 9.76 -37.56 -25.37
N ASP L 107 8.53 -37.67 -24.88
CA ASP L 107 8.04 -38.92 -24.29
C ASP L 107 8.01 -40.04 -25.33
N ALA L 108 7.55 -39.71 -26.53
CA ALA L 108 7.48 -40.69 -27.60
C ALA L 108 8.86 -41.10 -28.09
N LEU L 109 9.74 -40.12 -28.24
CA LEU L 109 11.11 -40.37 -28.68
C LEU L 109 11.85 -41.24 -27.68
N ILE L 110 11.69 -40.93 -26.40
CA ILE L 110 12.27 -41.73 -25.33
C ILE L 110 11.69 -43.14 -25.35
N SER L 111 10.38 -43.23 -25.51
CA SER L 111 9.69 -44.53 -25.54
C SER L 111 10.21 -45.40 -26.69
N LYS L 112 10.53 -44.78 -27.81
CA LYS L 112 11.05 -45.51 -28.96
C LYS L 112 12.51 -45.90 -28.77
N ILE L 113 13.30 -45.02 -28.17
CA ILE L 113 14.72 -45.28 -27.99
C ILE L 113 15.00 -46.08 -26.72
N TYR L 114 14.55 -45.58 -25.58
CA TYR L 114 14.77 -46.26 -24.30
C TYR L 114 13.46 -46.67 -23.64
N PRO L 115 13.00 -47.90 -23.91
CA PRO L 115 11.77 -48.44 -23.31
C PRO L 115 11.98 -48.87 -21.85
N SER L 116 12.35 -47.94 -20.98
CA SER L 116 12.58 -48.25 -19.57
C SER L 116 12.44 -46.99 -18.71
N GLY L 117 11.21 -46.61 -18.41
CA GLY L 117 10.93 -45.39 -17.68
C GLY L 117 11.45 -45.38 -16.25
N SER L 118 11.52 -46.57 -15.63
CA SER L 118 11.97 -46.72 -14.26
C SER L 118 11.15 -45.87 -13.29
N GLY L 119 10.01 -46.39 -12.86
CA GLY L 119 9.12 -45.67 -11.97
C GLY L 119 9.57 -45.65 -10.53
N SER L 120 10.73 -45.04 -10.29
CA SER L 120 11.27 -44.91 -8.94
C SER L 120 12.35 -43.83 -8.91
N ARG L 121 12.02 -42.68 -8.33
CA ARG L 121 12.94 -41.55 -8.31
C ARG L 121 12.99 -40.89 -6.93
N SER L 122 14.17 -40.38 -6.58
CA SER L 122 14.41 -39.65 -5.32
C SER L 122 14.28 -40.55 -4.08
N ALA L 123 15.11 -40.30 -3.07
CA ALA L 123 16.12 -39.25 -3.12
C ALA L 123 17.51 -39.86 -3.03
N LEU L 124 17.58 -41.08 -2.50
CA LEU L 124 18.83 -41.83 -2.41
C LEU L 124 19.39 -42.13 -3.79
N LYS L 125 18.49 -42.33 -4.75
CA LYS L 125 18.89 -42.66 -6.12
C LYS L 125 19.68 -41.52 -6.76
N ARG L 126 19.24 -40.29 -6.53
CA ARG L 126 19.95 -39.13 -7.07
C ARG L 126 21.31 -38.99 -6.38
N ILE L 127 21.36 -39.36 -5.12
CA ILE L 127 22.62 -39.37 -4.37
C ILE L 127 23.61 -40.34 -5.00
N ASN L 128 23.13 -41.54 -5.31
CA ASN L 128 23.97 -42.57 -5.92
C ASN L 128 24.42 -42.19 -7.33
N LYS L 129 23.49 -41.67 -8.13
CA LYS L 129 23.80 -41.24 -9.49
C LYS L 129 24.83 -40.11 -9.46
N GLU L 130 24.67 -39.21 -8.50
CA GLU L 130 25.61 -38.10 -8.34
C GLU L 130 26.95 -38.61 -7.84
N LEU L 131 26.93 -39.73 -7.12
CA LEU L 131 28.16 -40.36 -6.64
C LEU L 131 28.93 -40.96 -7.80
N SER L 132 28.20 -41.63 -8.69
CA SER L 132 28.81 -42.20 -9.90
C SER L 132 29.34 -41.08 -10.78
N ASP L 133 28.59 -39.99 -10.87
CA ASP L 133 29.01 -38.83 -11.64
C ASP L 133 30.19 -38.13 -10.99
N LEU L 134 30.38 -38.38 -9.70
CA LEU L 134 31.49 -37.81 -8.96
C LEU L 134 32.75 -38.63 -9.19
N ALA L 135 32.61 -39.95 -9.16
CA ALA L 135 33.74 -40.85 -9.33
C ALA L 135 34.20 -40.93 -10.78
N ARG L 136 33.27 -40.73 -11.71
CA ARG L 136 33.57 -40.79 -13.13
C ARG L 136 34.58 -39.70 -13.53
N ASP L 137 34.27 -38.46 -13.17
CA ASP L 137 35.16 -37.34 -13.44
C ASP L 137 35.00 -36.24 -12.39
N PRO L 138 35.81 -36.33 -11.32
CA PRO L 138 35.79 -35.34 -10.24
C PRO L 138 36.23 -33.96 -10.75
N PRO L 139 35.79 -32.89 -10.07
CA PRO L 139 36.21 -31.52 -10.43
C PRO L 139 37.70 -31.30 -10.18
N ALA L 140 38.18 -30.11 -10.50
CA ALA L 140 39.60 -29.78 -10.37
C ALA L 140 40.11 -29.97 -8.95
N GLN L 141 41.02 -30.92 -8.76
CA GLN L 141 41.71 -31.05 -7.48
C GLN L 141 40.69 -31.15 -6.34
N CYS L 142 39.58 -31.84 -6.56
CA CYS L 142 38.60 -31.99 -5.49
C CYS L 142 38.13 -33.44 -5.38
N SER L 143 37.44 -33.74 -4.29
CA SER L 143 36.93 -35.08 -4.04
C SER L 143 35.75 -35.05 -3.06
N ALA L 144 34.90 -36.07 -3.14
CA ALA L 144 33.74 -36.17 -2.26
C ALA L 144 33.19 -37.60 -2.26
N GLY L 145 32.95 -38.13 -1.08
CA GLY L 145 32.43 -39.48 -0.95
C GLY L 145 31.99 -39.81 0.47
N PRO L 146 30.95 -40.63 0.61
CA PRO L 146 30.37 -41.00 1.91
C PRO L 146 31.39 -41.61 2.86
N VAL L 147 31.32 -41.22 4.13
CA VAL L 147 32.24 -41.70 5.15
C VAL L 147 32.04 -43.20 5.40
N GLY L 148 30.78 -43.62 5.48
CA GLY L 148 30.46 -45.01 5.73
C GLY L 148 29.36 -45.54 4.84
N ASP L 149 28.44 -46.28 5.44
CA ASP L 149 27.31 -46.86 4.70
C ASP L 149 26.23 -45.81 4.42
N ASP L 150 26.10 -44.86 5.34
CA ASP L 150 25.11 -43.80 5.19
C ASP L 150 25.47 -42.86 4.05
N MET L 151 24.59 -42.79 3.06
CA MET L 151 24.85 -41.97 1.86
C MET L 151 24.45 -40.51 2.08
N PHE L 152 23.73 -40.25 3.16
CA PHE L 152 23.26 -38.89 3.44
C PHE L 152 24.34 -38.06 4.13
N HIS L 153 25.38 -38.73 4.61
CA HIS L 153 26.50 -38.03 5.24
C HIS L 153 27.79 -38.30 4.47
N TRP L 154 28.24 -37.31 3.71
CA TRP L 154 29.45 -37.44 2.90
C TRP L 154 30.64 -36.71 3.52
N GLN L 155 31.83 -37.16 3.15
CA GLN L 155 33.06 -36.47 3.48
C GLN L 155 33.73 -36.02 2.20
N ALA L 156 33.97 -34.71 2.07
CA ALA L 156 34.58 -34.15 0.88
C ALA L 156 35.96 -33.60 1.18
N THR L 157 36.93 -33.97 0.34
CA THR L 157 38.30 -33.52 0.48
C THR L 157 38.69 -32.59 -0.66
N ILE L 158 38.92 -31.32 -0.34
CA ILE L 158 39.33 -30.35 -1.35
C ILE L 158 40.72 -29.82 -1.05
N MET L 159 41.61 -29.92 -2.03
CA MET L 159 43.00 -29.48 -1.87
C MET L 159 43.14 -28.00 -2.14
N GLY L 160 44.38 -27.55 -2.31
CA GLY L 160 44.66 -26.15 -2.58
C GLY L 160 44.86 -25.87 -4.05
N PRO L 161 44.02 -24.99 -4.61
CA PRO L 161 44.09 -24.61 -6.03
C PRO L 161 45.30 -23.74 -6.35
N ASN L 162 45.82 -23.84 -7.57
CA ASN L 162 46.96 -23.03 -7.99
C ASN L 162 46.57 -21.57 -8.14
N ASP L 163 47.57 -20.70 -8.09
CA ASP L 163 47.37 -19.25 -8.19
C ASP L 163 46.39 -18.76 -7.12
N SER L 164 46.67 -19.11 -5.87
CA SER L 164 45.81 -18.76 -4.75
C SER L 164 46.61 -18.75 -3.45
N PRO L 165 46.16 -17.98 -2.45
CA PRO L 165 46.84 -17.95 -1.15
C PRO L 165 46.70 -19.26 -0.37
N TYR L 166 45.86 -20.16 -0.86
CA TYR L 166 45.67 -21.46 -0.23
C TYR L 166 46.30 -22.58 -1.05
N GLN L 167 47.18 -22.20 -1.98
CA GLN L 167 47.84 -23.18 -2.85
C GLN L 167 48.75 -24.11 -2.05
N GLY L 168 48.40 -25.39 -2.03
CA GLY L 168 49.15 -26.38 -1.28
C GLY L 168 48.51 -26.68 0.06
N GLY L 169 48.19 -27.96 0.28
CA GLY L 169 47.56 -28.37 1.52
C GLY L 169 46.31 -29.19 1.27
N VAL L 170 45.62 -29.55 2.35
CA VAL L 170 44.42 -30.37 2.25
C VAL L 170 43.33 -29.84 3.19
N PHE L 171 42.10 -29.82 2.70
CA PHE L 171 40.97 -29.32 3.48
C PHE L 171 39.80 -30.29 3.48
N PHE L 172 39.51 -30.86 4.64
CA PHE L 172 38.39 -31.78 4.80
C PHE L 172 37.13 -31.05 5.25
N LEU L 173 36.00 -31.39 4.66
CA LEU L 173 34.72 -30.82 5.05
C LEU L 173 33.62 -31.88 5.00
N THR L 174 32.55 -31.68 5.77
CA THR L 174 31.47 -32.65 5.81
C THR L 174 30.23 -32.13 5.07
N ILE L 175 29.51 -33.05 4.43
CA ILE L 175 28.32 -32.69 3.66
C ILE L 175 27.10 -33.47 4.15
N HIS L 176 26.11 -32.75 4.66
CA HIS L 176 24.89 -33.37 5.17
C HIS L 176 23.73 -33.20 4.19
N PHE L 177 23.32 -34.29 3.57
CA PHE L 177 22.23 -34.25 2.61
C PHE L 177 20.87 -34.31 3.30
N PRO L 178 20.00 -33.32 3.01
CA PRO L 178 18.64 -33.24 3.56
C PRO L 178 17.77 -34.41 3.11
N THR L 179 16.64 -34.61 3.78
CA THR L 179 15.72 -35.67 3.43
C THR L 179 15.04 -35.38 2.08
N ASP L 180 14.78 -34.10 1.83
CA ASP L 180 14.10 -33.68 0.62
C ASP L 180 15.09 -33.23 -0.47
N TYR L 181 16.32 -33.72 -0.39
CA TYR L 181 17.33 -33.47 -1.40
C TYR L 181 16.86 -34.02 -2.74
N PRO L 182 17.17 -33.33 -3.85
CA PRO L 182 17.96 -32.10 -3.99
C PRO L 182 17.13 -30.82 -3.99
N PHE L 183 15.90 -30.89 -3.50
CA PHE L 183 15.02 -29.73 -3.48
C PHE L 183 15.47 -28.73 -2.41
N LYS L 184 16.26 -29.20 -1.46
CA LYS L 184 16.87 -28.35 -0.45
C LYS L 184 18.38 -28.53 -0.47
N PRO L 185 19.14 -27.42 -0.36
CA PRO L 185 20.60 -27.47 -0.46
C PRO L 185 21.25 -28.28 0.65
N PRO L 186 22.32 -29.02 0.33
CA PRO L 186 23.06 -29.81 1.31
C PRO L 186 23.84 -28.93 2.28
N LYS L 187 23.81 -29.29 3.56
CA LYS L 187 24.52 -28.51 4.59
C LYS L 187 26.01 -28.83 4.57
N VAL L 188 26.80 -27.90 4.02
CA VAL L 188 28.23 -28.08 3.92
C VAL L 188 28.96 -27.37 5.06
N ALA L 189 29.72 -28.14 5.83
CA ALA L 189 30.46 -27.59 6.96
C ALA L 189 31.97 -27.80 6.80
N PHE L 190 32.70 -26.69 6.77
CA PHE L 190 34.15 -26.72 6.61
C PHE L 190 34.85 -26.98 7.94
N THR L 191 35.32 -28.21 8.13
CA THR L 191 35.93 -28.60 9.40
C THR L 191 37.43 -28.81 9.29
N THR L 192 38.17 -27.73 9.06
CA THR L 192 39.62 -27.76 9.00
C THR L 192 40.23 -26.43 9.43
N ARG L 193 39.36 -25.51 9.87
CA ARG L 193 39.77 -24.20 10.33
C ARG L 193 40.60 -23.43 9.31
N ILE L 194 39.92 -22.85 8.32
CA ILE L 194 40.59 -22.07 7.29
C ILE L 194 40.30 -20.58 7.45
N TYR L 195 41.33 -19.76 7.33
CA TYR L 195 41.18 -18.31 7.46
C TYR L 195 40.61 -17.70 6.18
N HIS L 196 39.29 -17.79 6.03
CA HIS L 196 38.62 -17.26 4.85
C HIS L 196 37.40 -16.42 5.24
N PRO L 197 37.20 -15.29 4.53
CA PRO L 197 36.09 -14.36 4.72
C PRO L 197 34.73 -15.04 4.91
N ASN L 198 34.31 -15.83 3.93
CA ASN L 198 32.99 -16.46 3.95
C ASN L 198 32.98 -17.78 4.73
N ILE L 199 34.17 -18.27 5.08
CA ILE L 199 34.27 -19.52 5.82
C ILE L 199 34.40 -19.26 7.32
N ASN L 200 33.32 -19.55 8.05
CA ASN L 200 33.30 -19.35 9.50
C ASN L 200 34.23 -20.32 10.22
N SER L 201 34.73 -19.91 11.38
CA SER L 201 35.62 -20.74 12.18
C SER L 201 34.89 -21.96 12.74
N ASN L 202 33.57 -21.85 12.87
CA ASN L 202 32.74 -22.94 13.35
C ASN L 202 32.61 -24.05 12.31
N GLY L 203 32.44 -23.64 11.05
CA GLY L 203 32.32 -24.58 9.96
C GLY L 203 31.38 -24.13 8.86
N SER L 204 30.43 -23.27 9.22
CA SER L 204 29.43 -22.78 8.27
C SER L 204 30.06 -21.96 7.14
N ILE L 205 29.54 -22.12 5.93
CA ILE L 205 30.03 -21.40 4.78
C ILE L 205 28.96 -20.46 4.23
N CYS L 206 29.29 -19.18 4.12
CA CYS L 206 28.36 -18.20 3.58
C CYS L 206 28.38 -18.23 2.06
N LEU L 207 27.84 -19.31 1.49
CA LEU L 207 27.76 -19.46 0.04
C LEU L 207 26.32 -19.23 -0.41
N ASP L 208 26.15 -18.31 -1.36
CA ASP L 208 24.82 -17.91 -1.80
C ASP L 208 24.06 -19.05 -2.49
N ILE L 209 24.77 -19.89 -3.24
CA ILE L 209 24.14 -20.98 -3.96
C ILE L 209 23.76 -22.11 -3.03
N LEU L 210 24.30 -22.08 -1.80
CA LEU L 210 24.01 -23.11 -0.81
C LEU L 210 22.96 -22.61 0.17
N ARG L 211 22.55 -21.35 0.02
CA ARG L 211 21.56 -20.75 0.90
C ARG L 211 20.25 -20.46 0.17
N SER L 212 20.17 -19.29 -0.45
CA SER L 212 18.95 -18.86 -1.11
C SER L 212 18.97 -19.10 -2.61
N GLN L 213 20.16 -18.99 -3.21
CA GLN L 213 20.29 -19.21 -4.65
C GLN L 213 20.55 -20.66 -5.00
N TRP L 214 19.77 -21.55 -4.40
CA TRP L 214 19.90 -22.99 -4.65
C TRP L 214 18.89 -23.48 -5.69
N SER L 215 19.36 -24.30 -6.62
CA SER L 215 18.49 -24.92 -7.61
C SER L 215 18.69 -26.43 -7.61
N PRO L 216 17.61 -27.18 -7.84
CA PRO L 216 17.64 -28.65 -7.86
C PRO L 216 18.55 -29.22 -8.94
N ALA L 217 18.98 -28.38 -9.88
CA ALA L 217 19.85 -28.84 -10.97
C ALA L 217 21.33 -28.72 -10.59
N LEU L 218 21.59 -28.29 -9.36
CA LEU L 218 22.96 -28.15 -8.88
C LEU L 218 23.48 -29.48 -8.32
N THR L 219 24.77 -29.71 -8.48
CA THR L 219 25.40 -30.93 -7.98
C THR L 219 26.50 -30.61 -6.97
N ILE L 220 26.96 -31.64 -6.27
CA ILE L 220 28.07 -31.49 -5.34
C ILE L 220 29.31 -30.99 -6.07
N SER L 221 29.48 -31.46 -7.31
CA SER L 221 30.58 -31.01 -8.15
C SER L 221 30.58 -29.50 -8.33
N LYS L 222 29.41 -28.95 -8.66
CA LYS L 222 29.27 -27.52 -8.89
C LYS L 222 29.45 -26.72 -7.60
N VAL L 223 29.04 -27.30 -6.47
CA VAL L 223 29.21 -26.66 -5.18
C VAL L 223 30.68 -26.57 -4.81
N LEU L 224 31.37 -27.70 -4.87
CA LEU L 224 32.78 -27.77 -4.55
C LEU L 224 33.62 -26.95 -5.51
N LEU L 225 33.15 -26.83 -6.75
CA LEU L 225 33.82 -25.99 -7.74
C LEU L 225 33.60 -24.53 -7.40
N SER L 226 32.41 -24.21 -6.90
CA SER L 226 32.08 -22.85 -6.49
C SER L 226 32.92 -22.43 -5.30
N ILE L 227 33.15 -23.36 -4.38
CA ILE L 227 34.03 -23.11 -3.25
C ILE L 227 35.48 -22.98 -3.71
N CYS L 228 35.84 -23.81 -4.68
CA CYS L 228 37.18 -23.78 -5.26
C CYS L 228 37.48 -22.42 -5.88
N SER L 229 36.47 -21.84 -6.54
CA SER L 229 36.59 -20.51 -7.13
C SER L 229 36.47 -19.44 -6.07
N LEU L 230 35.83 -19.77 -4.96
CA LEU L 230 35.64 -18.84 -3.85
C LEU L 230 36.95 -18.64 -3.08
N LEU L 231 37.77 -19.68 -3.04
CA LEU L 231 39.06 -19.62 -2.36
C LEU L 231 40.00 -18.64 -3.05
N CYS L 232 39.93 -18.58 -4.36
CA CYS L 232 40.76 -17.66 -5.14
C CYS L 232 40.29 -16.22 -4.97
N ASP L 233 39.04 -15.97 -5.36
CA ASP L 233 38.46 -14.64 -5.25
C ASP L 233 37.19 -14.66 -4.41
N PRO L 234 37.33 -14.33 -3.12
CA PRO L 234 36.20 -14.35 -2.17
C PRO L 234 35.22 -13.20 -2.40
N ASN L 235 34.13 -13.20 -1.64
CA ASN L 235 33.11 -12.15 -1.75
C ASN L 235 32.98 -11.37 -0.45
N PRO L 236 33.66 -10.22 -0.37
CA PRO L 236 33.65 -9.36 0.82
C PRO L 236 32.34 -8.56 0.97
N ASP L 237 31.42 -8.73 0.02
CA ASP L 237 30.14 -8.04 0.08
C ASP L 237 29.32 -8.50 1.28
N ASP L 238 29.20 -9.81 1.43
CA ASP L 238 28.49 -10.38 2.57
C ASP L 238 29.30 -11.52 3.19
N PRO L 239 30.36 -11.16 3.94
CA PRO L 239 31.23 -12.17 4.57
C PRO L 239 30.65 -12.70 5.88
N LEU L 240 31.18 -13.83 6.35
CA LEU L 240 30.74 -14.41 7.61
C LEU L 240 31.39 -13.70 8.79
N VAL L 241 32.65 -13.29 8.60
CA VAL L 241 33.39 -12.59 9.64
C VAL L 241 33.86 -11.22 9.14
N PRO L 242 33.65 -10.17 9.95
CA PRO L 242 34.01 -8.80 9.58
C PRO L 242 35.50 -8.49 9.75
N GLU L 243 36.23 -9.38 10.39
CA GLU L 243 37.65 -9.17 10.65
C GLU L 243 38.48 -9.27 9.37
N ILE L 244 37.99 -10.06 8.41
CA ILE L 244 38.71 -10.27 7.16
C ILE L 244 38.30 -9.24 6.12
N ALA L 245 37.25 -8.46 6.45
CA ALA L 245 36.79 -7.41 5.55
C ALA L 245 37.87 -6.35 5.36
N ARG L 246 38.68 -6.13 6.39
CA ARG L 246 39.77 -5.17 6.31
C ARG L 246 41.05 -5.86 5.81
N ILE L 247 41.08 -7.18 5.91
CA ILE L 247 42.23 -7.95 5.46
C ILE L 247 42.34 -7.90 3.94
N TYR L 248 41.21 -7.70 3.26
CA TYR L 248 41.20 -7.54 1.82
C TYR L 248 41.18 -6.07 1.46
N LYS L 249 41.29 -5.21 2.47
CA LYS L 249 41.43 -3.78 2.26
C LYS L 249 42.90 -3.40 2.40
N THR L 250 43.74 -4.40 2.62
CA THR L 250 45.17 -4.21 2.74
C THR L 250 45.96 -3.84 1.48
N ASP L 251 45.69 -4.41 0.29
CA ASP L 251 44.63 -5.38 0.01
C ASP L 251 45.17 -6.78 -0.22
N ARG L 252 45.45 -7.10 -1.48
CA ARG L 252 45.93 -8.43 -1.86
C ARG L 252 47.44 -8.53 -1.76
N ASP L 253 47.97 -8.27 -0.57
CA ASP L 253 49.41 -8.35 -0.34
C ASP L 253 49.71 -8.91 1.05
N LYS L 254 48.85 -8.58 2.00
CA LYS L 254 49.01 -9.06 3.38
C LYS L 254 48.14 -10.28 3.63
N TYR L 255 47.31 -10.63 2.66
CA TYR L 255 46.42 -11.78 2.78
C TYR L 255 47.14 -13.06 2.36
N ASN L 256 48.22 -12.90 1.59
CA ASN L 256 49.00 -14.05 1.13
C ASN L 256 50.11 -14.40 2.12
N ARG L 257 50.21 -13.66 3.21
CA ARG L 257 51.22 -13.90 4.23
C ARG L 257 50.57 -14.14 5.59
N ILE L 258 49.25 -14.00 5.65
CA ILE L 258 48.51 -14.21 6.89
C ILE L 258 47.62 -15.44 6.80
N SER L 259 47.21 -15.78 5.58
CA SER L 259 46.36 -16.95 5.37
C SER L 259 47.19 -18.15 4.95
N ARG L 260 48.37 -17.89 4.40
CA ARG L 260 49.26 -18.95 3.95
C ARG L 260 50.12 -19.46 5.09
N GLU L 261 50.00 -18.81 6.26
CA GLU L 261 50.77 -19.20 7.43
C GLU L 261 49.87 -19.65 8.56
N TRP L 262 48.55 -19.53 8.36
CA TRP L 262 47.58 -19.92 9.36
C TRP L 262 46.73 -21.08 8.87
N THR L 263 46.54 -21.16 7.56
CA THR L 263 45.75 -22.23 6.96
C THR L 263 46.62 -23.19 6.16
N GLN L 264 47.42 -22.63 5.25
CA GLN L 264 48.30 -23.42 4.41
C GLN L 264 49.40 -24.09 5.23
N LYS L 265 49.80 -23.43 6.32
CA LYS L 265 50.81 -23.97 7.22
C LYS L 265 50.20 -25.01 8.15
N TYR L 266 48.87 -24.98 8.28
CA TYR L 266 48.16 -25.92 9.13
C TYR L 266 47.42 -26.97 8.30
N ALA L 267 47.84 -27.14 7.06
CA ALA L 267 47.23 -28.11 6.16
C ALA L 267 48.29 -28.99 5.50
N MET L 268 49.24 -28.34 4.84
CA MET L 268 50.33 -29.06 4.17
C MET L 268 51.32 -29.63 5.18
N ARG M 7 -22.26 50.38 30.97
CA ARG M 7 -23.16 49.98 32.03
C ARG M 7 -24.46 49.40 31.47
N ILE M 8 -24.74 48.14 31.78
CA ILE M 8 -25.95 47.48 31.32
C ILE M 8 -26.66 46.76 32.46
N LYS M 9 -27.97 46.63 32.34
CA LYS M 9 -28.78 45.95 33.35
C LYS M 9 -28.51 44.46 33.36
N ILE M 10 -28.27 43.90 34.55
CA ILE M 10 -27.94 42.49 34.69
C ILE M 10 -29.17 41.62 34.43
N THR M 11 -30.35 42.24 34.43
CA THR M 11 -31.61 41.52 34.21
C THR M 11 -31.77 41.08 32.76
N GLU M 12 -30.79 41.41 31.93
CA GLU M 12 -30.81 41.06 30.52
C GLU M 12 -29.72 40.06 30.17
N LEU M 13 -28.62 40.11 30.92
CA LEU M 13 -27.49 39.21 30.70
C LEU M 13 -27.63 37.90 31.46
N ASN M 14 -28.78 37.71 32.10
CA ASN M 14 -29.04 36.50 32.87
C ASN M 14 -29.12 35.21 32.03
N PRO M 15 -29.96 35.17 30.98
CA PRO M 15 -30.14 33.89 30.29
C PRO M 15 -28.86 33.37 29.61
N HIS M 16 -27.89 34.24 29.38
CA HIS M 16 -26.61 33.83 28.82
C HIS M 16 -25.74 33.19 29.89
N LEU M 17 -26.11 33.40 31.15
CA LEU M 17 -25.37 32.86 32.27
C LEU M 17 -26.25 31.94 33.11
N MET M 18 -27.48 31.72 32.64
CA MET M 18 -28.45 30.90 33.37
C MET M 18 -28.37 29.42 32.99
N CYS M 19 -28.28 28.56 33.99
CA CYS M 19 -28.34 27.12 33.79
C CYS M 19 -29.78 26.64 33.73
N VAL M 20 -30.11 25.86 32.70
CA VAL M 20 -31.48 25.40 32.50
C VAL M 20 -31.75 24.08 33.22
N LEU M 21 -30.87 23.70 34.12
CA LEU M 21 -31.04 22.48 34.89
C LEU M 21 -31.22 22.79 36.37
N CYS M 22 -30.52 23.81 36.85
CA CYS M 22 -30.64 24.23 38.24
C CYS M 22 -31.41 25.55 38.39
N GLY M 23 -31.58 26.25 37.27
CA GLY M 23 -32.31 27.50 37.25
C GLY M 23 -31.50 28.60 37.93
N GLY M 24 -30.19 28.57 37.72
CA GLY M 24 -29.31 29.57 38.32
C GLY M 24 -28.07 29.83 37.49
N TYR M 25 -27.09 30.48 38.10
CA TYR M 25 -25.83 30.79 37.42
C TYR M 25 -24.97 29.55 37.26
N PHE M 26 -24.10 29.56 36.25
CA PHE M 26 -23.23 28.41 35.98
C PHE M 26 -22.20 28.21 37.09
N ILE M 27 -22.36 27.11 37.83
CA ILE M 27 -21.38 26.71 38.84
C ILE M 27 -20.46 25.65 38.23
N ASP M 28 -19.22 26.04 37.94
CA ASP M 28 -18.27 25.20 37.22
C ASP M 28 -18.88 24.78 35.88
N ALA M 29 -18.80 25.67 34.90
CA ALA M 29 -19.44 25.46 33.60
C ALA M 29 -18.90 24.23 32.88
N THR M 30 -19.81 23.52 32.21
CA THR M 30 -19.47 22.35 31.42
C THR M 30 -20.35 22.29 30.18
N THR M 31 -19.73 22.28 29.00
CA THR M 31 -20.48 22.31 27.76
C THR M 31 -20.37 21.00 26.98
N ILE M 32 -21.39 20.74 26.18
CA ILE M 32 -21.42 19.57 25.30
C ILE M 32 -20.75 19.90 23.98
N ILE M 33 -19.91 19.00 23.51
CA ILE M 33 -19.11 19.21 22.31
C ILE M 33 -19.94 19.44 21.05
N GLU M 34 -20.94 18.60 20.83
CA GLU M 34 -21.66 18.57 19.56
C GLU M 34 -22.68 19.70 19.36
N CYS M 35 -22.88 20.53 20.39
CA CYS M 35 -23.90 21.58 20.30
C CYS M 35 -23.51 22.87 21.01
N LEU M 36 -22.44 22.83 21.79
CA LEU M 36 -21.95 23.98 22.55
C LEU M 36 -22.98 24.54 23.53
N HIS M 37 -23.91 23.70 23.97
CA HIS M 37 -24.89 24.11 24.97
C HIS M 37 -24.30 23.93 26.37
N SER M 38 -24.32 25.01 27.16
CA SER M 38 -23.64 25.03 28.45
C SER M 38 -24.55 24.61 29.59
N PHE M 39 -23.96 23.92 30.57
CA PHE M 39 -24.68 23.50 31.78
C PHE M 39 -23.74 23.60 32.97
N CYS M 40 -24.27 23.26 34.15
CA CYS M 40 -23.44 23.14 35.34
C CYS M 40 -22.90 21.73 35.41
N LYS M 41 -21.64 21.59 35.84
CA LYS M 41 -21.01 20.28 35.97
C LYS M 41 -21.81 19.34 36.86
N THR M 42 -22.09 19.80 38.09
CA THR M 42 -22.81 19.01 39.07
C THR M 42 -24.19 18.68 38.51
N CYS M 43 -24.67 19.53 37.61
CA CYS M 43 -25.97 19.32 36.97
C CYS M 43 -25.91 18.28 35.86
N ILE M 44 -25.10 18.57 34.85
CA ILE M 44 -25.03 17.72 33.67
C ILE M 44 -24.36 16.36 33.83
N VAL M 45 -23.54 16.20 34.87
CA VAL M 45 -22.89 14.92 35.13
C VAL M 45 -23.91 13.88 35.58
N ARG M 46 -24.76 14.25 36.52
CA ARG M 46 -25.77 13.33 37.04
C ARG M 46 -26.99 13.28 36.12
N TYR M 47 -27.11 14.24 35.21
CA TYR M 47 -28.17 14.21 34.22
C TYR M 47 -27.90 13.15 33.16
N LEU M 48 -26.64 13.03 32.76
CA LEU M 48 -26.24 12.08 31.72
C LEU M 48 -26.08 10.67 32.27
N GLU M 49 -26.55 10.46 33.50
CA GLU M 49 -26.55 9.13 34.10
C GLU M 49 -27.75 8.33 33.61
N THR M 50 -28.67 9.02 32.94
CA THR M 50 -29.86 8.39 32.40
C THR M 50 -29.96 8.60 30.89
N SER M 51 -30.19 9.86 30.49
CA SER M 51 -30.32 10.20 29.08
C SER M 51 -28.97 10.55 28.47
N LYS M 52 -28.71 10.03 27.28
CA LYS M 52 -27.47 10.30 26.57
C LYS M 52 -27.68 11.37 25.50
N TYR M 53 -28.75 12.16 25.67
CA TYR M 53 -29.08 13.21 24.72
C TYR M 53 -29.09 14.58 25.40
N CYS M 54 -29.05 15.63 24.59
CA CYS M 54 -29.05 17.00 25.12
C CYS M 54 -30.44 17.40 25.62
N PRO M 55 -30.50 18.04 26.79
CA PRO M 55 -31.78 18.47 27.37
C PRO M 55 -32.31 19.77 26.76
N ILE M 56 -31.67 20.25 25.69
CA ILE M 56 -32.12 21.48 25.04
C ILE M 56 -32.44 21.26 23.56
N CYS M 57 -31.45 20.85 22.79
CA CYS M 57 -31.62 20.67 21.35
C CYS M 57 -31.87 19.21 20.99
N ASP M 58 -31.93 18.34 22.00
CA ASP M 58 -32.21 16.92 21.82
C ASP M 58 -31.24 16.24 20.86
N VAL M 59 -30.01 16.74 20.81
CA VAL M 59 -28.99 16.17 19.94
C VAL M 59 -28.17 15.13 20.70
N GLN M 60 -27.93 13.99 20.05
CA GLN M 60 -27.17 12.90 20.65
C GLN M 60 -25.78 13.33 21.06
N VAL M 61 -25.53 13.35 22.37
CA VAL M 61 -24.23 13.73 22.91
C VAL M 61 -23.15 12.73 22.48
N HIS M 62 -23.43 11.46 22.67
CA HIS M 62 -22.51 10.40 22.27
C HIS M 62 -23.28 9.09 22.07
N LYS M 63 -22.65 8.15 21.38
CA LYS M 63 -23.30 6.87 21.08
C LYS M 63 -23.60 6.07 22.34
N THR M 64 -22.63 6.01 23.24
CA THR M 64 -22.77 5.22 24.47
C THR M 64 -22.40 6.03 25.71
N ARG M 65 -21.21 6.61 25.70
CA ARG M 65 -20.69 7.34 26.85
C ARG M 65 -20.65 8.84 26.60
N PRO M 66 -21.64 9.57 27.12
CA PRO M 66 -21.76 11.02 26.90
C PRO M 66 -20.66 11.82 27.59
N LEU M 67 -20.06 11.23 28.62
CA LEU M 67 -18.99 11.89 29.37
C LEU M 67 -17.78 12.20 28.51
N LEU M 68 -17.63 11.48 27.40
CA LEU M 68 -16.53 11.70 26.48
C LEU M 68 -16.76 12.93 25.61
N ASN M 69 -18.01 13.42 25.58
CA ASN M 69 -18.34 14.56 24.73
C ASN M 69 -18.73 15.80 25.52
N ILE M 70 -18.33 15.86 26.78
CA ILE M 70 -18.52 17.05 27.60
C ILE M 70 -17.18 17.57 28.08
N ARG M 71 -16.99 18.89 28.05
CA ARG M 71 -15.73 19.48 28.47
C ARG M 71 -15.97 20.71 29.35
N SER M 72 -15.06 20.94 30.30
CA SER M 72 -15.17 22.07 31.21
C SER M 72 -14.85 23.39 30.51
N ASP M 73 -15.83 24.28 30.47
CA ASP M 73 -15.66 25.58 29.83
C ASP M 73 -15.24 26.64 30.84
N LYS M 74 -13.94 26.73 31.09
CA LYS M 74 -13.41 27.72 32.03
C LYS M 74 -13.52 29.13 31.46
N THR M 75 -13.44 29.23 30.13
CA THR M 75 -13.54 30.51 29.45
C THR M 75 -14.87 31.18 29.73
N LEU M 76 -15.94 30.38 29.76
CA LEU M 76 -17.28 30.89 30.04
C LEU M 76 -17.48 31.13 31.53
N GLN M 77 -16.99 30.18 32.34
CA GLN M 77 -17.14 30.27 33.79
C GLN M 77 -16.45 31.51 34.34
N ASP M 78 -15.33 31.89 33.73
CA ASP M 78 -14.63 33.11 34.10
C ASP M 78 -15.50 34.34 33.85
N ILE M 79 -16.21 34.32 32.72
CA ILE M 79 -17.12 35.40 32.38
C ILE M 79 -18.26 35.47 33.40
N VAL M 80 -18.81 34.31 33.74
CA VAL M 80 -19.88 34.21 34.72
C VAL M 80 -19.45 34.77 36.08
N TYR M 81 -18.23 34.42 36.48
CA TYR M 81 -17.70 34.85 37.77
C TYR M 81 -17.35 36.34 37.77
N LYS M 82 -16.90 36.86 36.64
CA LYS M 82 -16.51 38.26 36.54
C LYS M 82 -17.70 39.19 36.41
N LEU M 83 -18.80 38.68 35.84
CA LEU M 83 -20.00 39.49 35.67
C LEU M 83 -20.85 39.54 36.94
N VAL M 84 -21.21 38.37 37.45
CA VAL M 84 -22.05 38.30 38.65
C VAL M 84 -21.28 38.72 39.89
N PRO M 85 -21.77 39.77 40.57
CA PRO M 85 -21.13 40.32 41.77
C PRO M 85 -21.18 39.37 42.96
N GLY M 86 -20.01 39.01 43.48
CA GLY M 86 -19.91 38.18 44.66
C GLY M 86 -20.47 36.77 44.49
N LEU M 87 -20.18 36.17 43.34
CA LEU M 87 -20.63 34.81 43.08
C LEU M 87 -19.57 33.81 43.50
N PHE M 88 -18.31 34.13 43.18
CA PHE M 88 -17.19 33.28 43.56
C PHE M 88 -17.02 33.27 45.07
N LYS M 89 -17.21 34.43 45.69
CA LYS M 89 -17.11 34.56 47.14
C LYS M 89 -18.20 33.75 47.82
N ASN M 90 -19.41 33.80 47.29
CA ASN M 90 -20.54 33.06 47.83
C ASN M 90 -20.33 31.55 47.69
N GLU M 91 -19.89 31.13 46.50
CA GLU M 91 -19.63 29.73 46.24
C GLU M 91 -18.54 29.18 47.15
N MET M 92 -17.45 29.94 47.29
CA MET M 92 -16.35 29.54 48.17
C MET M 92 -16.80 29.49 49.62
N LYS M 93 -17.62 30.45 50.02
CA LYS M 93 -18.12 30.52 51.39
C LYS M 93 -18.97 29.31 51.72
N ARG M 94 -19.90 28.97 50.83
CA ARG M 94 -20.78 27.83 51.05
C ARG M 94 -20.00 26.51 50.99
N ARG M 95 -19.02 26.45 50.10
CA ARG M 95 -18.19 25.25 49.97
C ARG M 95 -17.40 25.00 51.25
N ARG M 96 -16.76 26.04 51.77
CA ARG M 96 -16.00 25.95 52.99
C ARG M 96 -16.90 25.65 54.18
N ASP M 97 -18.07 26.28 54.21
CA ASP M 97 -19.02 26.09 55.29
C ASP M 97 -19.55 24.66 55.32
N PHE M 98 -19.68 24.06 54.14
CA PHE M 98 -20.14 22.68 54.06
C PHE M 98 -19.02 21.70 54.41
N TYR M 99 -17.82 21.99 53.93
CA TYR M 99 -16.66 21.14 54.20
C TYR M 99 -16.10 21.36 55.60
N ALA M 100 -16.73 22.25 56.35
CA ALA M 100 -16.29 22.54 57.72
C ALA M 100 -16.79 21.47 58.70
N ALA M 101 -17.99 20.96 58.45
CA ALA M 101 -18.61 19.99 59.34
C ALA M 101 -18.44 18.56 58.83
N HIS M 102 -17.56 18.38 57.84
CA HIS M 102 -17.32 17.07 57.27
C HIS M 102 -15.84 16.79 57.07
N PRO M 103 -15.42 15.53 57.28
CA PRO M 103 -14.02 15.14 57.09
C PRO M 103 -13.61 15.12 55.62
N THR N 16 -11.56 11.72 36.58
CA THR N 16 -12.78 11.49 35.82
C THR N 16 -13.84 12.54 36.14
N TRP N 17 -15.11 12.16 36.00
CA TRP N 17 -16.21 13.08 36.24
C TRP N 17 -17.00 12.70 37.49
N GLU N 18 -16.32 12.08 38.45
CA GLU N 18 -16.95 11.72 39.72
C GLU N 18 -17.22 12.96 40.55
N LEU N 19 -18.48 13.17 40.91
CA LEU N 19 -18.87 14.34 41.70
C LEU N 19 -18.24 14.31 43.09
N SER N 20 -17.95 15.49 43.63
CA SER N 20 -17.35 15.60 44.95
C SER N 20 -18.41 15.47 46.04
N LEU N 21 -17.98 15.61 47.29
CA LEU N 21 -18.89 15.51 48.43
C LEU N 21 -19.89 16.67 48.44
N TYR N 22 -19.45 17.82 47.94
CA TYR N 22 -20.31 19.00 47.87
C TYR N 22 -21.13 19.00 46.58
N GLU N 23 -20.56 18.45 45.52
CA GLU N 23 -21.21 18.46 44.21
C GLU N 23 -22.48 17.64 44.19
N LEU N 24 -22.54 16.60 45.02
CA LEU N 24 -23.68 15.70 45.06
C LEU N 24 -24.92 16.38 45.65
N GLN N 25 -24.69 17.39 46.48
CA GLN N 25 -25.79 18.11 47.12
C GLN N 25 -25.67 19.62 46.97
N ARG N 26 -25.00 20.05 45.91
CA ARG N 26 -24.78 21.47 45.66
C ARG N 26 -26.09 22.22 45.46
N THR N 27 -26.19 23.40 46.06
CA THR N 27 -27.40 24.22 45.96
C THR N 27 -27.25 25.28 44.86
N PRO N 28 -28.30 25.45 44.05
CA PRO N 28 -28.30 26.42 42.94
C PRO N 28 -28.19 27.87 43.41
N GLN N 29 -27.48 28.68 42.64
CA GLN N 29 -27.36 30.11 42.93
C GLN N 29 -28.48 30.89 42.26
N GLU N 30 -29.38 31.43 43.06
CA GLU N 30 -30.53 32.18 42.55
C GLU N 30 -30.10 33.38 41.72
N ALA N 31 -30.74 33.54 40.56
CA ALA N 31 -30.43 34.64 39.66
C ALA N 31 -30.89 35.97 40.22
N ILE N 32 -30.09 37.02 40.01
CA ILE N 32 -30.44 38.35 40.46
C ILE N 32 -31.60 38.91 39.65
N THR N 33 -32.79 38.92 40.25
CA THR N 33 -33.99 39.38 39.57
C THR N 33 -34.14 40.90 39.65
N ASP N 34 -33.73 41.46 40.79
CA ASP N 34 -33.81 42.90 41.01
C ASP N 34 -32.98 43.68 39.99
N GLY N 35 -33.47 44.85 39.61
CA GLY N 35 -32.79 45.68 38.63
C GLY N 35 -31.45 46.19 39.11
N LEU N 36 -30.38 45.64 38.56
CA LEU N 36 -29.04 46.04 38.95
C LEU N 36 -28.19 46.36 37.72
N GLU N 37 -27.65 47.57 37.68
CA GLU N 37 -26.79 47.99 36.57
C GLU N 37 -25.33 47.71 36.89
N ILE N 38 -24.61 47.16 35.93
CA ILE N 38 -23.20 46.82 36.11
C ILE N 38 -22.32 47.55 35.10
N VAL N 39 -21.47 48.44 35.61
CA VAL N 39 -20.56 49.20 34.75
C VAL N 39 -19.45 48.29 34.23
N VAL N 40 -19.17 48.38 32.93
CA VAL N 40 -18.17 47.53 32.31
C VAL N 40 -16.99 48.33 31.77
N SER N 41 -15.87 47.64 31.54
CA SER N 41 -14.67 48.26 30.99
C SER N 41 -14.04 47.32 29.96
N PRO N 42 -13.42 47.90 28.91
CA PRO N 42 -12.83 47.09 27.83
C PRO N 42 -11.62 46.27 28.27
N ARG N 43 -11.13 46.50 29.48
CA ARG N 43 -9.98 45.76 29.99
C ARG N 43 -10.43 44.63 30.92
N SER N 44 -11.69 44.64 31.31
CA SER N 44 -12.24 43.63 32.20
C SER N 44 -12.32 42.26 31.52
N LEU N 45 -13.29 42.13 30.62
CA LEU N 45 -13.48 40.89 29.87
C LEU N 45 -12.64 40.91 28.59
N HIS N 46 -11.43 41.45 28.69
CA HIS N 46 -10.54 41.55 27.54
C HIS N 46 -10.04 40.19 27.10
N SER N 47 -9.36 39.48 28.00
CA SER N 47 -8.75 38.19 27.68
C SER N 47 -9.77 37.08 27.48
N GLU N 48 -11.00 37.31 27.93
CA GLU N 48 -12.05 36.30 27.82
C GLU N 48 -12.80 36.41 26.49
N LEU N 49 -12.68 37.56 25.84
CA LEU N 49 -13.40 37.80 24.60
C LEU N 49 -12.47 38.14 23.44
N MET N 50 -11.17 37.98 23.67
CA MET N 50 -10.18 38.29 22.64
C MET N 50 -9.80 37.07 21.82
N CYS N 51 -9.88 37.20 20.50
CA CYS N 51 -9.41 36.15 19.61
C CYS N 51 -7.90 36.12 19.61
N PRO N 52 -7.31 34.99 20.03
CA PRO N 52 -5.85 34.86 20.15
C PRO N 52 -5.12 35.04 18.83
N ILE N 53 -5.82 34.95 17.71
CA ILE N 53 -5.22 35.10 16.39
C ILE N 53 -5.06 36.57 15.99
N CYS N 54 -6.16 37.32 16.02
CA CYS N 54 -6.14 38.71 15.57
C CYS N 54 -6.00 39.70 16.73
N LEU N 55 -6.04 39.17 17.96
CA LEU N 55 -5.93 39.97 19.17
C LEU N 55 -6.97 41.09 19.23
N ASP N 56 -8.20 40.77 18.87
CA ASP N 56 -9.29 41.74 18.90
C ASP N 56 -10.59 41.08 19.35
N MET N 57 -11.67 41.85 19.36
CA MET N 57 -12.98 41.33 19.77
C MET N 57 -13.45 40.24 18.82
N LEU N 58 -14.09 39.22 19.37
CA LEU N 58 -14.57 38.08 18.58
C LEU N 58 -15.68 38.48 17.61
N LYS N 59 -15.66 37.88 16.43
CA LYS N 59 -16.68 38.09 15.42
C LYS N 59 -16.95 36.78 14.68
N ASN N 60 -18.23 36.41 14.56
CA ASN N 60 -18.61 35.11 14.02
C ASN N 60 -17.90 33.98 14.76
N THR N 61 -18.15 33.90 16.06
CA THR N 61 -17.40 33.03 16.95
C THR N 61 -17.50 31.55 16.58
N MET N 62 -16.35 30.97 16.25
CA MET N 62 -16.22 29.55 16.00
C MET N 62 -15.43 28.90 17.14
N THR N 63 -15.99 27.84 17.71
CA THR N 63 -15.36 27.18 18.86
C THR N 63 -14.91 25.77 18.50
N THR N 64 -13.65 25.45 18.81
CA THR N 64 -13.12 24.11 18.55
C THR N 64 -13.80 23.07 19.44
N LYS N 65 -14.24 21.98 18.82
CA LYS N 65 -14.99 20.94 19.51
C LYS N 65 -14.17 20.23 20.59
N GLU N 66 -12.88 20.06 20.34
CA GLU N 66 -12.04 19.21 21.17
C GLU N 66 -11.48 19.90 22.42
N CYS N 67 -11.29 21.22 22.34
CA CYS N 67 -10.63 21.94 23.43
C CYS N 67 -11.38 23.20 23.86
N LEU N 68 -12.50 23.48 23.21
CA LEU N 68 -13.34 24.65 23.54
C LEU N 68 -12.56 25.97 23.48
N HIS N 69 -11.95 26.25 22.33
CA HIS N 69 -11.20 27.49 22.16
C HIS N 69 -11.86 28.39 21.12
N ARG N 70 -12.17 29.62 21.53
CA ARG N 70 -12.90 30.54 20.69
C ARG N 70 -12.00 31.27 19.70
N PHE N 71 -12.42 31.31 18.44
CA PHE N 71 -11.73 32.03 17.39
C PHE N 71 -12.72 32.79 16.52
N CYS N 72 -12.23 33.76 15.75
CA CYS N 72 -13.06 34.38 14.73
C CYS N 72 -13.12 33.44 13.53
N ALA N 73 -14.26 33.43 12.85
CA ALA N 73 -14.45 32.53 11.71
C ALA N 73 -13.37 32.71 10.66
N ASP N 74 -13.22 33.94 10.17
CA ASP N 74 -12.20 34.26 9.18
C ASP N 74 -10.81 33.88 9.68
N CYS N 75 -10.56 34.18 10.96
CA CYS N 75 -9.25 33.93 11.56
C CYS N 75 -8.91 32.44 11.62
N ILE N 76 -9.83 31.63 12.15
CA ILE N 76 -9.58 30.21 12.30
C ILE N 76 -9.56 29.49 10.95
N ILE N 77 -10.39 29.96 10.01
CA ILE N 77 -10.42 29.37 8.68
C ILE N 77 -9.11 29.67 7.95
N THR N 78 -8.68 30.92 7.98
CA THR N 78 -7.43 31.32 7.35
C THR N 78 -6.24 30.63 8.03
N ALA N 79 -6.38 30.36 9.33
CA ALA N 79 -5.34 29.68 10.09
C ALA N 79 -5.20 28.23 9.66
N LEU N 80 -6.34 27.55 9.49
CA LEU N 80 -6.33 26.15 9.09
C LEU N 80 -6.00 25.99 7.61
N ARG N 81 -6.23 27.05 6.83
CA ARG N 81 -5.99 26.99 5.39
C ARG N 81 -4.54 27.35 5.06
N SER N 82 -3.95 28.22 5.86
CA SER N 82 -2.59 28.68 5.61
C SER N 82 -1.63 28.30 6.72
N GLY N 83 -1.75 27.07 7.21
CA GLY N 83 -0.88 26.59 8.28
C GLY N 83 -1.18 25.17 8.72
N ASN N 84 -0.70 24.81 9.90
CA ASN N 84 -0.92 23.47 10.44
C ASN N 84 -2.38 23.21 10.76
N LYS N 85 -2.74 21.94 10.88
CA LYS N 85 -4.10 21.56 11.23
C LYS N 85 -4.24 21.39 12.73
N GLU N 86 -3.53 22.23 13.48
CA GLU N 86 -3.59 22.21 14.94
C GLU N 86 -4.47 23.34 15.45
N CYS N 87 -4.83 23.27 16.73
CA CYS N 87 -5.49 24.38 17.39
C CYS N 87 -4.44 25.43 17.74
N PRO N 88 -4.62 26.66 17.23
CA PRO N 88 -3.66 27.75 17.40
C PRO N 88 -3.24 28.01 18.86
N THR N 89 -4.05 27.57 19.81
CA THR N 89 -3.78 27.82 21.22
C THR N 89 -3.10 26.65 21.94
N CYS N 90 -3.62 25.44 21.72
CA CYS N 90 -3.11 24.28 22.45
C CYS N 90 -2.47 23.23 21.54
N ARG N 91 -2.45 23.50 20.25
CA ARG N 91 -1.85 22.60 19.25
C ARG N 91 -2.43 21.19 19.33
N LYS N 92 -3.72 21.08 19.02
CA LYS N 92 -4.38 19.78 18.98
C LYS N 92 -5.05 19.60 17.61
N LYS N 93 -5.22 18.36 17.19
CA LYS N 93 -5.70 18.04 15.85
C LYS N 93 -7.02 18.74 15.50
N LEU N 94 -7.00 19.46 14.39
CA LEU N 94 -8.16 20.20 13.92
C LEU N 94 -8.24 20.10 12.40
N VAL N 95 -8.80 18.99 11.91
CA VAL N 95 -8.73 18.64 10.49
C VAL N 95 -9.49 19.60 9.57
N SER N 96 -10.57 20.18 10.06
CA SER N 96 -11.39 21.07 9.24
C SER N 96 -12.29 21.96 10.09
N LYS N 97 -13.14 22.74 9.42
CA LYS N 97 -14.10 23.58 10.11
C LYS N 97 -15.20 22.73 10.73
N ARG N 98 -15.29 21.48 10.28
CA ARG N 98 -16.29 20.55 10.79
C ARG N 98 -15.91 20.05 12.17
N SER N 99 -14.65 20.27 12.56
CA SER N 99 -14.19 19.94 13.90
C SER N 99 -14.44 21.13 14.83
N LEU N 100 -15.17 22.12 14.33
CA LEU N 100 -15.58 23.27 15.13
C LEU N 100 -17.09 23.40 15.13
N ARG N 101 -17.59 24.39 15.86
CA ARG N 101 -19.02 24.67 15.90
C ARG N 101 -19.24 26.14 16.23
N PRO N 102 -20.16 26.79 15.51
CA PRO N 102 -20.47 28.19 15.78
C PRO N 102 -21.08 28.38 17.16
N ASP N 103 -20.73 29.47 17.83
CA ASP N 103 -21.23 29.72 19.17
C ASP N 103 -22.16 30.93 19.19
N PRO N 104 -23.47 30.67 19.14
CA PRO N 104 -24.49 31.74 19.12
C PRO N 104 -24.58 32.50 20.44
N ASN N 105 -24.58 31.78 21.55
CA ASN N 105 -24.69 32.40 22.87
C ASN N 105 -23.52 33.33 23.17
N PHE N 106 -22.31 32.87 22.85
CA PHE N 106 -21.10 33.65 23.08
C PHE N 106 -21.12 34.94 22.26
N ASP N 107 -21.35 34.80 20.96
CA ASP N 107 -21.35 35.94 20.05
C ASP N 107 -22.46 36.92 20.40
N ALA N 108 -23.60 36.40 20.82
CA ALA N 108 -24.72 37.26 21.22
C ALA N 108 -24.41 38.00 22.50
N LEU N 109 -23.68 37.34 23.40
CA LEU N 109 -23.24 37.96 24.64
C LEU N 109 -22.28 39.11 24.35
N ILE N 110 -21.33 38.86 23.47
CA ILE N 110 -20.35 39.87 23.08
C ILE N 110 -21.02 41.04 22.38
N SER N 111 -21.95 40.74 21.48
CA SER N 111 -22.67 41.78 20.75
C SER N 111 -23.60 42.56 21.67
N LYS N 112 -24.00 41.94 22.78
CA LYS N 112 -24.85 42.60 23.76
C LYS N 112 -24.04 43.55 24.63
N ILE N 113 -22.94 43.06 25.20
CA ILE N 113 -22.10 43.88 26.06
C ILE N 113 -21.35 44.95 25.24
N TYR N 114 -20.89 44.56 24.05
CA TYR N 114 -20.20 45.48 23.16
C TYR N 114 -20.99 45.69 21.86
N PRO N 115 -21.89 46.69 21.86
CA PRO N 115 -22.72 47.00 20.69
C PRO N 115 -21.91 47.56 19.52
N SER N 116 -20.74 48.10 19.81
CA SER N 116 -19.90 48.71 18.78
C SER N 116 -19.43 47.68 17.75
N GLY N 117 -19.05 46.51 18.23
CA GLY N 117 -18.58 45.45 17.36
C GLY N 117 -17.09 45.53 17.06
N SER N 118 -16.67 44.89 15.99
CA SER N 118 -15.26 44.87 15.62
C SER N 118 -15.02 45.68 14.35
N GLY N 119 -13.75 45.85 13.99
CA GLY N 119 -13.38 46.58 12.80
C GLY N 119 -12.56 45.76 11.83
N SER N 120 -11.55 46.39 11.23
CA SER N 120 -10.68 45.71 10.27
C SER N 120 -9.76 44.71 10.97
N ARG N 121 -9.30 43.73 10.22
CA ARG N 121 -8.41 42.71 10.76
C ARG N 121 -7.08 42.69 10.01
N SER N 122 -6.49 43.87 9.84
CA SER N 122 -5.22 44.00 9.14
C SER N 122 -4.06 43.49 9.99
N ALA N 123 -2.95 43.16 9.33
CA ALA N 123 -1.76 42.71 10.03
C ALA N 123 -1.16 43.84 10.86
N LEU N 124 -1.21 45.04 10.32
CA LEU N 124 -0.72 46.23 11.01
C LEU N 124 -1.46 46.47 12.32
N LYS N 125 -2.78 46.30 12.28
CA LYS N 125 -3.62 46.48 13.45
C LYS N 125 -3.24 45.51 14.56
N ARG N 126 -2.91 44.27 14.17
CA ARG N 126 -2.51 43.27 15.14
C ARG N 126 -1.10 43.52 15.64
N ILE N 127 -0.26 44.12 14.80
CA ILE N 127 1.09 44.49 15.21
C ILE N 127 1.01 45.56 16.31
N ASN N 128 0.17 46.57 16.07
CA ASN N 128 -0.07 47.60 17.08
C ASN N 128 -0.73 47.02 18.33
N LYS N 129 -1.59 46.02 18.13
CA LYS N 129 -2.21 45.32 19.25
C LYS N 129 -1.17 44.62 20.11
N GLU N 130 -0.15 44.07 19.45
CA GLU N 130 0.97 43.46 20.15
C GLU N 130 1.80 44.52 20.86
N LEU N 131 1.91 45.69 20.24
CA LEU N 131 2.64 46.81 20.83
C LEU N 131 1.99 47.22 22.14
N SER N 132 0.67 47.36 22.12
CA SER N 132 -0.08 47.67 23.33
C SER N 132 0.01 46.53 24.34
N ASP N 133 -0.01 45.30 23.84
CA ASP N 133 0.05 44.12 24.69
C ASP N 133 1.42 43.98 25.36
N LEU N 134 2.42 44.67 24.81
CA LEU N 134 3.76 44.69 25.38
C LEU N 134 3.89 45.86 26.36
N ALA N 135 3.31 46.99 25.98
CA ALA N 135 3.40 48.19 26.81
C ALA N 135 2.60 48.06 28.11
N ARG N 136 1.51 47.30 28.05
CA ARG N 136 0.62 47.16 29.20
C ARG N 136 1.16 46.15 30.20
N ASP N 137 1.73 45.05 29.71
CA ASP N 137 2.34 44.05 30.57
C ASP N 137 3.60 43.45 29.95
N PRO N 138 4.76 44.06 30.21
CA PRO N 138 6.05 43.62 29.67
C PRO N 138 6.47 42.24 30.17
N PRO N 139 7.12 41.45 29.31
CA PRO N 139 7.63 40.12 29.67
C PRO N 139 8.79 40.20 30.66
N ALA N 140 9.24 39.05 31.15
CA ALA N 140 10.36 39.00 32.08
C ALA N 140 11.68 38.99 31.34
N GLN N 141 12.49 40.03 31.58
CA GLN N 141 13.80 40.17 30.95
C GLN N 141 13.72 40.16 29.42
N CYS N 142 12.63 40.69 28.88
CA CYS N 142 12.43 40.75 27.44
C CYS N 142 11.72 42.04 27.03
N SER N 143 12.03 42.53 25.84
CA SER N 143 11.36 43.70 25.31
C SER N 143 11.47 43.76 23.79
N ALA N 144 10.58 44.52 23.16
CA ALA N 144 10.57 44.67 21.71
C ALA N 144 9.79 45.90 21.29
N GLY N 145 10.30 46.63 20.29
CA GLY N 145 9.63 47.82 19.82
C GLY N 145 10.17 48.28 18.47
N PRO N 146 9.38 49.09 17.75
CA PRO N 146 9.75 49.59 16.42
C PRO N 146 10.98 50.49 16.45
N VAL N 147 11.78 50.45 15.39
CA VAL N 147 13.00 51.23 15.32
C VAL N 147 12.71 52.70 15.02
N GLY N 148 11.54 52.97 14.44
CA GLY N 148 11.17 54.32 14.09
C GLY N 148 9.71 54.44 13.67
N ASP N 149 9.49 54.98 12.47
CA ASP N 149 8.14 55.19 11.97
C ASP N 149 7.54 53.92 11.40
N ASP N 150 8.39 53.03 10.91
CA ASP N 150 7.94 51.78 10.32
C ASP N 150 7.54 50.76 11.39
N MET N 151 6.38 50.14 11.20
CA MET N 151 5.87 49.19 12.19
C MET N 151 6.15 47.75 11.81
N PHE N 152 6.80 47.55 10.66
CA PHE N 152 7.12 46.21 10.19
C PHE N 152 8.58 45.85 10.47
N HIS N 153 9.37 46.87 10.80
CA HIS N 153 10.77 46.65 11.16
C HIS N 153 10.98 46.92 12.65
N TRP N 154 11.02 45.84 13.43
CA TRP N 154 11.15 45.95 14.88
C TRP N 154 12.54 45.56 15.38
N GLN N 155 12.88 46.06 16.56
CA GLN N 155 14.10 45.70 17.26
C GLN N 155 13.74 45.12 18.62
N ALA N 156 14.43 44.06 19.02
CA ALA N 156 14.15 43.41 20.30
C ALA N 156 15.38 43.41 21.20
N THR N 157 15.15 43.23 22.50
CA THR N 157 16.22 43.13 23.48
C THR N 157 15.89 42.05 24.50
N ILE N 158 16.79 41.09 24.65
CA ILE N 158 16.59 39.99 25.57
C ILE N 158 17.74 39.85 26.55
N MET N 159 17.46 40.10 27.83
CA MET N 159 18.46 39.97 28.87
C MET N 159 18.68 38.51 29.23
N GLY N 160 19.94 38.14 29.45
CA GLY N 160 20.29 36.77 29.79
C GLY N 160 19.69 36.34 31.12
N PRO N 161 19.04 35.16 31.12
CA PRO N 161 18.40 34.61 32.33
C PRO N 161 19.40 34.25 33.42
N ASN N 162 18.90 33.99 34.63
CA ASN N 162 19.75 33.73 35.78
C ASN N 162 20.44 32.37 35.72
N ASP N 163 19.68 31.34 35.38
CA ASP N 163 20.20 29.98 35.35
C ASP N 163 21.22 29.78 34.24
N SER N 164 20.92 30.29 33.05
CA SER N 164 21.79 30.12 31.90
C SER N 164 23.05 30.98 32.00
N PRO N 165 24.20 30.43 31.57
CA PRO N 165 25.49 31.13 31.60
C PRO N 165 25.55 32.34 30.66
N TYR N 166 24.60 33.26 30.80
CA TYR N 166 24.59 34.49 30.01
C TYR N 166 24.13 35.65 30.89
N GLN N 167 24.49 35.61 32.15
CA GLN N 167 24.05 36.61 33.12
C GLN N 167 24.48 38.03 32.73
N GLY N 168 23.50 38.91 32.62
CA GLY N 168 23.76 40.30 32.27
C GLY N 168 24.24 40.47 30.84
N GLY N 169 23.73 39.62 29.95
CA GLY N 169 24.13 39.66 28.56
C GLY N 169 23.50 40.81 27.81
N VAL N 170 22.17 40.97 27.92
CA VAL N 170 21.41 42.02 27.22
C VAL N 170 21.48 42.09 25.68
N PHE N 171 21.12 41.00 25.01
CA PHE N 171 21.39 40.80 23.59
C PHE N 171 20.36 41.50 22.71
N PHE N 172 20.82 42.03 21.58
CA PHE N 172 19.95 42.71 20.64
C PHE N 172 19.47 41.75 19.56
N LEU N 173 18.22 41.93 19.12
CA LEU N 173 17.64 41.11 18.07
C LEU N 173 16.94 41.97 17.02
N THR N 174 16.77 41.41 15.83
CA THR N 174 16.05 42.09 14.76
C THR N 174 14.82 41.30 14.34
N ILE N 175 13.69 41.99 14.22
CA ILE N 175 12.42 41.33 13.89
C ILE N 175 11.79 41.94 12.64
N HIS N 176 11.44 41.09 11.68
CA HIS N 176 10.79 41.53 10.46
C HIS N 176 9.44 40.85 10.27
N PHE N 177 8.37 41.63 10.33
CA PHE N 177 7.02 41.10 10.18
C PHE N 177 6.61 40.97 8.71
N PRO N 178 6.18 39.77 8.30
CA PRO N 178 5.65 39.55 6.96
C PRO N 178 4.30 40.22 6.76
N THR N 179 3.84 40.31 5.51
CA THR N 179 2.57 40.96 5.22
C THR N 179 1.38 40.12 5.67
N ASP N 180 1.55 38.81 5.67
CA ASP N 180 0.48 37.89 6.05
C ASP N 180 0.53 37.53 7.53
N TYR N 181 1.02 38.46 8.35
CA TYR N 181 1.06 38.28 9.80
C TYR N 181 -0.36 38.23 10.36
N PRO N 182 -0.61 37.37 11.36
CA PRO N 182 0.33 36.46 12.02
C PRO N 182 0.35 35.05 11.42
N PHE N 183 -0.24 34.90 10.24
CA PHE N 183 -0.38 33.59 9.62
C PHE N 183 0.96 33.06 9.11
N LYS N 184 1.99 33.91 9.16
CA LYS N 184 3.35 33.51 8.84
C LYS N 184 4.31 34.07 9.88
N PRO N 185 5.25 33.24 10.35
CA PRO N 185 6.20 33.63 11.40
C PRO N 185 7.13 34.77 10.97
N PRO N 186 7.37 35.72 11.88
CA PRO N 186 8.25 36.86 11.62
C PRO N 186 9.73 36.46 11.62
N LYS N 187 10.50 37.04 10.71
CA LYS N 187 11.93 36.76 10.63
C LYS N 187 12.65 37.37 11.83
N VAL N 188 12.98 36.52 12.80
CA VAL N 188 13.68 36.97 14.00
C VAL N 188 15.13 36.49 13.99
N ALA N 189 16.06 37.42 14.06
CA ALA N 189 17.48 37.09 14.05
C ALA N 189 18.23 37.82 15.15
N PHE N 190 19.50 37.48 15.31
CA PHE N 190 20.35 38.13 16.31
C PHE N 190 21.33 39.10 15.66
N THR N 191 21.58 40.21 16.33
CA THR N 191 22.57 41.19 15.85
C THR N 191 23.76 41.20 16.79
N THR N 192 23.63 40.52 17.92
CA THR N 192 24.70 40.41 18.90
C THR N 192 25.35 39.04 18.84
N ARG N 193 26.68 39.02 18.77
CA ARG N 193 27.43 37.77 18.73
C ARG N 193 27.24 36.98 20.03
N ILE N 194 26.86 35.72 19.90
CA ILE N 194 26.61 34.88 21.06
C ILE N 194 27.03 33.42 20.81
N TYR N 195 27.76 32.86 21.76
CA TYR N 195 28.21 31.48 21.67
C TYR N 195 27.10 30.52 22.05
N HIS N 196 26.36 30.04 21.05
CA HIS N 196 25.23 29.15 21.30
C HIS N 196 25.09 28.14 20.16
N PRO N 197 24.80 26.87 20.51
CA PRO N 197 24.69 25.80 19.51
C PRO N 197 23.51 25.96 18.56
N ASN N 198 22.44 26.58 19.04
CA ASN N 198 21.23 26.74 18.22
C ASN N 198 21.19 28.07 17.48
N ILE N 199 22.17 28.93 17.75
CA ILE N 199 22.22 30.24 17.12
C ILE N 199 23.35 30.33 16.10
N ASN N 200 23.01 30.81 14.90
CA ASN N 200 23.97 30.93 13.81
C ASN N 200 25.04 31.98 14.09
N SER N 201 26.14 31.92 13.35
CA SER N 201 27.24 32.86 13.51
C SER N 201 26.87 34.23 12.95
N ASN N 202 25.81 34.28 12.15
CA ASN N 202 25.34 35.53 11.58
C ASN N 202 24.18 36.13 12.38
N GLY N 203 23.35 35.25 12.94
CA GLY N 203 22.23 35.70 13.76
C GLY N 203 20.98 34.85 13.60
N SER N 204 20.99 33.95 12.63
CA SER N 204 19.82 33.09 12.38
C SER N 204 19.53 32.19 13.58
N ILE N 205 18.26 32.00 13.87
CA ILE N 205 17.84 31.19 15.01
C ILE N 205 17.20 29.88 14.56
N CYS N 206 17.65 28.78 15.15
CA CYS N 206 17.08 27.47 14.87
C CYS N 206 15.96 27.16 15.85
N LEU N 207 14.78 27.72 15.61
CA LEU N 207 13.64 27.52 16.49
C LEU N 207 12.44 27.01 15.69
N ASP N 208 11.80 25.96 16.19
CA ASP N 208 10.72 25.29 15.46
C ASP N 208 9.50 26.18 15.28
N ILE N 209 9.27 27.09 16.22
CA ILE N 209 8.11 27.98 16.16
C ILE N 209 8.37 29.18 15.25
N LEU N 210 9.60 29.27 14.74
CA LEU N 210 9.96 30.35 13.82
C LEU N 210 10.02 29.84 12.38
N ARG N 211 9.67 28.57 12.20
CA ARG N 211 9.72 27.95 10.87
C ARG N 211 8.53 27.03 10.63
N SER N 212 8.62 25.81 11.13
CA SER N 212 7.60 24.80 10.88
C SER N 212 6.40 24.94 11.83
N GLN N 213 6.62 24.70 13.11
CA GLN N 213 5.53 24.72 14.09
C GLN N 213 5.21 26.13 14.59
N TRP N 214 4.94 27.04 13.66
CA TRP N 214 4.49 28.38 14.02
C TRP N 214 2.98 28.40 14.19
N SER N 215 2.51 29.13 15.19
CA SER N 215 1.08 29.29 15.42
C SER N 215 0.67 30.74 15.24
N PRO N 216 -0.50 30.97 14.61
CA PRO N 216 -1.00 32.32 14.37
C PRO N 216 -1.49 32.99 15.66
N ALA N 217 -1.50 32.24 16.76
CA ALA N 217 -1.92 32.77 18.04
C ALA N 217 -0.71 33.11 18.91
N LEU N 218 0.49 32.94 18.36
CA LEU N 218 1.71 33.27 19.07
C LEU N 218 2.04 34.75 18.89
N THR N 219 2.69 35.33 19.90
CA THR N 219 3.10 36.72 19.86
C THR N 219 4.60 36.86 20.06
N ILE N 220 5.12 38.06 19.84
CA ILE N 220 6.55 38.33 20.02
C ILE N 220 6.99 38.01 21.45
N SER N 221 6.12 38.30 22.41
CA SER N 221 6.39 38.01 23.81
C SER N 221 6.69 36.53 24.03
N LYS N 222 5.80 35.67 23.55
CA LYS N 222 5.96 34.23 23.70
C LYS N 222 7.19 33.71 22.97
N VAL N 223 7.50 34.34 21.84
CA VAL N 223 8.69 33.97 21.07
C VAL N 223 9.96 34.28 21.86
N LEU N 224 10.05 35.50 22.37
CA LEU N 224 11.20 35.90 23.18
C LEU N 224 11.34 35.05 24.42
N LEU N 225 10.21 34.72 25.05
CA LEU N 225 10.22 33.84 26.22
C LEU N 225 10.74 32.46 25.84
N SER N 226 10.37 32.01 24.64
CA SER N 226 10.84 30.72 24.14
C SER N 226 12.34 30.77 23.85
N ILE N 227 12.83 31.95 23.50
CA ILE N 227 14.26 32.13 23.24
C ILE N 227 15.05 32.13 24.54
N CYS N 228 14.49 32.75 25.58
CA CYS N 228 15.10 32.73 26.90
C CYS N 228 15.13 31.31 27.46
N SER N 229 14.02 30.60 27.28
CA SER N 229 13.93 29.21 27.69
C SER N 229 14.91 28.35 26.88
N LEU N 230 15.18 28.78 25.65
CA LEU N 230 16.16 28.12 24.80
C LEU N 230 17.57 28.35 25.32
N LEU N 231 17.82 29.55 25.83
CA LEU N 231 19.11 29.87 26.41
C LEU N 231 19.33 29.10 27.71
N CYS N 232 18.27 28.93 28.48
CA CYS N 232 18.33 28.16 29.71
C CYS N 232 18.63 26.69 29.43
N ASP N 233 17.96 26.13 28.43
CA ASP N 233 18.16 24.74 28.05
C ASP N 233 18.29 24.59 26.54
N PRO N 234 19.54 24.60 26.04
CA PRO N 234 19.83 24.45 24.61
C PRO N 234 19.34 23.14 24.04
N ASN N 235 19.21 23.07 22.71
CA ASN N 235 18.76 21.86 22.04
C ASN N 235 19.84 21.29 21.12
N PRO N 236 20.68 20.39 21.66
CA PRO N 236 21.80 19.81 20.92
C PRO N 236 21.37 18.76 19.89
N ASP N 237 20.08 18.54 19.76
CA ASP N 237 19.57 17.55 18.81
C ASP N 237 19.77 18.03 17.38
N ASP N 238 19.17 19.17 17.04
CA ASP N 238 19.31 19.74 15.71
C ASP N 238 19.84 21.16 15.79
N PRO N 239 21.16 21.32 15.96
CA PRO N 239 21.80 22.63 16.10
C PRO N 239 22.23 23.23 14.77
N LEU N 240 22.73 24.46 14.80
CA LEU N 240 23.29 25.10 13.62
C LEU N 240 24.80 24.97 13.61
N VAL N 241 25.42 25.21 14.76
CA VAL N 241 26.84 25.07 14.91
C VAL N 241 27.18 23.74 15.60
N PRO N 242 27.74 22.79 14.85
CA PRO N 242 27.98 21.42 15.32
C PRO N 242 28.99 21.31 16.46
N GLU N 243 30.12 22.01 16.36
CA GLU N 243 31.18 21.87 17.36
C GLU N 243 30.74 22.34 18.73
N ILE N 244 29.91 23.38 18.77
CA ILE N 244 29.40 23.90 20.04
C ILE N 244 28.50 22.87 20.71
N ALA N 245 27.63 22.26 19.92
CA ALA N 245 26.74 21.22 20.42
C ALA N 245 27.54 20.02 20.91
N ARG N 246 28.61 19.69 20.18
CA ARG N 246 29.48 18.59 20.55
C ARG N 246 30.16 18.86 21.90
N ILE N 247 30.62 20.09 22.08
CA ILE N 247 31.24 20.50 23.34
C ILE N 247 30.23 20.44 24.47
N TYR N 248 29.00 20.88 24.20
CA TYR N 248 27.94 20.88 25.20
C TYR N 248 27.54 19.47 25.60
N LYS N 249 27.65 18.53 24.66
CA LYS N 249 27.28 17.15 24.92
C LYS N 249 28.38 16.38 25.64
N THR N 250 29.62 16.57 25.20
CA THR N 250 30.75 15.85 25.78
C THR N 250 31.14 16.44 27.13
N ASP N 251 31.35 17.75 27.17
CA ASP N 251 31.74 18.43 28.39
C ASP N 251 30.67 19.42 28.83
N ARG N 252 31.00 20.26 29.81
CA ARG N 252 30.06 21.25 30.32
C ARG N 252 30.80 22.49 30.84
N ASP N 253 32.07 22.29 31.21
CA ASP N 253 32.88 23.38 31.73
C ASP N 253 33.31 24.32 30.61
N LYS N 254 33.74 23.74 29.49
CA LYS N 254 34.18 24.51 28.34
C LYS N 254 33.05 25.35 27.77
N TYR N 255 31.86 24.75 27.70
CA TYR N 255 30.66 25.44 27.21
C TYR N 255 30.37 26.69 28.05
N ASN N 256 30.26 26.50 29.36
CA ASN N 256 30.00 27.61 30.28
C ASN N 256 31.10 28.67 30.22
N ARG N 257 32.34 28.23 30.14
CA ARG N 257 33.48 29.15 30.09
C ARG N 257 33.44 30.04 28.86
N ILE N 258 33.36 29.40 27.68
CA ILE N 258 33.33 30.14 26.42
C ILE N 258 32.09 31.02 26.32
N SER N 259 30.97 30.51 26.81
CA SER N 259 29.73 31.28 26.82
C SER N 259 29.86 32.55 27.67
N ARG N 260 30.46 32.41 28.84
CA ARG N 260 30.66 33.54 29.74
C ARG N 260 31.70 34.52 29.17
N GLU N 261 32.65 34.00 28.41
CA GLU N 261 33.64 34.86 27.75
C GLU N 261 32.98 35.69 26.66
N TRP N 262 32.22 35.04 25.79
CA TRP N 262 31.50 35.73 24.72
C TRP N 262 30.45 36.68 25.29
N THR N 263 29.97 36.37 26.48
CA THR N 263 28.99 37.23 27.16
C THR N 263 29.67 38.47 27.74
N GLN N 264 30.88 38.28 28.29
CA GLN N 264 31.61 39.38 28.91
C GLN N 264 32.43 40.17 27.90
N LYS N 265 32.41 39.73 26.64
CA LYS N 265 33.18 40.40 25.60
C LYS N 265 32.30 40.99 24.50
N TYR N 266 31.34 40.19 24.02
CA TYR N 266 30.52 40.61 22.89
C TYR N 266 29.12 41.07 23.31
N ALA N 267 28.85 41.02 24.61
CA ALA N 267 27.54 41.44 25.12
C ALA N 267 27.67 42.50 26.20
N MET N 268 28.40 42.18 27.27
CA MET N 268 28.62 43.13 28.35
C MET N 268 29.50 44.29 27.91
ZN ZN O . 11.65 -26.98 -42.22
ZN ZN P . 1.01 -26.07 -32.51
ZN ZN Q . 13.27 -35.75 -12.97
ZN ZN R . 15.55 -22.38 -18.41
ZN ZN S . -26.91 24.07 36.76
ZN ZN T . -27.37 21.10 22.96
ZN ZN U . -9.86 36.90 15.39
ZN ZN V . -7.01 23.98 21.74
#